data_7Q0I
#
_entry.id   7Q0I
#
_cell.length_a   117.830
_cell.length_b   66.964
_cell.length_c   143.238
_cell.angle_alpha   90.000
_cell.angle_beta   92.544
_cell.angle_gamma   90.000
#
_symmetry.space_group_name_H-M   'P 1 21 1'
#
loop_
_entity.id
_entity.type
_entity.pdbx_description
1 polymer 'Beta-43 heavy chain'
2 polymer 'Beta-43 Fab light chain'
3 polymer 'Spike protein S1'
4 branched alpha-L-fucopyranose-(1-6)-2-acetamido-2-deoxy-beta-D-glucopyranose
5 branched 2-acetamido-2-deoxy-beta-D-glucopyranose-(1-4)-[alpha-L-fucopyranose-(1-6)]2-acetamido-2-deoxy-beta-D-glucopyranose
6 branched 2-acetamido-2-deoxy-beta-D-glucopyranose-(1-4)-2-acetamido-2-deoxy-beta-D-glucopyranose
7 branched 2-acetamido-2-deoxy-beta-D-glucopyranose-(4-4)-2-acetamido-2-deoxy-beta-D-glucopyranose
8 non-polymer 'CHLORIDE ION'
9 non-polymer DI(HYDROXYETHYL)ETHER
10 non-polymer GLYCEROL
11 non-polymer 'PHOSPHATE ION'
12 non-polymer 2-acetamido-2-deoxy-beta-D-glucopyranose
13 non-polymer 'TETRAETHYLENE GLYCOL'
14 water water
#
loop_
_entity_poly.entity_id
_entity_poly.type
_entity_poly.pdbx_seq_one_letter_code
_entity_poly.pdbx_strand_id
1 'polypeptide(L)'
;EVQLVESGGGVVQPGRSLRLSCAASGFTFSSYGMHWVRQAPGKGLEWVAVIWYDGSNNFYADSVKGRFTISRDNFKNTLY
LQMNSLRAEDTAVYYCARSYCSGGFCFGYYYGLDVWGQGTTVTVSSASTKGPSVFPLAPSSKSTSGGTAALGCLVKDYFP
EPVTVSWNSGALTSGVHTFPAVLQSSGLYSLSSVVTVPSSSLGTQTYICNVNHKPSNTKVDKKVEPKSCDK
;
H,A
2 'polypeptide(L)'
;SYELTQPPSVSVAPGKTATITCGGNNIGTKSVHWYQQKPGQAPVLVIYYNSDRPSGIPERFSGSNSGNTVTLTISRVEAG
DEADYYCQVWDSGSDHYVFGTGTKVTVVGQPKANPTVTLFPPSSEELQANKATLVCLISDFYPGAVTVAWKADSSPVKAG
VETTTPSKQSNNKYAASSYLSLTPEQWKSHRSYSCQVTHEGSTVEKTVAPTECS
;
L,B
3 'polypeptide(L)'
;SQCVNFTTRTQLPPAYTNSFTRGVYYPDKVFRSSVLHSTQDLFLPFFSNVTWFHAIHVSGTNGTKRFANPVLPFNDGVYF
ASTEKSNIIRGWIFGTTLDSKTQSLLIVNNATNVVIKVCEFQFCNDPFLGVYYHKNNKSWMESEFRVYSSANNCTFEYVS
QPFLMDLEGKQGNFKNLREFVFKNIDGYFKIYSKHTPINLVRGLPQGFSALEPLVDLPIGINITRFQTLHISYLTPGDSS
SGWTAGAAAYYVGYLQPRTFLLKYNENGTITDAVDCALDPLSETKCTLKSLNDIFEAQKIEWHEKHHHHHH
;
D,C
#
# COMPACT_ATOMS: atom_id res chain seq x y z
N GLU A 1 -22.32 -31.46 15.91
CA GLU A 1 -21.02 -31.32 16.55
C GLU A 1 -19.98 -30.82 15.54
N VAL A 2 -20.13 -29.58 15.11
CA VAL A 2 -19.25 -28.99 14.10
C VAL A 2 -17.92 -28.65 14.76
N GLN A 3 -16.84 -29.21 14.24
CA GLN A 3 -15.51 -28.99 14.79
C GLN A 3 -14.48 -28.93 13.67
N LEU A 4 -13.51 -28.04 13.83
CA LEU A 4 -12.34 -27.95 12.98
C LEU A 4 -11.12 -28.09 13.88
N VAL A 5 -10.30 -29.11 13.62
CA VAL A 5 -9.17 -29.45 14.49
C VAL A 5 -7.90 -29.33 13.66
N GLU A 6 -7.17 -28.23 13.84
CA GLU A 6 -5.90 -28.06 13.15
C GLU A 6 -4.83 -28.90 13.84
N SER A 7 -3.80 -29.23 13.06
CA SER A 7 -2.64 -29.97 13.57
C SER A 7 -1.52 -29.85 12.54
N GLY A 8 -0.33 -30.28 12.95
CA GLY A 8 0.82 -30.30 12.07
C GLY A 8 1.75 -29.13 12.20
N GLY A 9 1.49 -28.22 13.14
CA GLY A 9 2.39 -27.11 13.35
C GLY A 9 3.64 -27.52 14.10
N GLY A 10 4.66 -26.68 13.99
CA GLY A 10 5.91 -26.94 14.67
C GLY A 10 6.88 -25.81 14.43
N VAL A 11 8.16 -26.12 14.64
CA VAL A 11 9.24 -25.15 14.45
C VAL A 11 10.18 -25.68 13.38
N VAL A 12 10.49 -24.83 12.40
CA VAL A 12 11.40 -25.18 11.31
C VAL A 12 12.34 -24.02 11.04
N GLN A 13 13.48 -24.34 10.44
CA GLN A 13 14.42 -23.33 9.99
C GLN A 13 13.91 -22.67 8.72
N PRO A 14 14.31 -21.42 8.47
CA PRO A 14 13.89 -20.75 7.22
C PRO A 14 14.35 -21.55 6.01
N GLY A 15 13.41 -21.82 5.12
CA GLY A 15 13.68 -22.55 3.88
C GLY A 15 13.11 -23.94 3.83
N ARG A 16 12.68 -24.50 4.96
CA ARG A 16 12.22 -25.88 5.03
C ARG A 16 10.70 -25.95 4.87
N SER A 17 10.17 -27.16 4.81
CA SER A 17 8.75 -27.39 4.53
C SER A 17 7.99 -27.75 5.80
N LEU A 18 6.67 -27.67 5.69
CA LEU A 18 5.78 -28.07 6.77
C LEU A 18 4.38 -28.28 6.21
N ARG A 19 3.67 -29.27 6.72
CA ARG A 19 2.33 -29.60 6.24
C ARG A 19 1.33 -29.51 7.39
N LEU A 20 0.23 -28.81 7.16
CA LEU A 20 -0.83 -28.63 8.14
C LEU A 20 -2.03 -29.49 7.77
N SER A 21 -2.89 -29.72 8.78
CA SER A 21 -4.11 -30.49 8.58
C SER A 21 -5.23 -29.86 9.39
N CYS A 22 -6.45 -29.99 8.87
CA CYS A 22 -7.65 -29.45 9.50
C CYS A 22 -8.74 -30.51 9.37
N ALA A 23 -8.94 -31.28 10.44
CA ALA A 23 -9.92 -32.37 10.43
C ALA A 23 -11.29 -31.82 10.79
N ALA A 24 -12.23 -31.91 9.85
CA ALA A 24 -13.57 -31.40 10.04
C ALA A 24 -14.52 -32.53 10.43
N SER A 25 -15.58 -32.16 11.14
CA SER A 25 -16.56 -33.13 11.63
C SER A 25 -17.87 -32.40 11.94
N GLY A 26 -18.96 -33.16 11.90
CA GLY A 26 -20.25 -32.67 12.35
C GLY A 26 -21.07 -31.91 11.33
N PHE A 27 -20.65 -31.88 10.07
CA PHE A 27 -21.39 -31.17 9.04
C PHE A 27 -21.00 -31.73 7.67
N THR A 28 -21.66 -31.23 6.63
CA THR A 28 -21.37 -31.62 5.26
C THR A 28 -20.14 -30.86 4.79
N PHE A 29 -18.98 -31.50 4.86
CA PHE A 29 -17.72 -30.82 4.55
C PHE A 29 -17.64 -30.39 3.09
N SER A 30 -18.26 -31.15 2.17
CA SER A 30 -18.19 -30.86 0.75
C SER A 30 -19.13 -29.74 0.32
N SER A 31 -19.85 -29.12 1.25
CA SER A 31 -20.75 -28.02 0.93
C SER A 31 -20.16 -26.67 1.31
N TYR A 32 -19.00 -26.65 1.96
CA TYR A 32 -18.38 -25.43 2.44
C TYR A 32 -17.00 -25.25 1.80
N GLY A 33 -16.67 -24.00 1.51
CA GLY A 33 -15.30 -23.68 1.16
C GLY A 33 -14.44 -23.51 2.41
N MET A 34 -13.19 -23.93 2.30
CA MET A 34 -12.28 -23.97 3.44
C MET A 34 -11.18 -22.93 3.30
N HIS A 35 -10.91 -22.23 4.40
CA HIS A 35 -9.90 -21.17 4.44
C HIS A 35 -8.74 -21.55 5.35
N TRP A 36 -7.63 -20.86 5.14
CA TRP A 36 -6.56 -20.78 6.12
C TRP A 36 -6.30 -19.31 6.41
N VAL A 37 -6.35 -18.95 7.69
CA VAL A 37 -6.04 -17.61 8.16
C VAL A 37 -4.98 -17.72 9.23
N ARG A 38 -3.89 -16.98 9.08
CA ARG A 38 -2.83 -16.95 10.09
C ARG A 38 -2.85 -15.62 10.83
N GLN A 39 -2.23 -15.61 12.01
CA GLN A 39 -2.18 -14.43 12.86
C GLN A 39 -0.85 -14.43 13.59
N ALA A 40 0.04 -13.53 13.20
CA ALA A 40 1.32 -13.40 13.87
C ALA A 40 1.10 -13.08 15.35
N PRO A 41 2.03 -13.48 16.22
CA PRO A 41 1.85 -13.22 17.66
C PRO A 41 1.74 -11.74 17.96
N GLY A 42 0.59 -11.34 18.52
CA GLY A 42 0.34 -9.94 18.83
C GLY A 42 -0.01 -9.08 17.64
N LYS A 43 -0.46 -9.67 16.54
CA LYS A 43 -0.80 -8.93 15.34
C LYS A 43 -2.22 -9.27 14.90
N GLY A 44 -2.64 -8.75 13.75
CA GLY A 44 -3.99 -8.98 13.27
C GLY A 44 -4.11 -10.26 12.46
N LEU A 45 -5.32 -10.46 11.93
CA LEU A 45 -5.60 -11.62 11.10
C LEU A 45 -5.13 -11.38 9.67
N GLU A 46 -4.55 -12.42 9.07
CA GLU A 46 -4.05 -12.35 7.70
C GLU A 46 -4.52 -13.60 6.96
N TRP A 47 -5.35 -13.39 5.94
CA TRP A 47 -5.84 -14.50 5.14
C TRP A 47 -4.71 -15.14 4.35
N VAL A 48 -4.69 -16.47 4.31
CA VAL A 48 -3.62 -17.20 3.64
C VAL A 48 -4.11 -17.78 2.32
N ALA A 49 -5.09 -18.68 2.37
CA ALA A 49 -5.57 -19.33 1.17
C ALA A 49 -7.00 -19.81 1.40
N VAL A 50 -7.71 -20.00 0.29
CA VAL A 50 -9.06 -20.55 0.30
C VAL A 50 -9.13 -21.65 -0.76
N ILE A 51 -10.00 -22.62 -0.52
CA ILE A 51 -10.30 -23.67 -1.49
C ILE A 51 -11.80 -23.87 -1.49
N TRP A 52 -12.38 -23.98 -2.69
CA TRP A 52 -13.83 -24.07 -2.79
C TRP A 52 -14.29 -25.49 -2.47
N TYR A 53 -15.61 -25.68 -2.49
CA TYR A 53 -16.21 -26.88 -1.88
C TYR A 53 -15.72 -28.16 -2.53
N ASP A 54 -15.53 -28.15 -3.85
CA ASP A 54 -15.14 -29.33 -4.60
C ASP A 54 -13.69 -29.27 -5.08
N GLY A 55 -12.88 -28.38 -4.51
CA GLY A 55 -11.48 -28.28 -4.86
C GLY A 55 -11.19 -27.76 -6.26
N SER A 56 -12.21 -27.38 -7.02
CA SER A 56 -11.99 -26.93 -8.39
C SER A 56 -11.35 -25.55 -8.46
N ASN A 57 -11.48 -24.73 -7.42
CA ASN A 57 -10.94 -23.38 -7.41
C ASN A 57 -10.22 -23.14 -6.09
N ASN A 58 -9.17 -22.31 -6.15
CA ASN A 58 -8.46 -21.92 -4.95
C ASN A 58 -7.75 -20.59 -5.19
N PHE A 59 -7.69 -19.77 -4.14
CA PHE A 59 -7.04 -18.48 -4.18
C PHE A 59 -6.02 -18.40 -3.06
N TYR A 60 -4.96 -17.62 -3.30
CA TYR A 60 -3.84 -17.52 -2.37
C TYR A 60 -3.51 -16.06 -2.09
N ALA A 61 -3.01 -15.80 -0.89
CA ALA A 61 -2.44 -14.50 -0.58
C ALA A 61 -1.15 -14.31 -1.37
N ASP A 62 -0.87 -13.06 -1.74
CA ASP A 62 0.34 -12.79 -2.52
C ASP A 62 1.59 -13.17 -1.75
N SER A 63 1.55 -13.08 -0.42
CA SER A 63 2.73 -13.38 0.40
C SER A 63 3.01 -14.88 0.50
N VAL A 64 2.13 -15.75 0.00
CA VAL A 64 2.35 -17.19 0.03
C VAL A 64 2.33 -17.81 -1.37
N LYS A 65 2.05 -17.02 -2.41
CA LYS A 65 1.98 -17.55 -3.77
C LYS A 65 3.28 -18.25 -4.16
N GLY A 66 3.15 -19.35 -4.90
CA GLY A 66 4.30 -20.12 -5.30
C GLY A 66 5.01 -20.86 -4.18
N ARG A 67 4.58 -20.73 -2.94
CA ARG A 67 5.21 -21.40 -1.82
C ARG A 67 4.25 -22.32 -1.07
N PHE A 68 2.99 -21.93 -0.93
CA PHE A 68 1.99 -22.73 -0.24
C PHE A 68 1.06 -23.38 -1.25
N THR A 69 0.53 -24.55 -0.90
CA THR A 69 -0.45 -25.24 -1.72
C THR A 69 -1.56 -25.76 -0.83
N ILE A 70 -2.80 -25.39 -1.15
CA ILE A 70 -3.96 -25.82 -0.38
C ILE A 70 -4.65 -26.95 -1.13
N SER A 71 -5.18 -27.91 -0.37
CA SER A 71 -5.89 -29.04 -0.93
C SER A 71 -6.92 -29.50 0.09
N ARG A 72 -7.76 -30.45 -0.33
CA ARG A 72 -8.77 -30.98 0.57
C ARG A 72 -9.15 -32.39 0.12
N ASP A 73 -9.64 -33.17 1.08
CA ASP A 73 -10.12 -34.52 0.85
C ASP A 73 -11.55 -34.61 1.37
N ASN A 74 -12.52 -34.69 0.46
CA ASN A 74 -13.93 -34.67 0.84
C ASN A 74 -14.43 -36.00 1.37
N PHE A 75 -13.68 -37.09 1.20
CA PHE A 75 -14.07 -38.36 1.79
C PHE A 75 -13.45 -38.59 3.16
N LYS A 76 -12.34 -37.91 3.45
CA LYS A 76 -11.78 -37.88 4.81
C LYS A 76 -12.14 -36.63 5.57
N ASN A 77 -12.81 -35.67 4.93
CA ASN A 77 -13.20 -34.41 5.56
C ASN A 77 -11.99 -33.71 6.18
N THR A 78 -10.93 -33.59 5.39
CA THR A 78 -9.68 -33.04 5.87
C THR A 78 -9.19 -31.95 4.92
N LEU A 79 -8.77 -30.83 5.49
CA LEU A 79 -8.17 -29.73 4.75
C LEU A 79 -6.66 -29.74 4.99
N TYR A 80 -5.90 -29.48 3.93
CA TYR A 80 -4.44 -29.51 4.01
C TYR A 80 -3.87 -28.16 3.61
N LEU A 81 -2.72 -27.82 4.20
CA LEU A 81 -1.91 -26.69 3.77
C LEU A 81 -0.47 -27.14 3.69
N GLN A 82 0.04 -27.28 2.48
CA GLN A 82 1.45 -27.59 2.26
C GLN A 82 2.22 -26.27 2.19
N MET A 83 3.22 -26.14 3.05
CA MET A 83 4.01 -24.92 3.17
C MET A 83 5.47 -25.22 2.83
N ASN A 84 5.97 -24.56 1.78
CA ASN A 84 7.33 -24.78 1.31
C ASN A 84 8.09 -23.45 1.33
N SER A 85 9.42 -23.55 1.45
CA SER A 85 10.29 -22.38 1.49
C SER A 85 9.81 -21.38 2.54
N LEU A 86 9.65 -21.87 3.77
CA LEU A 86 9.13 -21.05 4.84
C LEU A 86 10.10 -19.94 5.22
N ARG A 87 9.55 -18.78 5.56
CA ARG A 87 10.33 -17.62 5.95
C ARG A 87 9.99 -17.24 7.38
N ALA A 88 10.82 -16.38 7.97
CA ALA A 88 10.57 -15.95 9.34
C ALA A 88 9.21 -15.30 9.47
N GLU A 89 8.83 -14.48 8.50
CA GLU A 89 7.58 -13.75 8.57
C GLU A 89 6.35 -14.65 8.41
N ASP A 90 6.52 -15.94 8.19
CA ASP A 90 5.39 -16.87 8.16
C ASP A 90 5.05 -17.40 9.55
N THR A 91 5.81 -17.01 10.57
CA THR A 91 5.52 -17.46 11.93
C THR A 91 4.19 -16.87 12.40
N ALA A 92 3.28 -17.74 12.85
CA ALA A 92 1.95 -17.31 13.25
C ALA A 92 1.19 -18.51 13.78
N VAL A 93 0.02 -18.24 14.35
CA VAL A 93 -0.97 -19.27 14.62
C VAL A 93 -1.85 -19.40 13.38
N TYR A 94 -2.01 -20.62 12.88
CA TYR A 94 -2.73 -20.87 11.64
C TYR A 94 -4.10 -21.47 11.97
N TYR A 95 -5.15 -20.74 11.60
CA TYR A 95 -6.53 -21.19 11.77
C TYR A 95 -7.05 -21.73 10.45
N CYS A 96 -7.98 -22.67 10.54
CA CYS A 96 -8.80 -23.07 9.41
C CYS A 96 -10.26 -22.72 9.70
N ALA A 97 -10.95 -22.21 8.69
CA ALA A 97 -12.34 -21.80 8.84
C ALA A 97 -13.14 -22.27 7.63
N ARG A 98 -14.45 -22.38 7.83
CA ARG A 98 -15.36 -22.80 6.78
C ARG A 98 -16.21 -21.63 6.31
N SER A 99 -16.65 -21.70 5.06
CA SER A 99 -17.49 -20.68 4.46
C SER A 99 -18.47 -21.37 3.53
N TYR A 100 -19.74 -21.02 3.64
CA TYR A 100 -20.78 -21.69 2.87
C TYR A 100 -20.72 -21.28 1.39
N CYS A 101 -21.06 -22.23 0.52
CA CYS A 101 -21.09 -22.00 -0.92
C CYS A 101 -22.55 -22.04 -1.39
N SER A 102 -22.94 -21.02 -2.15
CA SER A 102 -24.34 -20.88 -2.55
C SER A 102 -24.73 -21.92 -3.58
N GLY A 103 -24.17 -21.83 -4.79
CA GLY A 103 -24.51 -22.75 -5.85
C GLY A 103 -23.34 -22.95 -6.79
N GLY A 104 -22.27 -23.55 -6.28
CA GLY A 104 -21.03 -23.65 -7.02
C GLY A 104 -20.11 -22.47 -6.88
N PHE A 105 -20.46 -21.50 -6.03
CA PHE A 105 -19.67 -20.29 -5.82
C PHE A 105 -19.39 -20.13 -4.34
N CYS A 106 -18.14 -19.84 -4.00
CA CYS A 106 -17.73 -19.59 -2.62
C CYS A 106 -16.99 -18.26 -2.53
N PHE A 107 -17.51 -17.23 -3.19
CA PHE A 107 -16.86 -15.92 -3.16
C PHE A 107 -16.88 -15.32 -1.75
N GLY A 108 -18.03 -15.40 -1.08
CA GLY A 108 -18.17 -14.82 0.24
C GLY A 108 -18.94 -13.53 0.32
N TYR A 109 -19.78 -13.23 -0.68
CA TYR A 109 -20.57 -12.01 -0.61
C TYR A 109 -21.71 -12.15 0.40
N TYR A 110 -22.34 -13.32 0.45
CA TYR A 110 -23.49 -13.53 1.31
C TYR A 110 -23.17 -14.32 2.57
N TYR A 111 -21.99 -14.95 2.65
CA TYR A 111 -21.62 -15.77 3.79
C TYR A 111 -20.19 -15.43 4.21
N GLY A 112 -19.92 -15.63 5.49
CA GLY A 112 -18.57 -15.44 6.00
C GLY A 112 -18.01 -16.69 6.63
N LEU A 113 -16.95 -16.55 7.42
CA LEU A 113 -16.31 -17.69 8.09
C LEU A 113 -17.03 -17.91 9.41
N ASP A 114 -18.01 -18.81 9.39
CA ASP A 114 -18.90 -18.98 10.54
C ASP A 114 -18.36 -19.94 11.59
N VAL A 115 -17.34 -20.73 11.27
CA VAL A 115 -16.75 -21.67 12.22
C VAL A 115 -15.25 -21.68 12.03
N TRP A 116 -14.50 -21.44 13.11
CA TRP A 116 -13.05 -21.48 13.10
C TRP A 116 -12.57 -22.62 14.01
N GLY A 117 -11.32 -23.04 13.80
CA GLY A 117 -10.68 -23.99 14.68
C GLY A 117 -9.91 -23.31 15.79
N GLN A 118 -9.32 -24.13 16.67
CA GLN A 118 -8.53 -23.60 17.78
C GLN A 118 -7.16 -23.09 17.33
N GLY A 119 -6.69 -23.52 16.17
CA GLY A 119 -5.43 -23.04 15.62
C GLY A 119 -4.28 -23.99 15.89
N THR A 120 -3.20 -23.80 15.13
CA THR A 120 -1.98 -24.56 15.28
C THR A 120 -0.79 -23.64 15.07
N THR A 121 0.20 -23.75 15.95
CA THR A 121 1.30 -22.79 15.97
C THR A 121 2.37 -23.21 14.97
N VAL A 122 2.82 -22.26 14.16
CA VAL A 122 3.94 -22.46 13.24
C VAL A 122 4.99 -21.41 13.55
N THR A 123 6.19 -21.85 13.90
CA THR A 123 7.31 -20.96 14.18
C THR A 123 8.42 -21.23 13.18
N VAL A 124 8.86 -20.20 12.48
CA VAL A 124 9.96 -20.28 11.53
C VAL A 124 11.03 -19.29 11.98
N SER A 125 12.11 -19.81 12.54
CA SER A 125 13.16 -18.97 13.09
C SER A 125 14.51 -19.63 12.87
N SER A 126 15.55 -18.79 12.71
CA SER A 126 16.92 -19.27 12.75
C SER A 126 17.45 -19.44 14.16
N ALA A 127 16.69 -19.01 15.18
CA ALA A 127 17.12 -19.18 16.55
C ALA A 127 17.01 -20.63 16.97
N SER A 128 17.80 -20.98 17.98
CA SER A 128 17.88 -22.35 18.45
C SER A 128 16.66 -22.72 19.27
N THR A 129 16.11 -23.90 19.01
CA THR A 129 15.03 -24.43 19.83
C THR A 129 15.57 -24.90 21.17
N LYS A 130 14.89 -24.54 22.26
CA LYS A 130 15.34 -24.86 23.60
C LYS A 130 14.19 -25.43 24.42
N GLY A 131 14.42 -26.56 25.07
CA GLY A 131 13.43 -27.19 25.91
C GLY A 131 13.42 -26.59 27.30
N PRO A 132 12.27 -26.68 27.97
CA PRO A 132 12.13 -26.02 29.27
C PRO A 132 12.77 -26.78 30.41
N SER A 133 13.29 -26.01 31.36
CA SER A 133 13.68 -26.53 32.67
C SER A 133 12.49 -26.35 33.62
N VAL A 134 12.05 -27.45 34.24
CA VAL A 134 10.84 -27.48 35.05
C VAL A 134 11.24 -27.66 36.51
N PHE A 135 10.94 -26.66 37.34
CA PHE A 135 11.22 -26.70 38.76
C PHE A 135 9.93 -26.52 39.56
N PRO A 136 9.81 -27.17 40.71
CA PRO A 136 8.60 -27.04 41.51
C PRO A 136 8.56 -25.73 42.28
N LEU A 137 7.34 -25.26 42.51
CA LEU A 137 7.09 -24.09 43.35
C LEU A 137 6.37 -24.57 44.60
N ALA A 138 7.10 -24.63 45.71
CA ALA A 138 6.62 -25.28 46.92
C ALA A 138 5.37 -24.57 47.45
N PRO A 139 4.44 -25.32 48.02
CA PRO A 139 3.16 -24.72 48.45
C PRO A 139 3.34 -23.59 49.44
N SER A 140 2.69 -22.47 49.16
CA SER A 140 2.70 -21.29 50.01
C SER A 140 1.26 -20.86 50.24
N SER A 141 0.82 -20.91 51.50
CA SER A 141 -0.56 -20.60 51.84
C SER A 141 -0.74 -19.15 52.30
N LYS A 142 0.24 -18.28 52.03
CA LYS A 142 0.19 -16.92 52.56
C LYS A 142 -0.92 -16.10 51.90
N SER A 143 -0.97 -16.11 50.57
CA SER A 143 -1.94 -15.29 49.86
C SER A 143 -3.05 -16.14 49.25
N THR A 144 -3.62 -17.04 50.05
CA THR A 144 -4.71 -17.91 49.64
C THR A 144 -5.84 -17.79 50.66
N SER A 145 -6.95 -18.45 50.36
CA SER A 145 -8.18 -18.29 51.12
C SER A 145 -8.49 -19.57 51.87
N GLY A 146 -8.68 -19.46 53.19
CA GLY A 146 -9.03 -20.57 54.03
C GLY A 146 -8.04 -21.71 53.92
N GLY A 147 -8.53 -22.92 54.21
CA GLY A 147 -7.69 -24.10 54.13
C GLY A 147 -7.21 -24.40 52.73
N THR A 148 -6.36 -23.52 52.21
CA THR A 148 -5.89 -23.64 50.84
C THR A 148 -4.47 -23.12 50.74
N ALA A 149 -3.63 -23.89 50.06
CA ALA A 149 -2.26 -23.48 49.75
C ALA A 149 -2.06 -23.57 48.24
N ALA A 150 -1.20 -22.69 47.71
CA ALA A 150 -0.93 -22.62 46.28
C ALA A 150 0.45 -23.19 46.01
N LEU A 151 0.51 -24.33 45.33
CA LEU A 151 1.75 -24.87 44.79
C LEU A 151 1.71 -24.79 43.28
N GLY A 152 2.87 -25.01 42.65
CA GLY A 152 2.89 -24.90 41.20
C GLY A 152 4.19 -25.38 40.60
N CYS A 153 4.34 -25.08 39.31
CA CYS A 153 5.50 -25.48 38.52
C CYS A 153 6.03 -24.29 37.74
N LEU A 154 7.35 -24.13 37.76
CA LEU A 154 8.03 -23.09 36.99
C LEU A 154 8.59 -23.72 35.73
N VAL A 155 8.10 -23.26 34.58
CA VAL A 155 8.55 -23.71 33.27
C VAL A 155 9.47 -22.60 32.73
N LYS A 156 10.78 -22.80 32.88
CA LYS A 156 11.76 -21.74 32.71
C LYS A 156 12.59 -21.93 31.45
N ASP A 157 12.83 -20.84 30.73
CA ASP A 157 13.74 -20.80 29.59
C ASP A 157 13.40 -21.85 28.54
N TYR A 158 12.42 -21.57 27.70
CA TYR A 158 12.14 -22.42 26.55
C TYR A 158 11.88 -21.53 25.34
N PHE A 159 12.06 -22.12 24.16
CA PHE A 159 11.78 -21.45 22.92
C PHE A 159 11.49 -22.54 21.89
N PRO A 160 10.44 -22.39 21.07
CA PRO A 160 9.48 -21.28 21.15
C PRO A 160 8.20 -21.63 21.90
N GLU A 161 7.21 -20.75 21.81
CA GLU A 161 5.87 -21.09 22.25
C GLU A 161 5.28 -22.13 21.31
N PRO A 162 4.33 -22.96 21.79
CA PRO A 162 3.74 -22.95 23.12
C PRO A 162 4.14 -24.14 24.00
N VAL A 163 3.83 -24.05 25.29
CA VAL A 163 3.82 -25.19 26.18
C VAL A 163 2.43 -25.28 26.81
N THR A 164 2.04 -26.50 27.15
CA THR A 164 0.80 -26.76 27.87
C THR A 164 1.13 -27.45 29.19
N VAL A 165 0.33 -27.17 30.21
CA VAL A 165 0.53 -27.75 31.53
C VAL A 165 -0.81 -28.27 32.05
N SER A 166 -0.84 -29.54 32.43
CA SER A 166 -1.95 -30.10 33.17
C SER A 166 -1.43 -30.59 34.53
N TRP A 167 -2.35 -31.00 35.39
CA TRP A 167 -2.00 -31.44 36.73
C TRP A 167 -2.64 -32.80 37.01
N ASN A 168 -1.82 -33.74 37.46
CA ASN A 168 -2.24 -35.12 37.69
C ASN A 168 -2.91 -35.71 36.44
N SER A 169 -2.34 -35.41 35.28
CA SER A 169 -2.80 -35.95 34.00
C SER A 169 -4.25 -35.57 33.71
N GLY A 170 -4.59 -34.31 33.95
CA GLY A 170 -5.92 -33.82 33.71
C GLY A 170 -6.94 -34.13 34.78
N ALA A 171 -6.60 -34.96 35.76
CA ALA A 171 -7.55 -35.29 36.82
C ALA A 171 -7.76 -34.13 37.80
N LEU A 172 -6.84 -33.16 37.83
CA LEU A 172 -6.94 -32.00 38.70
C LEU A 172 -7.07 -30.76 37.81
N THR A 173 -8.25 -30.15 37.81
CA THR A 173 -8.51 -29.01 36.94
C THR A 173 -9.07 -27.82 37.70
N SER A 174 -9.83 -28.09 38.76
CA SER A 174 -10.40 -27.00 39.55
C SER A 174 -9.32 -26.36 40.41
N GLY A 175 -9.19 -25.04 40.29
CA GLY A 175 -8.16 -24.31 41.00
C GLY A 175 -6.89 -24.08 40.21
N VAL A 176 -6.79 -24.65 39.01
CA VAL A 176 -5.59 -24.48 38.18
C VAL A 176 -5.61 -23.10 37.53
N HIS A 177 -4.45 -22.43 37.54
CA HIS A 177 -4.30 -21.13 36.90
C HIS A 177 -2.92 -21.08 36.26
N THR A 178 -2.86 -21.27 34.95
CA THR A 178 -1.61 -21.19 34.22
C THR A 178 -1.45 -19.77 33.67
N PHE A 179 -0.39 -19.09 34.10
CA PHE A 179 -0.15 -17.70 33.70
C PHE A 179 0.47 -17.64 32.30
N PRO A 180 0.10 -16.65 31.50
CA PRO A 180 0.78 -16.46 30.20
C PRO A 180 2.27 -16.29 30.38
N ALA A 181 3.03 -16.85 29.44
CA ALA A 181 4.48 -16.80 29.55
C ALA A 181 4.99 -15.37 29.40
N VAL A 182 6.20 -15.15 29.90
CA VAL A 182 6.93 -13.90 29.73
C VAL A 182 8.01 -14.13 28.69
N LEU A 183 8.16 -13.17 27.77
CA LEU A 183 9.26 -13.20 26.82
C LEU A 183 10.39 -12.39 27.42
N GLN A 184 11.37 -13.09 27.99
CA GLN A 184 12.50 -12.44 28.62
C GLN A 184 13.35 -11.73 27.58
N SER A 185 14.16 -10.77 28.05
CA SER A 185 15.06 -10.06 27.14
C SER A 185 16.05 -11.00 26.47
N SER A 186 16.25 -12.19 27.01
CA SER A 186 17.13 -13.17 26.37
C SER A 186 16.52 -13.80 25.14
N GLY A 187 15.22 -13.63 24.92
CA GLY A 187 14.53 -14.29 23.83
C GLY A 187 13.89 -15.61 24.20
N LEU A 188 13.96 -16.03 25.47
CA LEU A 188 13.40 -17.29 25.92
C LEU A 188 12.16 -17.03 26.77
N TYR A 189 11.17 -17.91 26.64
CA TYR A 189 9.93 -17.77 27.39
C TYR A 189 10.02 -18.48 28.72
N SER A 190 9.25 -17.98 29.69
CA SER A 190 9.09 -18.64 30.98
C SER A 190 7.67 -18.40 31.46
N LEU A 191 7.02 -19.46 31.96
CA LEU A 191 5.69 -19.32 32.53
C LEU A 191 5.61 -20.09 33.84
N SER A 192 4.48 -19.91 34.53
CA SER A 192 4.22 -20.55 35.81
C SER A 192 2.78 -21.04 35.84
N SER A 193 2.59 -22.30 36.24
CA SER A 193 1.26 -22.89 36.41
C SER A 193 1.12 -23.30 37.86
N VAL A 194 0.13 -22.74 38.56
CA VAL A 194 -0.10 -23.05 39.97
C VAL A 194 -1.48 -23.68 40.11
N VAL A 195 -1.72 -24.26 41.27
CA VAL A 195 -3.02 -24.86 41.61
C VAL A 195 -3.23 -24.75 43.11
N THR A 196 -4.37 -24.20 43.50
CA THR A 196 -4.68 -24.04 44.92
C THR A 196 -5.25 -25.37 45.45
N VAL A 197 -4.61 -25.90 46.49
CA VAL A 197 -4.93 -27.24 47.00
C VAL A 197 -5.18 -27.13 48.50
N PRO A 198 -5.75 -28.16 49.14
CA PRO A 198 -5.90 -28.11 50.61
C PRO A 198 -4.55 -28.02 51.31
N SER A 199 -4.56 -27.30 52.45
CA SER A 199 -3.36 -26.97 53.20
C SER A 199 -2.85 -28.11 54.09
N SER A 200 -3.75 -28.77 54.82
CA SER A 200 -3.35 -29.75 55.82
C SER A 200 -3.25 -31.17 55.26
N SER A 201 -3.00 -31.31 53.96
CA SER A 201 -2.84 -32.61 53.32
C SER A 201 -1.77 -32.56 52.24
N LEU A 202 -0.78 -31.68 52.40
CA LEU A 202 0.22 -31.44 51.36
C LEU A 202 1.25 -32.57 51.29
N GLY A 203 1.61 -33.16 52.43
CA GLY A 203 2.59 -34.22 52.48
C GLY A 203 2.05 -35.62 52.36
N THR A 204 0.75 -35.77 52.10
CA THR A 204 0.14 -37.08 51.93
C THR A 204 -0.59 -37.26 50.60
N GLN A 205 -0.89 -36.18 49.90
CA GLN A 205 -1.49 -36.23 48.57
C GLN A 205 -0.45 -35.80 47.55
N THR A 206 -0.35 -36.55 46.46
CA THR A 206 0.67 -36.29 45.45
C THR A 206 0.11 -35.37 44.37
N TYR A 207 0.91 -34.38 43.98
CA TYR A 207 0.57 -33.43 42.93
C TYR A 207 1.69 -33.43 41.90
N ILE A 208 1.35 -33.71 40.65
CA ILE A 208 2.33 -33.78 39.56
C ILE A 208 1.85 -32.88 38.44
N CYS A 209 2.70 -31.97 37.98
CA CYS A 209 2.37 -31.14 36.84
C CYS A 209 2.94 -31.77 35.57
N ASN A 210 2.14 -31.76 34.51
CA ASN A 210 2.47 -32.39 33.25
C ASN A 210 2.79 -31.29 32.24
N VAL A 211 4.08 -31.02 32.06
CA VAL A 211 4.54 -30.02 31.10
C VAL A 211 4.74 -30.71 29.76
N ASN A 212 4.24 -30.08 28.69
CA ASN A 212 4.40 -30.59 27.34
C ASN A 212 4.91 -29.45 26.45
N HIS A 213 6.10 -29.63 25.89
CA HIS A 213 6.71 -28.65 24.98
C HIS A 213 6.94 -29.34 23.65
N LYS A 214 5.89 -29.42 22.84
CA LYS A 214 6.00 -30.13 21.57
C LYS A 214 7.05 -29.56 20.61
N PRO A 215 7.31 -28.25 20.56
CA PRO A 215 8.41 -27.78 19.69
C PRO A 215 9.74 -28.47 19.90
N SER A 216 10.04 -28.90 21.13
CA SER A 216 11.30 -29.59 21.41
C SER A 216 11.09 -31.06 21.76
N ASN A 217 9.86 -31.55 21.67
CA ASN A 217 9.53 -32.95 21.97
C ASN A 217 9.93 -33.31 23.39
N THR A 218 9.80 -32.35 24.31
CA THR A 218 10.13 -32.54 25.71
C THR A 218 8.85 -32.68 26.51
N LYS A 219 8.82 -33.69 27.39
CA LYS A 219 7.71 -33.90 28.32
C LYS A 219 8.30 -34.10 29.71
N VAL A 220 7.89 -33.26 30.65
CA VAL A 220 8.34 -33.35 32.04
C VAL A 220 7.12 -33.55 32.93
N ASP A 221 7.22 -34.50 33.85
CA ASP A 221 6.19 -34.75 34.86
C ASP A 221 6.81 -34.50 36.22
N LYS A 222 6.81 -33.24 36.65
CA LYS A 222 7.49 -32.82 37.87
C LYS A 222 6.59 -33.03 39.06
N LYS A 223 7.05 -33.85 40.01
CA LYS A 223 6.35 -34.05 41.27
C LYS A 223 6.66 -32.88 42.21
N VAL A 224 5.61 -32.25 42.73
CA VAL A 224 5.73 -31.09 43.61
C VAL A 224 5.36 -31.50 45.02
N GLU A 225 6.24 -31.20 45.97
CA GLU A 225 6.07 -31.59 47.35
C GLU A 225 6.38 -30.41 48.25
N PRO A 226 5.89 -30.42 49.49
CA PRO A 226 6.25 -29.34 50.42
C PRO A 226 7.74 -29.34 50.72
N LYS A 227 8.31 -28.14 50.76
CA LYS A 227 9.75 -27.99 50.95
C LYS A 227 10.16 -28.40 52.37
N SER A 228 11.46 -28.67 52.53
CA SER A 228 12.00 -29.04 53.84
C SER A 228 13.12 -28.10 54.23
N CYS A 229 12.80 -26.82 54.42
CA CYS A 229 13.79 -25.81 54.78
C CYS A 229 14.36 -26.08 56.17
N SER B 1 -4.00 -6.44 -2.21
CA SER B 1 -3.40 -5.17 -1.79
C SER B 1 -4.46 -4.12 -1.50
N TYR B 2 -5.50 -4.52 -0.77
CA TYR B 2 -6.63 -3.67 -0.43
C TYR B 2 -6.57 -3.34 1.06
N GLU B 3 -6.74 -2.06 1.38
CA GLU B 3 -6.66 -1.61 2.77
C GLU B 3 -8.04 -1.62 3.41
N LEU B 4 -8.13 -2.23 4.59
CA LEU B 4 -9.31 -2.13 5.44
C LEU B 4 -8.89 -1.43 6.72
N THR B 5 -9.24 -0.15 6.84
CA THR B 5 -8.81 0.65 7.97
C THR B 5 -9.81 0.56 9.11
N GLN B 6 -9.29 0.52 10.34
CA GLN B 6 -10.08 0.54 11.57
C GLN B 6 -9.36 1.41 12.58
N PRO B 7 -10.11 2.05 13.48
CA PRO B 7 -9.46 2.73 14.61
C PRO B 7 -8.84 1.73 15.56
N PRO B 8 -7.63 1.99 16.04
CA PRO B 8 -6.97 0.99 16.90
C PRO B 8 -7.66 0.81 18.25
N SER B 9 -8.19 1.87 18.84
CA SER B 9 -8.71 1.83 20.19
C SER B 9 -10.13 2.39 20.25
N VAL B 10 -10.99 1.68 20.97
CA VAL B 10 -12.36 2.12 21.26
C VAL B 10 -12.67 1.73 22.69
N SER B 11 -12.94 2.72 23.55
CA SER B 11 -13.25 2.48 24.95
C SER B 11 -14.65 3.00 25.27
N VAL B 12 -15.47 2.15 25.87
CA VAL B 12 -16.84 2.50 26.21
C VAL B 12 -17.13 2.03 27.63
N ALA B 13 -18.06 2.71 28.28
CA ALA B 13 -18.49 2.36 29.62
C ALA B 13 -19.51 1.23 29.57
N PRO B 14 -19.72 0.52 30.68
CA PRO B 14 -20.72 -0.55 30.69
C PRO B 14 -22.12 0.01 30.50
N GLY B 15 -22.86 -0.58 29.56
CA GLY B 15 -24.21 -0.14 29.27
C GLY B 15 -24.34 0.90 28.19
N LYS B 16 -23.22 1.41 27.66
CA LYS B 16 -23.25 2.39 26.58
C LYS B 16 -23.02 1.67 25.25
N THR B 17 -22.78 2.46 24.19
CA THR B 17 -22.73 1.94 22.83
C THR B 17 -21.35 2.17 22.24
N ALA B 18 -20.77 1.12 21.67
CA ALA B 18 -19.49 1.19 20.96
C ALA B 18 -19.74 1.13 19.46
N THR B 19 -19.17 2.09 18.73
CA THR B 19 -19.31 2.16 17.28
C THR B 19 -17.93 1.91 16.66
N ILE B 20 -17.79 0.76 16.01
CA ILE B 20 -16.52 0.35 15.40
C ILE B 20 -16.60 0.70 13.91
N THR B 21 -15.76 1.64 13.48
CA THR B 21 -15.74 2.09 12.10
C THR B 21 -14.78 1.24 11.28
N CYS B 22 -15.16 0.97 10.03
CA CYS B 22 -14.32 0.24 9.09
C CYS B 22 -14.28 1.01 7.78
N GLY B 23 -13.09 1.22 7.25
CA GLY B 23 -12.91 2.04 6.06
C GLY B 23 -12.21 1.30 4.95
N GLY B 24 -12.49 1.71 3.72
CA GLY B 24 -11.89 1.09 2.55
C GLY B 24 -12.26 1.84 1.30
N ASN B 25 -11.45 1.62 0.25
CA ASN B 25 -11.68 2.29 -1.03
C ASN B 25 -12.95 1.74 -1.66
N ASN B 26 -13.97 2.58 -1.81
CA ASN B 26 -15.28 2.16 -2.33
C ASN B 26 -15.83 0.97 -1.54
N ILE B 27 -15.72 1.05 -0.21
CA ILE B 27 -16.21 -0.02 0.64
C ILE B 27 -17.74 -0.08 0.64
N GLY B 28 -18.41 1.01 0.26
CA GLY B 28 -19.86 0.98 0.15
C GLY B 28 -20.39 0.08 -0.94
N THR B 29 -19.50 -0.50 -1.76
CA THR B 29 -19.89 -1.44 -2.80
C THR B 29 -19.44 -2.87 -2.48
N LYS B 30 -18.97 -3.12 -1.27
CA LYS B 30 -18.48 -4.44 -0.88
C LYS B 30 -19.32 -4.98 0.27
N SER B 31 -19.22 -6.29 0.48
CA SER B 31 -19.98 -6.98 1.53
C SER B 31 -19.05 -7.23 2.72
N VAL B 32 -19.26 -6.49 3.81
CA VAL B 32 -18.39 -6.53 4.97
C VAL B 32 -18.92 -7.53 5.99
N HIS B 33 -18.01 -8.33 6.54
CA HIS B 33 -18.30 -9.24 7.65
C HIS B 33 -17.46 -8.83 8.85
N TRP B 34 -17.97 -9.10 10.05
CA TRP B 34 -17.34 -8.69 11.30
C TRP B 34 -17.04 -9.90 12.17
N TYR B 35 -15.85 -9.90 12.78
CA TYR B 35 -15.40 -10.99 13.63
C TYR B 35 -14.98 -10.46 14.99
N GLN B 36 -15.26 -11.24 16.03
CA GLN B 36 -14.94 -10.89 17.42
C GLN B 36 -13.97 -11.92 17.97
N GLN B 37 -12.80 -11.47 18.41
CA GLN B 37 -11.77 -12.35 18.95
C GLN B 37 -11.47 -11.95 20.39
N LYS B 38 -12.02 -12.70 21.34
CA LYS B 38 -11.73 -12.50 22.75
C LYS B 38 -10.27 -12.90 23.03
N PRO B 39 -9.68 -12.35 24.09
CA PRO B 39 -8.27 -12.66 24.39
C PRO B 39 -8.06 -14.17 24.56
N GLY B 40 -7.18 -14.72 23.72
CA GLY B 40 -6.81 -16.12 23.82
C GLY B 40 -7.79 -17.09 23.22
N GLN B 41 -8.60 -16.65 22.26
CA GLN B 41 -9.61 -17.52 21.65
C GLN B 41 -9.61 -17.31 20.14
N ALA B 42 -10.21 -18.27 19.44
CA ALA B 42 -10.38 -18.15 18.00
C ALA B 42 -11.42 -17.07 17.69
N PRO B 43 -11.36 -16.50 16.49
CA PRO B 43 -12.37 -15.50 16.11
C PRO B 43 -13.76 -16.11 16.02
N VAL B 44 -14.77 -15.24 16.13
CA VAL B 44 -16.17 -15.63 16.04
C VAL B 44 -16.90 -14.61 15.17
N LEU B 45 -17.64 -15.09 14.18
CA LEU B 45 -18.43 -14.22 13.33
C LEU B 45 -19.61 -13.67 14.14
N VAL B 46 -19.83 -12.36 14.05
CA VAL B 46 -20.92 -11.71 14.78
C VAL B 46 -21.88 -11.03 13.80
N ILE B 47 -21.35 -10.57 12.67
CA ILE B 47 -22.14 -9.92 11.63
C ILE B 47 -21.56 -10.32 10.28
N TYR B 48 -22.42 -10.81 9.39
CA TYR B 48 -22.03 -11.09 8.02
C TYR B 48 -23.05 -10.48 7.07
N TYR B 49 -22.62 -10.30 5.82
CA TYR B 49 -23.45 -9.64 4.81
C TYR B 49 -23.89 -8.26 5.29
N ASN B 50 -22.93 -7.52 5.86
CA ASN B 50 -23.10 -6.13 6.29
C ASN B 50 -23.98 -5.97 7.52
N SER B 51 -25.07 -6.72 7.62
CA SER B 51 -26.00 -6.48 8.71
C SER B 51 -26.70 -7.73 9.23
N ASP B 52 -26.42 -8.92 8.70
CA ASP B 52 -27.08 -10.13 9.16
C ASP B 52 -26.35 -10.73 10.37
N ARG B 53 -27.11 -11.24 11.32
CA ARG B 53 -26.57 -11.87 12.52
C ARG B 53 -26.66 -13.39 12.43
N PRO B 54 -25.60 -14.10 12.79
CA PRO B 54 -25.68 -15.56 12.88
C PRO B 54 -26.68 -16.03 13.93
N SER B 55 -26.82 -17.35 14.07
CA SER B 55 -27.93 -17.92 14.82
C SER B 55 -27.88 -17.56 16.31
N GLY B 56 -26.68 -17.40 16.88
CA GLY B 56 -26.58 -17.23 18.33
C GLY B 56 -26.11 -15.89 18.84
N ILE B 57 -25.71 -14.99 17.96
CA ILE B 57 -25.22 -13.67 18.38
C ILE B 57 -26.37 -12.89 19.00
N PRO B 58 -26.19 -12.25 20.15
CA PRO B 58 -27.29 -11.51 20.78
C PRO B 58 -27.76 -10.34 19.93
N GLU B 59 -28.97 -9.86 20.25
CA GLU B 59 -29.61 -8.82 19.47
C GLU B 59 -28.84 -7.51 19.47
N ARG B 60 -28.02 -7.25 20.48
CA ARG B 60 -27.34 -5.97 20.65
C ARG B 60 -26.13 -5.80 19.75
N PHE B 61 -25.88 -6.74 18.83
CA PHE B 61 -24.85 -6.57 17.81
C PHE B 61 -25.54 -6.25 16.48
N SER B 62 -25.03 -5.23 15.78
CA SER B 62 -25.63 -4.86 14.51
C SER B 62 -24.58 -4.14 13.66
N GLY B 63 -24.70 -4.34 12.34
CA GLY B 63 -23.80 -3.74 11.38
C GLY B 63 -24.54 -2.84 10.42
N SER B 64 -23.77 -1.99 9.73
CA SER B 64 -24.35 -1.02 8.81
C SER B 64 -23.42 -0.83 7.63
N ASN B 65 -24.01 -0.72 6.43
CA ASN B 65 -23.26 -0.42 5.22
C ASN B 65 -23.92 0.69 4.40
N SER B 66 -24.98 1.30 4.92
CA SER B 66 -25.59 2.45 4.27
C SER B 66 -24.64 3.65 4.31
N GLY B 67 -24.86 4.59 3.39
CA GLY B 67 -23.89 5.64 3.21
C GLY B 67 -22.57 5.04 2.73
N ASN B 68 -21.53 5.86 2.81
CA ASN B 68 -20.18 5.39 2.56
C ASN B 68 -19.47 4.97 3.84
N THR B 69 -20.20 4.80 4.94
CA THR B 69 -19.65 4.49 6.25
C THR B 69 -20.11 3.11 6.69
N VAL B 70 -19.16 2.21 6.88
CA VAL B 70 -19.40 0.87 7.43
C VAL B 70 -19.13 0.92 8.92
N THR B 71 -20.00 0.28 9.71
CA THR B 71 -19.93 0.42 11.15
C THR B 71 -20.48 -0.83 11.83
N LEU B 72 -19.75 -1.31 12.84
CA LEU B 72 -20.24 -2.30 13.78
C LEU B 72 -20.65 -1.61 15.08
N THR B 73 -21.85 -1.91 15.56
CA THR B 73 -22.41 -1.27 16.74
C THR B 73 -22.67 -2.32 17.81
N ILE B 74 -22.10 -2.12 18.99
CA ILE B 74 -22.30 -2.99 20.14
C ILE B 74 -23.08 -2.19 21.18
N SER B 75 -24.36 -2.48 21.30
CA SER B 75 -25.23 -1.75 22.22
C SER B 75 -25.24 -2.42 23.59
N ARG B 76 -25.40 -1.61 24.63
CA ARG B 76 -25.40 -2.07 26.02
C ARG B 76 -24.19 -2.96 26.29
N VAL B 77 -23.01 -2.36 26.21
CA VAL B 77 -21.78 -3.12 26.26
C VAL B 77 -21.63 -3.80 27.61
N GLU B 78 -21.25 -5.07 27.61
CA GLU B 78 -20.98 -5.85 28.80
C GLU B 78 -19.48 -6.10 28.92
N ALA B 79 -19.09 -6.70 30.05
CA ALA B 79 -17.68 -6.92 30.32
C ALA B 79 -17.09 -7.95 29.37
N GLY B 80 -17.86 -8.98 29.01
CA GLY B 80 -17.41 -10.00 28.09
C GLY B 80 -17.25 -9.53 26.66
N ASP B 81 -17.61 -8.29 26.35
CA ASP B 81 -17.46 -7.73 25.01
C ASP B 81 -16.08 -7.13 24.78
N GLU B 82 -15.22 -7.10 25.80
CA GLU B 82 -13.83 -6.73 25.61
C GLU B 82 -13.16 -7.74 24.67
N ALA B 83 -12.76 -7.30 23.49
CA ALA B 83 -12.14 -8.18 22.51
C ALA B 83 -11.56 -7.33 21.39
N ASP B 84 -11.01 -8.01 20.38
CA ASP B 84 -10.55 -7.38 19.14
C ASP B 84 -11.58 -7.65 18.05
N TYR B 85 -11.96 -6.62 17.32
CA TYR B 85 -12.97 -6.71 16.27
C TYR B 85 -12.34 -6.40 14.92
N TYR B 86 -12.45 -7.35 13.99
CA TYR B 86 -11.90 -7.21 12.64
C TYR B 86 -13.05 -7.22 11.64
N CYS B 87 -13.06 -6.24 10.74
CA CYS B 87 -13.93 -6.32 9.57
C CYS B 87 -13.22 -7.06 8.46
N GLN B 88 -13.99 -7.63 7.55
CA GLN B 88 -13.42 -8.46 6.49
C GLN B 88 -14.32 -8.43 5.27
N VAL B 89 -13.71 -8.24 4.10
CA VAL B 89 -14.41 -8.23 2.83
C VAL B 89 -13.69 -9.17 1.86
N TRP B 90 -14.40 -9.51 0.79
CA TRP B 90 -13.80 -10.20 -0.35
C TRP B 90 -13.53 -9.16 -1.43
N ASP B 91 -12.26 -8.96 -1.75
CA ASP B 91 -11.85 -7.98 -2.76
C ASP B 91 -11.53 -8.70 -4.06
N SER B 92 -12.35 -8.46 -5.09
CA SER B 92 -12.09 -9.06 -6.39
C SER B 92 -11.07 -8.29 -7.20
N GLY B 93 -10.83 -7.01 -6.90
CA GLY B 93 -9.77 -6.28 -7.55
C GLY B 93 -8.38 -6.82 -7.26
N SER B 94 -8.26 -7.74 -6.30
CA SER B 94 -7.00 -8.42 -6.04
C SER B 94 -7.18 -9.88 -5.67
N ASP B 95 -8.39 -10.43 -5.77
CA ASP B 95 -8.69 -11.82 -5.42
C ASP B 95 -8.18 -12.19 -4.03
N HIS B 96 -8.30 -11.26 -3.08
CA HIS B 96 -7.88 -11.46 -1.71
C HIS B 96 -9.07 -11.38 -0.76
N TYR B 97 -9.04 -12.19 0.29
CA TYR B 97 -9.85 -11.94 1.48
C TYR B 97 -9.05 -11.00 2.38
N VAL B 98 -9.59 -9.82 2.64
CA VAL B 98 -8.88 -8.75 3.33
C VAL B 98 -9.51 -8.54 4.69
N PHE B 99 -8.68 -8.52 5.73
CA PHE B 99 -9.12 -8.18 7.08
C PHE B 99 -8.74 -6.74 7.40
N GLY B 100 -9.35 -6.21 8.46
CA GLY B 100 -9.02 -4.90 8.92
C GLY B 100 -7.89 -4.91 9.94
N THR B 101 -7.25 -3.75 10.12
CA THR B 101 -6.16 -3.64 11.08
C THR B 101 -6.60 -4.01 12.49
N GLY B 102 -7.89 -3.98 12.77
CA GLY B 102 -8.43 -4.42 14.04
C GLY B 102 -8.73 -3.26 14.98
N THR B 103 -9.70 -3.48 15.86
CA THR B 103 -10.09 -2.51 16.87
C THR B 103 -10.19 -3.23 18.22
N LYS B 104 -9.39 -2.80 19.19
CA LYS B 104 -9.48 -3.35 20.54
C LYS B 104 -10.51 -2.56 21.33
N VAL B 105 -11.56 -3.24 21.78
CA VAL B 105 -12.62 -2.62 22.58
C VAL B 105 -12.34 -2.94 24.05
N THR B 106 -12.20 -1.90 24.85
CA THR B 106 -12.01 -2.06 26.29
C THR B 106 -13.20 -1.44 27.02
N VAL B 107 -13.74 -2.18 27.98
CA VAL B 107 -14.85 -1.72 28.79
C VAL B 107 -14.26 -1.00 30.00
N VAL B 108 -14.19 0.33 29.92
CA VAL B 108 -13.61 1.15 30.98
C VAL B 108 -14.71 1.55 31.95
N GLY B 109 -14.38 1.55 33.23
CA GLY B 109 -15.32 1.94 34.26
C GLY B 109 -15.87 0.80 35.09
N GLN B 110 -15.35 -0.42 34.93
CA GLN B 110 -15.79 -1.50 35.78
C GLN B 110 -15.30 -1.29 37.21
N PRO B 111 -15.88 -1.97 38.19
CA PRO B 111 -15.43 -1.81 39.57
C PRO B 111 -13.97 -2.21 39.73
N LYS B 112 -13.24 -1.42 40.53
CA LYS B 112 -11.84 -1.67 40.80
C LYS B 112 -11.67 -2.92 41.66
N ALA B 113 -10.67 -3.74 41.30
CA ALA B 113 -10.39 -4.97 42.04
C ALA B 113 -8.90 -5.01 42.39
N ASN B 114 -8.61 -5.32 43.66
CA ASN B 114 -7.23 -5.27 44.13
C ASN B 114 -6.49 -6.54 43.74
N PRO B 115 -5.21 -6.44 43.37
CA PRO B 115 -4.47 -7.62 42.95
C PRO B 115 -4.11 -8.50 44.12
N THR B 116 -4.04 -9.81 43.84
CA THR B 116 -3.52 -10.79 44.77
C THR B 116 -2.09 -11.13 44.37
N VAL B 117 -1.15 -11.00 45.30
CA VAL B 117 0.27 -11.19 45.01
C VAL B 117 0.75 -12.44 45.73
N THR B 118 1.32 -13.36 44.97
CA THR B 118 1.93 -14.58 45.51
C THR B 118 3.38 -14.63 45.06
N LEU B 119 4.30 -14.81 46.01
CA LEU B 119 5.73 -14.77 45.75
C LEU B 119 6.37 -16.07 46.16
N PHE B 120 7.13 -16.68 45.24
CA PHE B 120 7.81 -17.94 45.45
C PHE B 120 9.32 -17.75 45.48
N PRO B 121 10.00 -18.31 46.48
CA PRO B 121 11.46 -18.28 46.49
C PRO B 121 12.02 -19.36 45.58
N PRO B 122 13.31 -19.31 45.26
CA PRO B 122 13.89 -20.35 44.40
C PRO B 122 13.77 -21.72 45.04
N SER B 123 13.41 -22.70 44.22
CA SER B 123 13.39 -24.08 44.68
C SER B 123 14.81 -24.56 44.95
N SER B 124 14.92 -25.55 45.82
CA SER B 124 16.23 -26.11 46.12
C SER B 124 16.82 -26.81 44.90
N GLU B 125 15.96 -27.29 43.99
CA GLU B 125 16.46 -27.98 42.81
C GLU B 125 17.08 -27.00 41.82
N GLU B 126 16.48 -25.81 41.67
CA GLU B 126 17.06 -24.83 40.75
C GLU B 126 18.39 -24.32 41.27
N LEU B 127 18.51 -24.16 42.59
CA LEU B 127 19.78 -23.72 43.18
C LEU B 127 20.89 -24.71 42.89
N GLN B 128 20.59 -26.01 42.98
CA GLN B 128 21.58 -27.02 42.59
C GLN B 128 21.90 -26.97 41.11
N ALA B 129 21.00 -26.41 40.29
CA ALA B 129 21.24 -26.21 38.87
C ALA B 129 21.88 -24.85 38.58
N ASN B 130 22.48 -24.21 39.59
CA ASN B 130 23.24 -22.98 39.43
C ASN B 130 22.38 -21.81 38.96
N LYS B 131 21.10 -21.81 39.35
CA LYS B 131 20.19 -20.73 38.99
C LYS B 131 19.27 -20.45 40.18
N ALA B 132 18.66 -19.26 40.14
CA ALA B 132 17.69 -18.86 41.16
C ALA B 132 16.68 -17.94 40.50
N THR B 133 15.40 -18.26 40.64
CA THR B 133 14.33 -17.48 40.04
C THR B 133 13.28 -17.17 41.10
N LEU B 134 12.96 -15.89 41.25
CA LEU B 134 11.87 -15.45 42.11
C LEU B 134 10.64 -15.23 41.25
N VAL B 135 9.55 -15.90 41.60
CA VAL B 135 8.32 -15.87 40.81
C VAL B 135 7.28 -15.10 41.59
N CYS B 136 6.82 -13.99 41.02
CA CYS B 136 5.82 -13.13 41.65
C CYS B 136 4.60 -13.12 40.74
N LEU B 137 3.52 -13.73 41.20
CA LEU B 137 2.30 -13.87 40.42
C LEU B 137 1.26 -12.89 40.94
N ILE B 138 0.62 -12.16 40.03
CA ILE B 138 -0.36 -11.14 40.35
C ILE B 138 -1.63 -11.48 39.59
N SER B 139 -2.74 -11.63 40.30
CA SER B 139 -3.98 -12.07 39.69
C SER B 139 -5.17 -11.28 40.22
N ASP B 140 -6.20 -11.16 39.39
CA ASP B 140 -7.54 -10.68 39.78
C ASP B 140 -7.54 -9.19 40.11
N PHE B 141 -7.01 -8.38 39.19
CA PHE B 141 -7.02 -6.93 39.37
C PHE B 141 -7.70 -6.25 38.19
N TYR B 142 -8.40 -5.14 38.47
CA TYR B 142 -8.98 -4.28 37.46
C TYR B 142 -8.83 -2.86 37.97
N PRO B 143 -8.37 -1.91 37.15
CA PRO B 143 -8.03 -2.04 35.72
C PRO B 143 -6.79 -2.91 35.48
N GLY B 144 -6.52 -3.22 34.21
CA GLY B 144 -5.40 -4.06 33.86
C GLY B 144 -4.10 -3.31 33.72
N ALA B 145 -3.64 -2.70 34.81
CA ALA B 145 -2.41 -1.93 34.81
C ALA B 145 -1.77 -2.04 36.18
N VAL B 146 -0.59 -2.66 36.24
CA VAL B 146 0.19 -2.76 37.46
C VAL B 146 1.61 -2.30 37.18
N THR B 147 2.30 -1.87 38.22
CA THR B 147 3.74 -1.65 38.18
C THR B 147 4.38 -2.56 39.22
N VAL B 148 5.50 -3.18 38.85
CA VAL B 148 6.19 -4.14 39.69
C VAL B 148 7.59 -3.63 39.98
N ALA B 149 7.98 -3.66 41.25
CA ALA B 149 9.31 -3.26 41.69
C ALA B 149 9.92 -4.39 42.51
N TRP B 150 11.22 -4.59 42.35
CA TRP B 150 11.95 -5.59 43.12
C TRP B 150 12.99 -4.91 44.00
N LYS B 151 13.18 -5.45 45.19
CA LYS B 151 14.12 -4.89 46.15
C LYS B 151 15.10 -5.98 46.57
N ALA B 152 16.39 -5.66 46.53
CA ALA B 152 17.42 -6.48 47.16
C ALA B 152 17.68 -5.87 48.54
N ASP B 153 17.36 -6.62 49.58
CA ASP B 153 17.24 -6.08 50.94
C ASP B 153 16.21 -4.97 50.95
N SER B 154 16.66 -3.71 50.85
CA SER B 154 15.74 -2.58 50.71
C SER B 154 16.24 -1.61 49.65
N SER B 155 16.94 -2.12 48.63
CA SER B 155 17.49 -1.36 47.53
C SER B 155 16.88 -1.83 46.21
N PRO B 156 16.47 -0.90 45.34
CA PRO B 156 15.85 -1.30 44.07
C PRO B 156 16.78 -2.15 43.22
N VAL B 157 16.21 -3.18 42.59
CA VAL B 157 16.96 -4.13 41.78
C VAL B 157 17.03 -3.61 40.35
N LYS B 158 18.25 -3.52 39.82
CA LYS B 158 18.49 -2.96 38.49
C LYS B 158 17.92 -3.84 37.40
N ALA B 159 18.66 -4.87 37.01
CA ALA B 159 18.31 -5.74 35.89
C ALA B 159 17.88 -7.12 36.40
N GLY B 160 17.67 -8.04 35.46
CA GLY B 160 17.19 -9.38 35.77
C GLY B 160 15.70 -9.50 35.95
N VAL B 161 14.94 -8.43 35.70
CA VAL B 161 13.51 -8.39 35.97
C VAL B 161 12.77 -8.48 34.64
N GLU B 162 11.88 -9.47 34.52
CA GLU B 162 11.06 -9.67 33.34
C GLU B 162 9.60 -9.72 33.78
N THR B 163 8.80 -8.76 33.30
CA THR B 163 7.43 -8.60 33.73
C THR B 163 6.51 -8.64 32.52
N THR B 164 5.42 -9.38 32.63
CA THR B 164 4.46 -9.51 31.53
C THR B 164 3.55 -8.29 31.48
N THR B 165 3.00 -8.04 30.30
CA THR B 165 1.86 -7.14 30.21
C THR B 165 0.60 -7.84 30.70
N PRO B 166 -0.30 -7.11 31.35
CA PRO B 166 -1.48 -7.77 31.95
C PRO B 166 -2.33 -8.46 30.90
N SER B 167 -2.97 -9.55 31.32
CA SER B 167 -3.77 -10.38 30.43
C SER B 167 -5.10 -10.70 31.08
N LYS B 168 -6.16 -10.66 30.28
CA LYS B 168 -7.51 -10.88 30.78
C LYS B 168 -7.72 -12.34 31.15
N GLN B 169 -8.35 -12.56 32.30
CA GLN B 169 -8.64 -13.90 32.79
C GLN B 169 -10.05 -14.31 32.35
N SER B 170 -10.53 -15.44 32.85
CA SER B 170 -11.87 -15.90 32.51
C SER B 170 -12.96 -15.06 33.14
N ASN B 171 -12.64 -14.32 34.21
CA ASN B 171 -13.60 -13.54 34.98
C ASN B 171 -13.49 -12.05 34.71
N ASN B 172 -12.98 -11.68 33.54
CA ASN B 172 -12.84 -10.30 33.05
C ASN B 172 -11.88 -9.48 33.90
N LYS B 173 -11.15 -10.09 34.81
CA LYS B 173 -10.05 -9.44 35.52
C LYS B 173 -8.73 -9.78 34.83
N TYR B 174 -7.66 -9.13 35.30
CA TYR B 174 -6.36 -9.25 34.64
C TYR B 174 -5.36 -10.01 35.51
N ALA B 175 -4.37 -10.60 34.85
CA ALA B 175 -3.31 -11.34 35.51
C ALA B 175 -1.96 -10.96 34.90
N ALA B 176 -0.92 -10.99 35.74
CA ALA B 176 0.43 -10.64 35.32
C ALA B 176 1.43 -11.39 36.18
N SER B 177 2.66 -11.48 35.69
CA SER B 177 3.72 -12.14 36.43
C SER B 177 5.05 -11.44 36.17
N SER B 178 5.91 -11.43 37.20
CA SER B 178 7.25 -10.85 37.12
C SER B 178 8.26 -11.86 37.66
N TYR B 179 9.39 -11.98 36.96
CA TYR B 179 10.45 -12.89 37.34
C TYR B 179 11.72 -12.10 37.65
N LEU B 180 12.39 -12.49 38.74
CA LEU B 180 13.71 -11.97 39.08
C LEU B 180 14.67 -13.15 39.05
N SER B 181 15.62 -13.11 38.11
CA SER B 181 16.59 -14.17 37.94
C SER B 181 17.89 -13.80 38.66
N LEU B 182 18.41 -14.75 39.44
CA LEU B 182 19.58 -14.53 40.25
C LEU B 182 20.48 -15.74 40.14
N THR B 183 21.71 -15.59 40.63
CA THR B 183 22.57 -16.73 40.86
C THR B 183 22.38 -17.23 42.29
N PRO B 184 22.66 -18.51 42.56
CA PRO B 184 22.46 -19.00 43.94
C PRO B 184 23.26 -18.24 44.98
N GLU B 185 24.52 -17.91 44.69
CA GLU B 185 25.34 -17.17 45.66
C GLU B 185 24.83 -15.75 45.84
N GLN B 186 24.38 -15.11 44.76
CA GLN B 186 23.72 -13.81 44.88
C GLN B 186 22.50 -13.90 45.77
N TRP B 187 21.67 -14.92 45.55
CA TRP B 187 20.51 -15.14 46.41
C TRP B 187 20.92 -15.40 47.85
N LYS B 188 21.99 -16.18 48.06
CA LYS B 188 22.43 -16.49 49.41
C LYS B 188 23.05 -15.28 50.11
N SER B 189 23.63 -14.33 49.36
CA SER B 189 24.40 -13.26 49.96
C SER B 189 23.55 -12.09 50.43
N HIS B 190 22.25 -12.11 50.18
CA HIS B 190 21.36 -11.04 50.60
C HIS B 190 20.45 -11.52 51.72
N ARG B 191 19.98 -10.57 52.52
CA ARG B 191 19.10 -10.89 53.63
C ARG B 191 17.67 -11.21 53.19
N SER B 192 17.19 -10.57 52.13
CA SER B 192 15.83 -10.80 51.65
C SER B 192 15.65 -10.15 50.29
N TYR B 193 14.63 -10.62 49.57
CA TYR B 193 14.18 -9.98 48.33
C TYR B 193 12.67 -9.75 48.43
N SER B 194 12.18 -8.71 47.73
CA SER B 194 10.79 -8.31 47.88
C SER B 194 10.17 -8.00 46.52
N CYS B 195 8.97 -8.52 46.30
CA CYS B 195 8.15 -8.15 45.14
C CYS B 195 7.20 -7.05 45.55
N GLN B 196 7.26 -5.92 44.84
CA GLN B 196 6.47 -4.74 45.18
C GLN B 196 5.51 -4.44 44.03
N VAL B 197 4.22 -4.68 44.25
CA VAL B 197 3.18 -4.54 43.23
C VAL B 197 2.32 -3.34 43.57
N THR B 198 2.25 -2.38 42.65
CA THR B 198 1.44 -1.18 42.82
C THR B 198 0.29 -1.19 41.82
N HIS B 199 -0.91 -0.90 42.31
CA HIS B 199 -2.11 -0.92 41.47
C HIS B 199 -3.10 0.09 42.03
N GLU B 200 -3.37 1.15 41.27
CA GLU B 200 -4.33 2.18 41.65
C GLU B 200 -3.96 2.81 43.00
N GLY B 201 -2.73 3.32 43.06
CA GLY B 201 -2.26 4.06 44.23
C GLY B 201 -2.09 3.25 45.50
N SER B 202 -2.24 1.93 45.47
CA SER B 202 -2.03 1.07 46.62
C SER B 202 -1.01 0.00 46.28
N THR B 203 -0.21 -0.38 47.27
CA THR B 203 0.96 -1.21 47.05
C THR B 203 0.90 -2.46 47.91
N VAL B 204 1.16 -3.61 47.29
CA VAL B 204 1.31 -4.89 47.99
C VAL B 204 2.76 -5.32 47.85
N GLU B 205 3.38 -5.68 48.98
CA GLU B 205 4.79 -6.07 49.01
C GLU B 205 4.93 -7.40 49.74
N LYS B 206 5.44 -8.41 49.04
CA LYS B 206 5.76 -9.71 49.61
C LYS B 206 7.27 -9.88 49.64
N THR B 207 7.76 -10.55 50.69
CA THR B 207 9.20 -10.70 50.91
C THR B 207 9.56 -12.14 51.21
N VAL B 208 10.67 -12.60 50.64
CA VAL B 208 11.20 -13.94 50.86
C VAL B 208 12.66 -13.82 51.29
N ALA B 209 13.12 -14.85 52.01
CA ALA B 209 14.47 -14.83 52.55
C ALA B 209 15.16 -16.16 52.26
N PRO B 210 16.47 -16.15 52.00
CA PRO B 210 17.17 -17.41 51.73
C PRO B 210 17.25 -18.34 52.91
N THR B 211 16.92 -17.87 54.12
CA THR B 211 16.93 -18.75 55.29
C THR B 211 15.89 -19.85 55.14
N GLU B 212 14.65 -19.47 54.86
CA GLU B 212 13.56 -20.42 54.67
C GLU B 212 13.82 -21.30 53.45
N GLU C 1 23.12 34.44 -13.87
CA GLU C 1 22.91 33.62 -15.05
C GLU C 1 22.47 32.22 -14.66
N VAL C 2 22.06 32.06 -13.40
CA VAL C 2 21.65 30.75 -12.89
C VAL C 2 20.42 30.29 -13.67
N GLN C 3 20.56 29.20 -14.43
CA GLN C 3 19.45 28.70 -15.22
C GLN C 3 19.64 27.21 -15.47
N LEU C 4 18.51 26.52 -15.66
CA LEU C 4 18.50 25.10 -16.00
C LEU C 4 17.67 24.91 -17.26
N VAL C 5 18.22 24.20 -18.24
CA VAL C 5 17.60 24.05 -19.55
C VAL C 5 17.36 22.56 -19.80
N GLU C 6 16.10 22.13 -19.74
CA GLU C 6 15.75 20.76 -20.06
C GLU C 6 15.60 20.57 -21.57
N SER C 7 15.85 19.35 -22.02
CA SER C 7 15.62 18.97 -23.41
C SER C 7 15.51 17.46 -23.48
N GLY C 8 15.23 16.95 -24.68
CA GLY C 8 15.15 15.52 -24.92
C GLY C 8 13.75 14.94 -24.89
N GLY C 9 12.76 15.71 -24.46
CA GLY C 9 11.39 15.22 -24.46
C GLY C 9 10.89 14.96 -25.86
N GLY C 10 9.78 14.26 -25.94
CA GLY C 10 9.16 13.97 -27.21
C GLY C 10 7.98 13.04 -27.05
N VAL C 11 7.38 12.71 -28.20
CA VAL C 11 6.22 11.84 -28.26
C VAL C 11 6.68 10.45 -28.66
N VAL C 12 6.23 9.44 -27.91
CA VAL C 12 6.77 8.10 -28.00
C VAL C 12 5.66 7.09 -27.73
N GLN C 13 5.79 5.91 -28.33
CA GLN C 13 4.84 4.83 -28.08
C GLN C 13 5.31 3.98 -26.91
N PRO C 14 4.39 3.27 -26.23
CA PRO C 14 4.80 2.46 -25.07
C PRO C 14 5.83 1.41 -25.44
N GLY C 15 6.79 1.21 -24.53
CA GLY C 15 7.90 0.31 -24.74
C GLY C 15 9.19 0.99 -25.16
N ARG C 16 9.10 2.08 -25.92
CA ARG C 16 10.28 2.75 -26.41
C ARG C 16 10.99 3.49 -25.29
N SER C 17 12.19 3.97 -25.60
CA SER C 17 13.05 4.65 -24.63
C SER C 17 13.22 6.12 -25.02
N LEU C 18 13.82 6.87 -24.09
CA LEU C 18 14.03 8.30 -24.29
C LEU C 18 15.03 8.78 -23.24
N ARG C 19 15.97 9.63 -23.67
CA ARG C 19 16.99 10.17 -22.79
C ARG C 19 16.77 11.67 -22.64
N LEU C 20 16.52 12.11 -21.41
CA LEU C 20 16.32 13.52 -21.13
C LEU C 20 17.64 14.17 -20.74
N SER C 21 17.72 15.47 -20.97
CA SER C 21 18.92 16.24 -20.66
C SER C 21 18.52 17.51 -19.92
N CYS C 22 19.48 18.03 -19.15
CA CYS C 22 19.27 19.26 -18.38
C CYS C 22 20.61 19.97 -18.30
N ALA C 23 20.78 21.00 -19.11
CA ALA C 23 22.01 21.79 -19.12
C ALA C 23 21.93 22.87 -18.05
N ALA C 24 22.96 22.95 -17.22
CA ALA C 24 23.04 23.92 -16.15
C ALA C 24 24.15 24.92 -16.45
N SER C 25 23.92 26.18 -16.09
CA SER C 25 24.91 27.23 -16.30
C SER C 25 24.64 28.35 -15.30
N GLY C 26 25.69 29.08 -14.96
CA GLY C 26 25.59 30.21 -14.06
C GLY C 26 25.90 29.93 -12.60
N PHE C 27 26.21 28.68 -12.25
CA PHE C 27 26.51 28.33 -10.87
C PHE C 27 27.45 27.12 -10.86
N THR C 28 27.85 26.72 -9.65
CA THR C 28 28.74 25.59 -9.46
C THR C 28 27.92 24.29 -9.49
N PHE C 29 27.96 23.60 -10.63
CA PHE C 29 27.09 22.44 -10.81
C PHE C 29 27.46 21.31 -9.86
N SER C 30 28.74 21.10 -9.61
CA SER C 30 29.21 20.02 -8.75
C SER C 30 28.99 20.30 -7.27
N SER C 31 28.33 21.40 -6.91
CA SER C 31 28.01 21.71 -5.52
C SER C 31 26.55 21.47 -5.19
N TYR C 32 25.75 21.03 -6.16
CA TYR C 32 24.32 20.85 -5.97
C TYR C 32 23.94 19.42 -6.33
N GLY C 33 22.95 18.90 -5.60
CA GLY C 33 22.31 17.66 -5.98
C GLY C 33 21.15 17.94 -6.92
N MET C 34 21.05 17.13 -7.97
CA MET C 34 20.10 17.38 -9.05
C MET C 34 18.93 16.41 -8.95
N HIS C 35 17.73 16.92 -9.20
CA HIS C 35 16.50 16.15 -9.11
C HIS C 35 15.80 16.12 -10.46
N TRP C 36 14.90 15.15 -10.61
CA TRP C 36 13.89 15.14 -11.65
C TRP C 36 12.52 15.09 -10.99
N VAL C 37 11.64 16.00 -11.37
CA VAL C 37 10.26 16.02 -10.89
C VAL C 37 9.34 16.14 -12.10
N ARG C 38 8.43 15.18 -12.25
CA ARG C 38 7.50 15.19 -13.36
C ARG C 38 6.12 15.64 -12.89
N GLN C 39 5.34 16.16 -13.83
CA GLN C 39 3.99 16.63 -13.54
C GLN C 39 3.07 16.19 -14.66
N ALA C 40 2.22 15.19 -14.38
CA ALA C 40 1.25 14.75 -15.37
C ALA C 40 0.23 15.86 -15.61
N PRO C 41 -0.33 15.94 -16.82
CA PRO C 41 -1.25 17.03 -17.14
C PRO C 41 -2.45 17.06 -16.20
N GLY C 42 -2.67 18.22 -15.58
CA GLY C 42 -3.73 18.40 -14.62
C GLY C 42 -3.50 17.80 -13.26
N LYS C 43 -2.32 17.22 -13.02
CA LYS C 43 -2.03 16.51 -11.78
C LYS C 43 -0.92 17.23 -11.02
N GLY C 44 -0.58 16.69 -9.85
CA GLY C 44 0.38 17.31 -8.96
C GLY C 44 1.81 16.99 -9.34
N LEU C 45 2.72 17.33 -8.42
CA LEU C 45 4.13 17.09 -8.60
C LEU C 45 4.50 15.70 -8.09
N GLU C 46 5.37 15.02 -8.82
CA GLU C 46 5.84 13.68 -8.47
C GLU C 46 7.35 13.65 -8.59
N TRP C 47 8.04 13.29 -7.52
CA TRP C 47 9.49 13.21 -7.51
C TRP C 47 9.94 11.94 -8.23
N VAL C 48 10.93 12.07 -9.10
CA VAL C 48 11.37 10.96 -9.94
C VAL C 48 12.65 10.35 -9.40
N ALA C 49 13.73 11.12 -9.39
CA ALA C 49 15.02 10.61 -8.95
C ALA C 49 15.90 11.77 -8.53
N VAL C 50 16.94 11.44 -7.76
CA VAL C 50 17.93 12.40 -7.31
C VAL C 50 19.30 11.79 -7.50
N ILE C 51 20.28 12.64 -7.78
CA ILE C 51 21.69 12.24 -7.82
C ILE C 51 22.49 13.28 -7.05
N TRP C 52 23.43 12.82 -6.23
CA TRP C 52 24.18 13.72 -5.38
C TRP C 52 25.25 14.45 -6.19
N TYR C 53 25.95 15.37 -5.50
CA TYR C 53 26.81 16.34 -6.17
C TYR C 53 27.88 15.68 -7.03
N ASP C 54 28.46 14.58 -6.56
CA ASP C 54 29.50 13.88 -7.28
C ASP C 54 29.01 12.58 -7.90
N GLY C 55 27.70 12.35 -7.91
CA GLY C 55 27.16 11.14 -8.50
C GLY C 55 27.45 9.87 -7.75
N SER C 56 27.85 9.97 -6.48
CA SER C 56 28.16 8.79 -5.67
C SER C 56 26.91 8.13 -5.11
N ASN C 57 25.80 8.86 -5.02
CA ASN C 57 24.56 8.31 -4.50
C ASN C 57 23.40 8.77 -5.37
N ASN C 58 22.42 7.89 -5.55
CA ASN C 58 21.21 8.24 -6.26
C ASN C 58 20.05 7.41 -5.73
N PHE C 59 18.90 8.05 -5.58
CA PHE C 59 17.69 7.42 -5.09
C PHE C 59 16.59 7.58 -6.13
N TYR C 60 15.86 6.50 -6.38
CA TYR C 60 14.82 6.48 -7.40
C TYR C 60 13.44 6.36 -6.77
N ALA C 61 12.43 6.75 -7.53
CA ALA C 61 11.05 6.58 -7.12
C ALA C 61 10.58 5.17 -7.45
N ASP C 62 9.66 4.65 -6.63
CA ASP C 62 9.16 3.29 -6.82
C ASP C 62 8.53 3.12 -8.20
N SER C 63 7.86 4.16 -8.70
CA SER C 63 7.15 4.06 -9.96
C SER C 63 8.09 3.96 -11.16
N VAL C 64 9.34 4.40 -11.02
CA VAL C 64 10.30 4.38 -12.12
C VAL C 64 11.48 3.47 -11.85
N LYS C 65 11.55 2.84 -10.69
CA LYS C 65 12.69 2.00 -10.35
C LYS C 65 12.77 0.81 -11.30
N GLY C 66 13.99 0.48 -11.72
CA GLY C 66 14.21 -0.57 -12.69
C GLY C 66 14.05 -0.15 -14.14
N ARG C 67 13.46 1.02 -14.42
CA ARG C 67 13.32 1.50 -15.78
C ARG C 67 14.05 2.80 -16.06
N PHE C 68 14.22 3.65 -15.06
CA PHE C 68 14.85 4.94 -15.22
C PHE C 68 16.25 4.92 -14.62
N THR C 69 17.18 5.64 -15.26
CA THR C 69 18.55 5.77 -14.77
C THR C 69 18.93 7.24 -14.80
N ILE C 70 19.48 7.73 -13.69
CA ILE C 70 19.89 9.12 -13.57
C ILE C 70 21.41 9.18 -13.56
N SER C 71 21.96 10.24 -14.14
CA SER C 71 23.40 10.41 -14.24
C SER C 71 23.71 11.89 -14.44
N ARG C 72 24.98 12.24 -14.28
CA ARG C 72 25.41 13.62 -14.42
C ARG C 72 26.85 13.66 -14.93
N ASP C 73 27.15 14.67 -15.75
CA ASP C 73 28.48 14.93 -16.25
C ASP C 73 28.94 16.27 -15.68
N ASN C 74 29.96 16.25 -14.82
CA ASN C 74 30.35 17.43 -14.09
C ASN C 74 31.33 18.33 -14.83
N PHE C 75 31.97 17.83 -15.88
CA PHE C 75 32.79 18.69 -16.73
C PHE C 75 32.02 19.23 -17.93
N LYS C 76 30.70 18.98 -18.00
CA LYS C 76 29.84 19.53 -19.04
C LYS C 76 28.63 20.22 -18.44
N ASN C 77 28.44 20.12 -17.13
CA ASN C 77 27.31 20.71 -16.41
C ASN C 77 25.98 20.26 -17.00
N THR C 78 25.78 18.95 -17.00
CA THR C 78 24.60 18.36 -17.61
C THR C 78 24.06 17.24 -16.74
N LEU C 79 22.76 17.24 -16.52
CA LEU C 79 22.06 16.16 -15.85
C LEU C 79 21.30 15.34 -16.88
N TYR C 80 21.31 14.02 -16.71
CA TYR C 80 20.65 13.11 -17.63
C TYR C 80 19.61 12.26 -16.93
N LEU C 81 18.61 11.81 -17.70
CA LEU C 81 17.63 10.84 -17.23
C LEU C 81 17.33 9.88 -18.37
N GLN C 82 17.77 8.62 -18.21
CA GLN C 82 17.48 7.57 -19.18
C GLN C 82 16.15 6.92 -18.80
N MET C 83 15.23 6.86 -19.76
CA MET C 83 13.88 6.35 -19.52
C MET C 83 13.63 5.19 -20.47
N ASN C 84 13.64 3.96 -19.95
CA ASN C 84 13.34 2.78 -20.73
C ASN C 84 11.99 2.19 -20.34
N SER C 85 11.46 1.34 -21.22
CA SER C 85 10.18 0.65 -21.01
C SER C 85 9.09 1.65 -20.61
N LEU C 86 9.03 2.76 -21.34
CA LEU C 86 8.07 3.81 -21.02
C LEU C 86 6.64 3.30 -21.15
N ARG C 87 5.77 3.82 -20.28
CA ARG C 87 4.35 3.50 -20.27
C ARG C 87 3.55 4.79 -20.42
N ALA C 88 2.25 4.63 -20.68
CA ALA C 88 1.37 5.80 -20.80
C ALA C 88 1.37 6.64 -19.54
N GLU C 89 1.54 6.02 -18.37
CA GLU C 89 1.56 6.76 -17.11
C GLU C 89 2.84 7.54 -16.88
N ASP C 90 3.81 7.47 -17.80
CA ASP C 90 5.00 8.31 -17.75
C ASP C 90 4.82 9.63 -18.46
N THR C 91 3.66 9.86 -19.07
CA THR C 91 3.38 11.13 -19.74
C THR C 91 3.36 12.25 -18.72
N ALA C 92 4.23 13.25 -18.91
CA ALA C 92 4.31 14.38 -17.99
C ALA C 92 5.26 15.41 -18.57
N VAL C 93 5.32 16.56 -17.92
CA VAL C 93 6.41 17.52 -18.10
C VAL C 93 7.47 17.22 -17.05
N TYR C 94 8.72 17.06 -17.49
CA TYR C 94 9.82 16.68 -16.61
C TYR C 94 10.68 17.90 -16.29
N TYR C 95 10.82 18.20 -15.01
CA TYR C 95 11.63 19.31 -14.52
C TYR C 95 12.90 18.79 -13.87
N CYS C 96 13.98 19.55 -14.02
CA CYS C 96 15.19 19.36 -13.24
C CYS C 96 15.36 20.53 -12.29
N ALA C 97 15.93 20.25 -11.12
CA ALA C 97 16.07 21.27 -10.09
C ALA C 97 17.32 20.98 -9.27
N ARG C 98 17.90 22.04 -8.72
CA ARG C 98 19.09 21.95 -7.89
C ARG C 98 18.74 22.12 -6.41
N SER C 99 19.62 21.61 -5.57
CA SER C 99 19.51 21.80 -4.12
C SER C 99 20.90 21.69 -3.53
N TYR C 100 21.25 22.61 -2.65
CA TYR C 100 22.61 22.70 -2.15
C TYR C 100 22.96 21.51 -1.27
N CYS C 101 24.18 21.00 -1.45
CA CYS C 101 24.72 19.92 -0.63
C CYS C 101 25.59 20.51 0.47
N SER C 102 25.35 20.10 1.70
CA SER C 102 25.99 20.68 2.87
C SER C 102 27.51 20.50 2.85
N GLY C 103 27.97 19.29 3.10
CA GLY C 103 29.39 18.99 3.08
C GLY C 103 29.59 17.53 2.72
N GLY C 104 29.18 17.17 1.51
CA GLY C 104 29.14 15.78 1.09
C GLY C 104 27.81 15.11 1.30
N PHE C 105 26.80 15.84 1.74
CA PHE C 105 25.48 15.28 2.03
C PHE C 105 24.41 16.08 1.30
N CYS C 106 23.60 15.39 0.49
CA CYS C 106 22.48 16.06 -0.15
C CYS C 106 21.16 15.40 0.26
N PHE C 107 20.84 15.45 1.55
CA PHE C 107 19.60 14.84 2.02
C PHE C 107 18.39 15.72 1.75
N GLY C 108 18.48 17.01 2.12
CA GLY C 108 17.39 17.92 1.89
C GLY C 108 16.70 18.36 3.17
N TYR C 109 17.45 18.42 4.27
CA TYR C 109 16.90 18.96 5.51
C TYR C 109 17.03 20.48 5.55
N TYR C 110 18.19 21.01 5.15
CA TYR C 110 18.44 22.44 5.24
C TYR C 110 18.14 23.18 3.95
N TYR C 111 18.09 22.50 2.82
CA TYR C 111 17.90 23.14 1.52
C TYR C 111 16.82 22.41 0.73
N GLY C 112 16.12 23.17 -0.11
CA GLY C 112 15.13 22.61 -1.00
C GLY C 112 15.49 22.87 -2.45
N LEU C 113 14.58 22.52 -3.36
CA LEU C 113 14.79 22.78 -4.77
C LEU C 113 14.56 24.26 -5.07
N ASP C 114 15.62 25.07 -4.92
CA ASP C 114 15.49 26.52 -5.03
C ASP C 114 15.44 27.02 -6.47
N VAL C 115 15.97 26.26 -7.43
CA VAL C 115 16.00 26.67 -8.82
C VAL C 115 15.47 25.53 -9.68
N TRP C 116 14.45 25.82 -10.49
CA TRP C 116 13.81 24.85 -11.37
C TRP C 116 14.04 25.23 -12.82
N GLY C 117 14.03 24.21 -13.69
CA GLY C 117 14.12 24.44 -15.12
C GLY C 117 12.77 24.75 -15.75
N GLN C 118 12.83 25.16 -17.02
CA GLN C 118 11.60 25.45 -17.77
C GLN C 118 10.76 24.19 -17.94
N GLY C 119 11.40 23.04 -18.13
CA GLY C 119 10.69 21.79 -18.28
C GLY C 119 10.74 21.28 -19.72
N THR C 120 10.49 19.98 -19.86
CA THR C 120 10.43 19.34 -21.16
C THR C 120 9.27 18.34 -21.16
N THR C 121 8.51 18.33 -22.25
CA THR C 121 7.26 17.57 -22.31
C THR C 121 7.52 16.16 -22.84
N VAL C 122 7.01 15.17 -22.11
CA VAL C 122 7.08 13.76 -22.50
C VAL C 122 5.66 13.23 -22.61
N THR C 123 5.33 12.65 -23.77
CA THR C 123 4.03 12.06 -24.01
C THR C 123 4.23 10.62 -24.48
N VAL C 124 3.53 9.68 -23.84
CA VAL C 124 3.58 8.27 -24.22
C VAL C 124 2.17 7.84 -24.60
N SER C 125 1.95 7.60 -25.89
CA SER C 125 0.64 7.28 -26.43
C SER C 125 0.81 6.25 -27.54
N SER C 126 -0.14 5.31 -27.62
CA SER C 126 -0.13 4.30 -28.67
C SER C 126 -0.54 4.86 -30.03
N ALA C 127 -0.94 6.13 -30.10
CA ALA C 127 -1.31 6.74 -31.36
C ALA C 127 -0.08 6.95 -32.25
N SER C 128 -0.34 7.17 -33.53
CA SER C 128 0.70 7.46 -34.51
C SER C 128 0.49 8.86 -35.07
N THR C 129 1.58 9.45 -35.57
CA THR C 129 1.53 10.82 -36.08
C THR C 129 0.57 10.92 -37.25
N LYS C 130 -0.46 11.75 -37.09
CA LYS C 130 -1.48 11.96 -38.11
C LYS C 130 -1.70 13.45 -38.31
N GLY C 131 -1.84 13.86 -39.57
CA GLY C 131 -2.19 15.21 -39.89
C GLY C 131 -3.69 15.43 -39.77
N PRO C 132 -4.10 16.67 -39.56
CA PRO C 132 -5.51 16.95 -39.29
C PRO C 132 -6.35 17.12 -40.53
N SER C 133 -7.62 16.73 -40.40
CA SER C 133 -8.64 17.07 -41.38
C SER C 133 -9.27 18.40 -40.95
N VAL C 134 -9.20 19.39 -41.83
CA VAL C 134 -9.67 20.75 -41.54
C VAL C 134 -10.97 21.00 -42.30
N PHE C 135 -11.98 21.52 -41.60
CA PHE C 135 -13.24 21.88 -42.22
C PHE C 135 -13.64 23.29 -41.84
N PRO C 136 -14.32 24.01 -42.72
CA PRO C 136 -14.77 25.36 -42.38
C PRO C 136 -15.98 25.34 -41.47
N LEU C 137 -16.05 26.36 -40.62
CA LEU C 137 -17.21 26.64 -39.78
C LEU C 137 -17.83 27.92 -40.32
N ALA C 138 -18.83 27.77 -41.19
CA ALA C 138 -19.36 28.91 -41.93
C ALA C 138 -19.95 29.95 -40.97
N PRO C 139 -19.87 31.23 -41.33
CA PRO C 139 -20.20 32.28 -40.36
C PRO C 139 -21.64 32.23 -39.89
N SER C 140 -21.83 32.55 -38.60
CA SER C 140 -23.12 32.63 -37.96
C SER C 140 -23.14 33.84 -37.05
N SER C 141 -24.25 34.58 -37.06
CA SER C 141 -24.42 35.76 -36.23
C SER C 141 -25.32 35.51 -35.03
N LYS C 142 -25.61 34.23 -34.73
CA LYS C 142 -26.62 33.93 -33.71
C LYS C 142 -26.11 34.18 -32.30
N SER C 143 -24.80 34.07 -32.07
CA SER C 143 -24.24 34.18 -30.74
C SER C 143 -23.24 35.33 -30.60
N THR C 144 -23.03 36.11 -31.66
CA THR C 144 -22.14 37.25 -31.60
C THR C 144 -22.93 38.51 -31.32
N SER C 145 -22.22 39.64 -31.30
CA SER C 145 -22.86 40.93 -31.10
C SER C 145 -23.47 41.42 -32.40
N GLY C 146 -24.20 42.53 -32.32
CA GLY C 146 -24.86 43.10 -33.48
C GLY C 146 -23.92 43.51 -34.59
N GLY C 147 -24.26 43.15 -35.83
CA GLY C 147 -23.42 43.44 -36.98
C GLY C 147 -22.18 42.58 -37.09
N THR C 148 -22.14 41.45 -36.38
CA THR C 148 -20.95 40.60 -36.29
C THR C 148 -21.33 39.16 -36.54
N ALA C 149 -20.45 38.42 -37.20
CA ALA C 149 -20.62 37.00 -37.44
C ALA C 149 -19.36 36.25 -37.00
N ALA C 150 -19.56 35.02 -36.53
CA ALA C 150 -18.45 34.18 -36.09
C ALA C 150 -18.22 33.08 -37.11
N LEU C 151 -17.03 33.03 -37.68
CA LEU C 151 -16.63 31.95 -38.56
C LEU C 151 -15.40 31.26 -37.98
N GLY C 152 -15.17 30.01 -38.40
CA GLY C 152 -14.11 29.26 -37.77
C GLY C 152 -13.59 28.12 -38.61
N CYS C 153 -12.64 27.38 -38.02
CA CYS C 153 -12.02 26.22 -38.65
C CYS C 153 -12.05 25.06 -37.66
N LEU C 154 -12.48 23.89 -38.15
CA LEU C 154 -12.50 22.68 -37.34
C LEU C 154 -11.29 21.84 -37.73
N VAL C 155 -10.29 21.85 -36.85
CA VAL C 155 -9.06 21.08 -37.06
C VAL C 155 -9.24 19.75 -36.33
N LYS C 156 -9.53 18.69 -37.08
CA LYS C 156 -10.04 17.46 -36.50
C LYS C 156 -9.08 16.29 -36.70
N ASP C 157 -8.94 15.48 -35.65
CA ASP C 157 -8.24 14.19 -35.66
C ASP C 157 -6.78 14.35 -36.08
N TYR C 158 -5.99 14.88 -35.16
CA TYR C 158 -4.56 15.00 -35.36
C TYR C 158 -3.82 14.49 -34.12
N PHE C 159 -2.55 14.14 -34.32
CA PHE C 159 -1.69 13.72 -33.24
C PHE C 159 -0.25 13.87 -33.71
N PRO C 160 0.68 14.32 -32.84
CA PRO C 160 0.43 14.84 -31.50
C PRO C 160 0.21 16.33 -31.49
N GLU C 161 0.20 16.93 -30.30
CA GLU C 161 0.19 18.38 -30.18
C GLU C 161 1.54 18.95 -30.58
N PRO C 162 1.60 20.23 -30.96
CA PRO C 162 0.48 21.17 -31.12
C PRO C 162 0.21 21.54 -32.56
N VAL C 163 -0.91 22.22 -32.81
CA VAL C 163 -1.15 22.91 -34.06
C VAL C 163 -1.29 24.40 -33.76
N THR C 164 -0.98 25.22 -34.76
CA THR C 164 -1.13 26.66 -34.66
C THR C 164 -2.05 27.14 -35.77
N VAL C 165 -3.00 27.99 -35.42
CA VAL C 165 -3.98 28.54 -36.35
C VAL C 165 -3.82 30.05 -36.37
N SER C 166 -3.52 30.60 -37.54
CA SER C 166 -3.58 32.03 -37.78
C SER C 166 -4.62 32.30 -38.85
N TRP C 167 -4.92 33.58 -39.05
CA TRP C 167 -5.98 33.97 -39.97
C TRP C 167 -5.47 35.03 -40.93
N ASN C 168 -5.74 34.84 -42.23
CA ASN C 168 -5.28 35.75 -43.27
C ASN C 168 -3.78 36.01 -43.16
N SER C 169 -3.03 34.95 -42.85
CA SER C 169 -1.58 34.99 -42.76
C SER C 169 -1.11 36.05 -41.76
N GLY C 170 -1.85 36.19 -40.66
CA GLY C 170 -1.53 37.13 -39.62
C GLY C 170 -2.16 38.50 -39.76
N ALA C 171 -2.74 38.81 -40.92
CA ALA C 171 -3.41 40.10 -41.10
C ALA C 171 -4.63 40.25 -40.21
N LEU C 172 -5.17 39.15 -39.69
CA LEU C 172 -6.34 39.16 -38.82
C LEU C 172 -5.90 38.63 -37.46
N THR C 173 -5.73 39.54 -36.50
CA THR C 173 -5.17 39.22 -35.20
C THR C 173 -6.18 39.31 -34.07
N SER C 174 -6.99 40.37 -34.05
CA SER C 174 -7.94 40.58 -32.97
C SER C 174 -9.20 39.75 -33.19
N GLY C 175 -9.90 39.49 -32.10
CA GLY C 175 -11.13 38.74 -32.17
C GLY C 175 -10.97 37.28 -32.53
N VAL C 176 -9.75 36.76 -32.51
CA VAL C 176 -9.50 35.34 -32.76
C VAL C 176 -9.51 34.59 -31.44
N HIS C 177 -10.06 33.38 -31.46
CA HIS C 177 -10.16 32.53 -30.27
C HIS C 177 -9.93 31.09 -30.70
N THR C 178 -8.69 30.61 -30.53
CA THR C 178 -8.36 29.22 -30.77
C THR C 178 -8.55 28.44 -29.48
N PHE C 179 -9.51 27.53 -29.47
CA PHE C 179 -9.87 26.77 -28.28
C PHE C 179 -8.87 25.65 -28.02
N PRO C 180 -8.62 25.32 -26.75
CA PRO C 180 -7.77 24.18 -26.44
C PRO C 180 -8.33 22.89 -27.02
N ALA C 181 -7.43 22.01 -27.45
CA ALA C 181 -7.85 20.79 -28.12
C ALA C 181 -8.49 19.82 -27.13
N VAL C 182 -9.30 18.93 -27.66
CA VAL C 182 -9.92 17.86 -26.90
C VAL C 182 -9.16 16.57 -27.19
N LEU C 183 -8.83 15.82 -26.15
CA LEU C 183 -8.22 14.50 -26.30
C LEU C 183 -9.36 13.48 -26.38
N GLN C 184 -9.74 13.14 -27.61
CA GLN C 184 -10.82 12.20 -27.85
C GLN C 184 -10.43 10.79 -27.38
N SER C 185 -11.46 9.99 -27.07
CA SER C 185 -11.24 8.61 -26.60
C SER C 185 -10.49 7.75 -27.62
N SER C 186 -10.37 8.20 -28.86
CA SER C 186 -9.58 7.50 -29.87
C SER C 186 -8.09 7.77 -29.72
N GLY C 187 -7.70 8.77 -28.93
CA GLY C 187 -6.31 9.12 -28.80
C GLY C 187 -5.84 10.24 -29.71
N LEU C 188 -6.74 10.88 -30.45
CA LEU C 188 -6.40 11.97 -31.36
C LEU C 188 -7.00 13.28 -30.85
N TYR C 189 -6.35 14.38 -31.20
CA TYR C 189 -6.79 15.70 -30.78
C TYR C 189 -7.66 16.35 -31.86
N SER C 190 -8.58 17.18 -31.42
CA SER C 190 -9.34 18.08 -32.30
C SER C 190 -9.50 19.42 -31.60
N LEU C 191 -9.47 20.50 -32.36
CA LEU C 191 -9.69 21.84 -31.82
C LEU C 191 -10.46 22.68 -32.82
N SER C 192 -10.90 23.85 -32.37
CA SER C 192 -11.59 24.82 -33.22
C SER C 192 -10.97 26.20 -33.01
N SER C 193 -11.02 27.02 -34.06
CA SER C 193 -10.50 28.38 -34.02
C SER C 193 -11.53 29.28 -34.68
N VAL C 194 -12.20 30.12 -33.90
CA VAL C 194 -13.22 31.01 -34.40
C VAL C 194 -12.72 32.45 -34.31
N VAL C 195 -13.11 33.26 -35.29
CA VAL C 195 -12.86 34.70 -35.28
C VAL C 195 -14.18 35.39 -35.61
N THR C 196 -14.46 36.49 -34.89
CA THR C 196 -15.69 37.25 -35.09
C THR C 196 -15.39 38.46 -35.95
N VAL C 197 -16.10 38.58 -37.08
CA VAL C 197 -15.82 39.59 -38.09
C VAL C 197 -17.11 40.33 -38.40
N PRO C 198 -17.02 41.55 -38.94
CA PRO C 198 -18.23 42.28 -39.32
C PRO C 198 -19.06 41.53 -40.34
N SER C 199 -20.38 41.63 -40.20
CA SER C 199 -21.29 40.94 -41.11
C SER C 199 -21.25 41.55 -42.51
N SER C 200 -21.14 42.88 -42.60
CA SER C 200 -21.28 43.61 -43.85
C SER C 200 -20.11 43.40 -44.80
N SER C 201 -19.09 42.66 -44.40
CA SER C 201 -17.94 42.41 -45.25
C SER C 201 -17.87 40.97 -45.75
N LEU C 202 -18.77 40.10 -45.29
CA LEU C 202 -18.74 38.70 -45.71
C LEU C 202 -18.93 38.54 -47.21
N GLY C 203 -19.57 39.51 -47.87
CA GLY C 203 -19.72 39.42 -49.30
C GLY C 203 -18.42 39.63 -50.06
N THR C 204 -17.56 40.52 -49.56
CA THR C 204 -16.33 40.89 -50.24
C THR C 204 -15.08 40.26 -49.62
N GLN C 205 -14.95 40.34 -48.29
CA GLN C 205 -13.71 39.94 -47.65
C GLN C 205 -13.54 38.43 -47.65
N THR C 206 -12.32 37.99 -47.94
CA THR C 206 -11.97 36.58 -47.94
C THR C 206 -11.34 36.22 -46.59
N TYR C 207 -11.70 35.05 -46.07
CA TYR C 207 -11.15 34.57 -44.82
C TYR C 207 -10.54 33.19 -45.04
N ILE C 208 -9.28 33.04 -44.62
CA ILE C 208 -8.54 31.78 -44.71
C ILE C 208 -7.87 31.54 -43.38
N CYS C 209 -8.04 30.34 -42.83
CA CYS C 209 -7.34 29.96 -41.62
C CYS C 209 -6.10 29.15 -42.00
N ASN C 210 -4.98 29.47 -41.36
CA ASN C 210 -3.69 28.89 -41.68
C ASN C 210 -3.34 27.90 -40.57
N VAL C 211 -3.73 26.65 -40.77
CA VAL C 211 -3.42 25.59 -39.83
C VAL C 211 -2.02 25.07 -40.12
N ASN C 212 -1.23 24.85 -39.06
CA ASN C 212 0.13 24.33 -39.17
C ASN C 212 0.31 23.23 -38.13
N HIS C 213 0.64 22.03 -38.60
CA HIS C 213 0.88 20.88 -37.73
C HIS C 213 2.30 20.38 -37.99
N LYS C 214 3.27 20.96 -37.26
CA LYS C 214 4.67 20.61 -37.46
C LYS C 214 4.98 19.13 -37.25
N PRO C 215 4.44 18.43 -36.25
CA PRO C 215 4.81 17.02 -36.08
C PRO C 215 4.48 16.13 -37.27
N SER C 216 3.60 16.56 -38.18
CA SER C 216 3.33 15.81 -39.40
C SER C 216 3.63 16.62 -40.66
N ASN C 217 4.27 17.78 -40.52
CA ASN C 217 4.67 18.61 -41.66
C ASN C 217 3.48 18.97 -42.53
N THR C 218 2.29 19.06 -41.94
CA THR C 218 1.08 19.42 -42.66
C THR C 218 0.79 20.91 -42.49
N LYS C 219 0.42 21.55 -43.60
CA LYS C 219 -0.08 22.92 -43.58
C LYS C 219 -1.33 22.99 -44.44
N VAL C 220 -2.42 23.49 -43.86
CA VAL C 220 -3.70 23.63 -44.55
C VAL C 220 -4.11 25.09 -44.48
N ASP C 221 -4.42 25.67 -45.63
CA ASP C 221 -4.96 27.03 -45.71
C ASP C 221 -6.39 26.89 -46.21
N LYS C 222 -7.33 26.80 -45.27
CA LYS C 222 -8.73 26.55 -45.58
C LYS C 222 -9.46 27.87 -45.78
N LYS C 223 -10.01 28.05 -46.98
CA LYS C 223 -10.85 29.20 -47.27
C LYS C 223 -12.24 29.00 -46.68
N VAL C 224 -12.71 29.97 -45.90
CA VAL C 224 -14.02 29.91 -45.26
C VAL C 224 -14.92 30.96 -45.90
N GLU C 225 -16.09 30.53 -46.37
CA GLU C 225 -17.00 31.39 -47.10
C GLU C 225 -18.42 31.19 -46.59
N PRO C 226 -19.29 32.19 -46.71
CA PRO C 226 -20.65 32.08 -46.16
C PRO C 226 -21.45 30.98 -46.84
N LYS C 227 -22.38 30.40 -46.08
CA LYS C 227 -23.30 29.42 -46.63
C LYS C 227 -24.31 30.09 -47.56
N SER C 228 -24.61 29.43 -48.67
CA SER C 228 -25.54 29.95 -49.66
C SER C 228 -26.88 29.25 -49.54
N CYS C 229 -27.96 30.02 -49.64
CA CYS C 229 -29.30 29.47 -49.57
C CYS C 229 -30.05 29.65 -50.89
N SER D 1 3.92 3.85 0.60
CA SER D 1 4.85 4.96 0.60
C SER D 1 4.46 6.01 1.65
N TYR D 2 5.27 7.05 1.77
CA TYR D 2 5.00 8.09 2.75
C TYR D 2 4.03 9.11 2.18
N GLU D 3 2.96 9.39 2.91
CA GLU D 3 1.85 10.22 2.45
C GLU D 3 2.00 11.65 2.95
N LEU D 4 1.77 12.62 2.06
CA LEU D 4 1.72 14.03 2.42
C LEU D 4 0.35 14.57 2.04
N THR D 5 -0.42 15.00 3.03
CA THR D 5 -1.80 15.41 2.86
C THR D 5 -1.90 16.93 2.81
N GLN D 6 -2.72 17.43 1.89
CA GLN D 6 -3.06 18.84 1.78
C GLN D 6 -4.53 18.98 1.44
N PRO D 7 -5.18 20.05 1.91
CA PRO D 7 -6.54 20.33 1.47
C PRO D 7 -6.54 20.68 -0.01
N PRO D 8 -7.49 20.15 -0.79
CA PRO D 8 -7.44 20.33 -2.24
C PRO D 8 -7.64 21.78 -2.69
N SER D 9 -8.29 22.62 -1.88
CA SER D 9 -8.57 23.98 -2.31
C SER D 9 -8.79 24.87 -1.10
N VAL D 10 -8.34 26.12 -1.22
CA VAL D 10 -8.49 27.13 -0.18
C VAL D 10 -8.89 28.44 -0.86
N SER D 11 -9.93 29.10 -0.33
CA SER D 11 -10.43 30.35 -0.88
C SER D 11 -10.28 31.46 0.16
N VAL D 12 -9.82 32.63 -0.28
CA VAL D 12 -9.59 33.75 0.62
C VAL D 12 -9.88 35.06 -0.10
N ALA D 13 -10.32 36.04 0.67
CA ALA D 13 -10.57 37.39 0.16
C ALA D 13 -9.29 38.19 0.17
N PRO D 14 -9.13 39.14 -0.75
CA PRO D 14 -7.91 39.95 -0.79
C PRO D 14 -7.72 40.72 0.51
N GLY D 15 -6.45 40.87 0.90
CA GLY D 15 -6.11 41.49 2.17
C GLY D 15 -6.20 40.59 3.38
N LYS D 16 -6.95 39.50 3.29
CA LYS D 16 -7.04 38.54 4.38
C LYS D 16 -5.85 37.56 4.27
N THR D 17 -5.85 36.52 5.10
CA THR D 17 -4.75 35.55 5.11
C THR D 17 -5.28 34.17 4.75
N ALA D 18 -4.37 33.35 4.21
CA ALA D 18 -4.66 31.97 3.84
C ALA D 18 -3.70 31.04 4.58
N THR D 19 -4.25 29.94 5.10
CA THR D 19 -3.46 28.93 5.80
C THR D 19 -3.61 27.60 5.08
N ILE D 20 -2.48 26.98 4.74
CA ILE D 20 -2.45 25.74 3.99
C ILE D 20 -1.83 24.66 4.89
N THR D 21 -2.54 23.55 5.04
CA THR D 21 -2.18 22.52 6.00
C THR D 21 -1.45 21.38 5.28
N CYS D 22 -0.24 21.08 5.72
CA CYS D 22 0.48 19.93 5.21
C CYS D 22 0.31 18.78 6.20
N GLY D 23 -0.27 17.68 5.73
CA GLY D 23 -0.49 16.55 6.62
C GLY D 23 0.54 15.45 6.44
N GLY D 24 1.27 15.11 7.50
CA GLY D 24 2.30 14.09 7.41
C GLY D 24 2.36 13.24 8.65
N ASN D 25 3.00 12.08 8.51
CA ASN D 25 3.20 11.17 9.62
C ASN D 25 4.51 11.50 10.31
N ASN D 26 4.43 11.92 11.57
CA ASN D 26 5.60 12.37 12.33
C ASN D 26 6.29 13.53 11.63
N ILE D 27 5.49 14.40 11.00
CA ILE D 27 6.04 15.50 10.23
C ILE D 27 6.67 16.56 11.14
N GLY D 28 6.33 16.55 12.43
CA GLY D 28 7.05 17.37 13.39
C GLY D 28 8.53 17.05 13.49
N THR D 29 8.96 15.91 12.96
CA THR D 29 10.36 15.53 12.93
C THR D 29 11.01 15.76 11.57
N LYS D 30 10.28 16.32 10.61
CA LYS D 30 10.78 16.48 9.26
C LYS D 30 10.88 17.97 8.92
N SER D 31 11.68 18.25 7.88
CA SER D 31 11.93 19.60 7.42
C SER D 31 11.13 19.83 6.15
N VAL D 32 10.10 20.67 6.23
CA VAL D 32 9.13 20.85 5.15
C VAL D 32 9.51 22.05 4.30
N HIS D 33 9.41 21.88 2.98
CA HIS D 33 9.60 22.95 2.02
C HIS D 33 8.30 23.19 1.27
N TRP D 34 8.12 24.43 0.81
CA TRP D 34 6.89 24.82 0.11
C TRP D 34 7.23 25.40 -1.25
N TYR D 35 6.38 25.11 -2.24
CA TYR D 35 6.59 25.56 -3.61
C TYR D 35 5.32 26.20 -4.14
N GLN D 36 5.47 27.34 -4.80
CA GLN D 36 4.36 28.01 -5.47
C GLN D 36 4.50 27.78 -6.96
N GLN D 37 3.40 27.38 -7.61
CA GLN D 37 3.39 27.14 -9.05
C GLN D 37 2.18 27.84 -9.64
N LYS D 38 2.39 28.98 -10.28
CA LYS D 38 1.30 29.59 -11.01
C LYS D 38 1.10 28.87 -12.33
N PRO D 39 -0.14 28.73 -12.80
CA PRO D 39 -0.40 27.95 -14.02
C PRO D 39 0.40 28.47 -15.20
N GLY D 40 1.18 27.58 -15.80
CA GLY D 40 1.95 27.90 -17.00
C GLY D 40 3.44 27.86 -16.82
N GLN D 41 3.95 27.87 -15.59
CA GLN D 41 5.39 27.97 -15.34
C GLN D 41 5.80 26.93 -14.30
N ALA D 42 7.11 26.84 -14.09
CA ALA D 42 7.67 25.90 -13.12
C ALA D 42 7.41 26.39 -11.70
N PRO D 43 7.33 25.46 -10.74
CA PRO D 43 7.15 25.87 -9.34
C PRO D 43 8.34 26.67 -8.84
N VAL D 44 8.09 27.42 -7.77
CA VAL D 44 9.08 28.30 -7.16
C VAL D 44 9.13 28.01 -5.66
N LEU D 45 10.34 27.82 -5.14
CA LEU D 45 10.52 27.64 -3.70
C LEU D 45 10.19 28.94 -2.98
N VAL D 46 9.22 28.90 -2.07
CA VAL D 46 8.84 30.07 -1.30
C VAL D 46 9.20 29.94 0.18
N ILE D 47 9.19 28.73 0.73
CA ILE D 47 9.62 28.48 2.10
C ILE D 47 10.45 27.20 2.11
N TYR D 48 11.62 27.26 2.72
CA TYR D 48 12.46 26.09 2.94
C TYR D 48 12.89 26.07 4.40
N TYR D 49 13.30 24.88 4.86
CA TYR D 49 13.69 24.68 6.25
C TYR D 49 12.56 25.10 7.20
N ASN D 50 11.32 24.76 6.80
CA ASN D 50 10.10 25.01 7.57
C ASN D 50 9.72 26.49 7.65
N SER D 51 10.71 27.39 7.69
CA SER D 51 10.36 28.80 7.90
C SER D 51 11.27 29.80 7.21
N ASP D 52 12.29 29.38 6.48
CA ASP D 52 13.21 30.31 5.84
C ASP D 52 12.71 30.72 4.46
N ARG D 53 12.77 32.02 4.18
CA ARG D 53 12.41 32.48 2.85
C ARG D 53 13.64 32.67 1.99
N PRO D 54 13.57 32.31 0.71
CA PRO D 54 14.63 32.69 -0.23
C PRO D 54 14.71 34.21 -0.38
N SER D 55 15.77 34.64 -1.07
CA SER D 55 16.11 36.07 -1.08
C SER D 55 15.00 36.93 -1.67
N GLY D 56 14.25 36.40 -2.63
CA GLY D 56 13.30 37.21 -3.36
C GLY D 56 11.84 37.09 -2.93
N ILE D 57 11.53 36.08 -2.14
CA ILE D 57 10.15 35.86 -1.72
C ILE D 57 9.74 36.95 -0.72
N PRO D 58 8.63 37.65 -0.92
CA PRO D 58 8.25 38.72 0.00
C PRO D 58 7.94 38.19 1.39
N GLU D 59 8.06 39.08 2.37
CA GLU D 59 7.88 38.73 3.77
C GLU D 59 6.43 38.35 4.13
N ARG D 60 5.47 38.49 3.21
CA ARG D 60 4.10 38.05 3.49
C ARG D 60 4.03 36.55 3.71
N PHE D 61 4.90 35.80 3.06
CA PHE D 61 4.93 34.34 3.21
C PHE D 61 5.72 33.95 4.45
N SER D 62 5.25 32.91 5.12
CA SER D 62 5.95 32.34 6.27
C SER D 62 5.43 30.93 6.51
N GLY D 63 6.28 30.10 7.10
CA GLY D 63 5.92 28.74 7.43
C GLY D 63 6.17 28.45 8.90
N SER D 64 5.43 27.47 9.41
CA SER D 64 5.60 27.00 10.78
C SER D 64 5.65 25.48 10.78
N ASN D 65 6.12 24.92 11.89
CA ASN D 65 6.20 23.48 12.08
C ASN D 65 6.32 23.20 13.58
N SER D 66 5.20 23.26 14.29
CA SER D 66 5.20 23.19 15.75
C SER D 66 4.01 22.39 16.23
N GLY D 67 4.27 21.32 16.97
CA GLY D 67 3.20 20.48 17.48
C GLY D 67 2.47 19.72 16.40
N ASN D 68 3.23 19.12 15.48
CA ASN D 68 2.68 18.41 14.33
C ASN D 68 1.73 19.29 13.53
N THR D 69 2.03 20.59 13.46
CA THR D 69 1.22 21.58 12.75
C THR D 69 2.14 22.36 11.82
N VAL D 70 2.40 21.82 10.64
CA VAL D 70 3.17 22.52 9.63
C VAL D 70 2.19 23.28 8.73
N THR D 71 2.47 24.55 8.50
CA THR D 71 1.50 25.46 7.91
C THR D 71 2.21 26.52 7.09
N LEU D 72 1.69 26.77 5.88
CA LEU D 72 2.10 27.90 5.07
C LEU D 72 1.11 29.05 5.26
N THR D 73 1.64 30.25 5.47
CA THR D 73 0.82 31.41 5.78
C THR D 73 1.12 32.53 4.79
N ILE D 74 0.06 33.12 4.23
CA ILE D 74 0.16 34.21 3.25
C ILE D 74 -0.76 35.32 3.74
N SER D 75 -0.19 36.36 4.35
CA SER D 75 -0.96 37.51 4.80
C SER D 75 -1.00 38.57 3.70
N ARG D 76 -1.99 39.46 3.80
CA ARG D 76 -2.25 40.48 2.78
C ARG D 76 -2.31 39.84 1.39
N VAL D 77 -3.27 38.92 1.24
CA VAL D 77 -3.37 38.13 0.01
C VAL D 77 -3.71 39.05 -1.16
N GLU D 78 -2.95 38.91 -2.24
CA GLU D 78 -3.18 39.61 -3.49
C GLU D 78 -3.67 38.63 -4.55
N ALA D 79 -4.22 39.18 -5.64
CA ALA D 79 -4.69 38.35 -6.73
C ALA D 79 -3.56 37.56 -7.38
N GLY D 80 -2.35 38.12 -7.37
CA GLY D 80 -1.19 37.43 -7.91
C GLY D 80 -0.77 36.19 -7.14
N ASP D 81 -1.28 36.01 -5.92
CA ASP D 81 -0.99 34.82 -5.12
C ASP D 81 -1.84 33.62 -5.51
N GLU D 82 -2.70 33.75 -6.52
CA GLU D 82 -3.52 32.62 -6.96
C GLU D 82 -2.65 31.61 -7.68
N ALA D 83 -2.35 30.49 -7.01
CA ALA D 83 -1.46 29.47 -7.56
C ALA D 83 -1.71 28.17 -6.82
N ASP D 84 -1.01 27.12 -7.25
CA ASP D 84 -0.98 25.85 -6.53
C ASP D 84 0.23 25.82 -5.60
N TYR D 85 0.02 25.31 -4.39
CA TYR D 85 1.06 25.23 -3.39
C TYR D 85 1.24 23.79 -2.94
N TYR D 86 2.50 23.35 -2.87
CA TYR D 86 2.84 21.99 -2.48
C TYR D 86 3.84 22.04 -1.33
N CYS D 87 3.61 21.19 -0.33
CA CYS D 87 4.65 20.95 0.65
C CYS D 87 5.48 19.75 0.23
N GLN D 88 6.71 19.70 0.71
CA GLN D 88 7.64 18.67 0.27
C GLN D 88 8.63 18.39 1.40
N VAL D 89 8.93 17.11 1.60
CA VAL D 89 9.86 16.67 2.64
C VAL D 89 10.79 15.62 2.04
N TRP D 90 11.82 15.28 2.81
CA TRP D 90 12.69 14.13 2.52
C TRP D 90 12.40 13.07 3.57
N ASP D 91 11.88 11.93 3.13
CA ASP D 91 11.52 10.84 4.04
C ASP D 91 12.60 9.77 3.95
N SER D 92 13.51 9.77 4.92
CA SER D 92 14.60 8.81 4.94
C SER D 92 14.11 7.39 5.20
N GLY D 93 12.95 7.26 5.85
CA GLY D 93 12.37 5.94 6.07
C GLY D 93 11.99 5.21 4.80
N SER D 94 11.96 5.91 3.67
CA SER D 94 11.66 5.27 2.39
C SER D 94 12.56 5.76 1.26
N ASP D 95 13.58 6.57 1.56
CA ASP D 95 14.49 7.11 0.55
C ASP D 95 13.72 7.79 -0.59
N HIS D 96 12.74 8.62 -0.20
CA HIS D 96 11.86 9.29 -1.14
C HIS D 96 11.72 10.74 -0.77
N TYR D 97 11.88 11.62 -1.75
CA TYR D 97 11.34 12.97 -1.65
C TYR D 97 9.86 12.91 -1.96
N VAL D 98 9.03 13.40 -1.05
CA VAL D 98 7.58 13.29 -1.18
C VAL D 98 7.01 14.70 -1.31
N PHE D 99 6.19 14.90 -2.35
CA PHE D 99 5.44 16.14 -2.54
C PHE D 99 4.01 15.93 -2.07
N GLY D 100 3.44 16.97 -1.45
CA GLY D 100 2.06 16.91 -1.02
C GLY D 100 1.10 16.89 -2.20
N THR D 101 -0.16 16.56 -1.87
CA THR D 101 -1.19 16.40 -2.90
C THR D 101 -1.47 17.72 -3.60
N GLY D 102 -1.33 18.81 -2.88
CA GLY D 102 -1.47 20.12 -3.48
C GLY D 102 -2.66 20.88 -2.98
N THR D 103 -2.58 22.21 -3.08
CA THR D 103 -3.66 23.08 -2.66
C THR D 103 -3.81 24.19 -3.69
N LYS D 104 -4.98 24.28 -4.31
CA LYS D 104 -5.29 25.38 -5.21
C LYS D 104 -5.80 26.57 -4.40
N VAL D 105 -5.12 27.70 -4.51
CA VAL D 105 -5.49 28.91 -3.76
C VAL D 105 -6.10 29.88 -4.76
N THR D 106 -7.42 29.99 -4.75
CA THR D 106 -8.14 30.99 -5.53
C THR D 106 -8.53 32.15 -4.63
N VAL D 107 -8.44 33.35 -5.17
CA VAL D 107 -8.73 34.57 -4.42
C VAL D 107 -10.17 34.97 -4.73
N VAL D 108 -11.04 34.90 -3.73
CA VAL D 108 -12.45 35.26 -3.91
C VAL D 108 -12.56 36.73 -4.24
N GLY D 109 -13.29 37.04 -5.31
CA GLY D 109 -13.53 38.42 -5.71
C GLY D 109 -14.18 38.53 -7.07
N GLN D 110 -13.71 37.74 -8.02
CA GLN D 110 -14.22 37.81 -9.39
C GLN D 110 -15.69 37.45 -9.43
N PRO D 111 -16.55 38.31 -9.98
CA PRO D 111 -17.97 37.98 -10.05
C PRO D 111 -18.26 36.88 -11.07
N LYS D 112 -19.43 36.28 -10.92
CA LYS D 112 -19.88 35.25 -11.84
C LYS D 112 -20.15 35.85 -13.22
N ALA D 113 -19.77 35.11 -14.26
CA ALA D 113 -20.02 35.50 -15.63
C ALA D 113 -20.67 34.33 -16.36
N ASN D 114 -21.65 34.64 -17.20
CA ASN D 114 -22.41 33.61 -17.90
C ASN D 114 -21.66 33.16 -19.15
N PRO D 115 -21.76 31.88 -19.51
CA PRO D 115 -21.07 31.41 -20.71
C PRO D 115 -21.75 31.92 -21.97
N THR D 116 -20.93 32.19 -22.98
CA THR D 116 -21.40 32.42 -24.33
C THR D 116 -21.25 31.11 -25.11
N VAL D 117 -22.36 30.62 -25.67
CA VAL D 117 -22.41 29.31 -26.30
C VAL D 117 -22.59 29.50 -27.80
N THR D 118 -21.61 29.03 -28.58
CA THR D 118 -21.64 29.09 -30.03
C THR D 118 -21.68 27.67 -30.57
N LEU D 119 -22.67 27.35 -31.40
CA LEU D 119 -22.91 26.00 -31.89
C LEU D 119 -22.91 26.01 -33.42
N PHE D 120 -21.98 25.24 -34.02
CA PHE D 120 -21.83 25.12 -35.46
C PHE D 120 -22.33 23.76 -35.95
N PRO D 121 -23.08 23.73 -37.05
CA PRO D 121 -23.52 22.46 -37.62
C PRO D 121 -22.43 21.84 -38.48
N PRO D 122 -22.56 20.57 -38.85
CA PRO D 122 -21.56 19.97 -39.75
C PRO D 122 -21.47 20.74 -41.05
N SER D 123 -20.24 20.90 -41.54
CA SER D 123 -20.05 21.52 -42.83
C SER D 123 -20.45 20.55 -43.94
N SER D 124 -20.78 21.12 -45.10
CA SER D 124 -21.07 20.29 -46.27
C SER D 124 -19.83 19.50 -46.69
N GLU D 125 -18.64 20.06 -46.51
CA GLU D 125 -17.42 19.35 -46.88
C GLU D 125 -17.22 18.10 -46.01
N GLU D 126 -17.55 18.19 -44.72
CA GLU D 126 -17.37 17.02 -43.86
C GLU D 126 -18.35 15.92 -44.23
N LEU D 127 -19.58 16.29 -44.61
CA LEU D 127 -20.54 15.30 -45.05
C LEU D 127 -20.09 14.60 -46.32
N GLN D 128 -19.40 15.33 -47.22
CA GLN D 128 -18.83 14.69 -48.40
C GLN D 128 -17.79 13.64 -48.02
N ALA D 129 -17.17 13.79 -46.86
CA ALA D 129 -16.29 12.76 -46.31
C ALA D 129 -17.05 11.68 -45.55
N ASN D 130 -18.38 11.70 -45.60
CA ASN D 130 -19.24 10.74 -44.89
C ASN D 130 -19.04 10.81 -43.38
N LYS D 131 -18.88 12.03 -42.87
CA LYS D 131 -18.79 12.27 -41.43
C LYS D 131 -19.47 13.58 -41.09
N ALA D 132 -19.75 13.78 -39.81
CA ALA D 132 -20.47 14.96 -39.35
C ALA D 132 -20.13 15.22 -37.89
N THR D 133 -19.64 16.43 -37.61
CA THR D 133 -19.24 16.83 -36.26
C THR D 133 -19.96 18.12 -35.89
N LEU D 134 -20.73 18.07 -34.81
CA LEU D 134 -21.33 19.27 -34.24
C LEU D 134 -20.35 19.88 -33.25
N VAL D 135 -20.12 21.18 -33.39
CA VAL D 135 -19.11 21.88 -32.60
C VAL D 135 -19.80 22.88 -31.70
N CYS D 136 -19.68 22.69 -30.39
CA CYS D 136 -20.23 23.59 -29.38
C CYS D 136 -19.08 24.24 -28.64
N LEU D 137 -18.98 25.56 -28.76
CA LEU D 137 -17.90 26.33 -28.17
C LEU D 137 -18.46 27.16 -27.02
N ILE D 138 -17.88 27.00 -25.83
CA ILE D 138 -18.35 27.66 -24.62
C ILE D 138 -17.23 28.57 -24.13
N SER D 139 -17.54 29.84 -23.89
CA SER D 139 -16.51 30.81 -23.59
C SER D 139 -17.01 31.85 -22.60
N ASP D 140 -16.05 32.46 -21.88
CA ASP D 140 -16.26 33.68 -21.08
C ASP D 140 -17.18 33.44 -19.88
N PHE D 141 -16.95 32.35 -19.16
CA PHE D 141 -17.72 32.06 -17.96
C PHE D 141 -16.81 31.95 -16.75
N TYR D 142 -17.38 32.30 -15.59
CA TYR D 142 -16.69 32.18 -14.32
C TYR D 142 -17.74 31.84 -13.27
N PRO D 143 -17.46 30.91 -12.35
CA PRO D 143 -16.24 30.07 -12.25
C PRO D 143 -16.08 29.07 -13.40
N GLY D 144 -15.00 28.30 -13.38
CA GLY D 144 -14.70 27.41 -14.48
C GLY D 144 -15.26 26.00 -14.32
N ALA D 145 -16.57 25.88 -14.16
CA ALA D 145 -17.23 24.58 -14.06
C ALA D 145 -18.52 24.63 -14.85
N VAL D 146 -18.66 23.74 -15.84
CA VAL D 146 -19.87 23.61 -16.63
C VAL D 146 -20.21 22.14 -16.76
N THR D 147 -21.46 21.87 -17.14
CA THR D 147 -21.88 20.55 -17.56
C THR D 147 -22.54 20.70 -18.92
N VAL D 148 -22.07 19.95 -19.90
CA VAL D 148 -22.60 20.01 -21.25
C VAL D 148 -23.39 18.73 -21.53
N ALA D 149 -24.52 18.89 -22.21
CA ALA D 149 -25.42 17.77 -22.52
C ALA D 149 -25.98 17.98 -23.92
N TRP D 150 -25.92 16.94 -24.74
CA TRP D 150 -26.45 16.99 -26.10
C TRP D 150 -27.82 16.32 -26.17
N LYS D 151 -28.59 16.73 -27.16
CA LYS D 151 -29.94 16.23 -27.35
C LYS D 151 -30.21 15.99 -28.84
N ALA D 152 -30.75 14.82 -29.16
CA ALA D 152 -31.24 14.53 -30.51
C ALA D 152 -32.75 14.76 -30.50
N ASP D 153 -33.21 15.68 -31.34
CA ASP D 153 -34.54 16.27 -31.18
C ASP D 153 -34.67 16.78 -29.75
N SER D 154 -35.39 16.05 -28.90
CA SER D 154 -35.49 16.39 -27.49
C SER D 154 -35.08 15.25 -26.57
N SER D 155 -34.32 14.28 -27.08
CA SER D 155 -33.83 13.15 -26.30
C SER D 155 -32.33 13.23 -26.13
N PRO D 156 -31.81 12.98 -24.93
CA PRO D 156 -30.38 13.16 -24.68
C PRO D 156 -29.51 12.16 -25.42
N VAL D 157 -28.36 12.64 -25.89
CA VAL D 157 -27.36 11.80 -26.56
C VAL D 157 -26.14 11.73 -25.65
N LYS D 158 -25.72 10.51 -25.33
CA LYS D 158 -24.49 10.29 -24.57
C LYS D 158 -23.38 9.68 -25.40
N ALA D 159 -23.70 9.08 -26.55
CA ALA D 159 -22.70 8.48 -27.41
C ALA D 159 -22.10 9.53 -28.35
N GLY D 160 -20.81 9.37 -28.65
CA GLY D 160 -20.11 10.25 -29.57
C GLY D 160 -19.87 11.66 -29.09
N VAL D 161 -19.91 11.91 -27.79
CA VAL D 161 -19.65 13.24 -27.24
C VAL D 161 -18.27 13.25 -26.60
N GLU D 162 -17.50 14.30 -26.88
CA GLU D 162 -16.19 14.52 -26.31
C GLU D 162 -16.10 15.97 -25.86
N THR D 163 -15.86 16.19 -24.57
CA THR D 163 -15.91 17.52 -23.97
C THR D 163 -14.61 17.81 -23.23
N THR D 164 -14.08 19.02 -23.42
CA THR D 164 -12.87 19.42 -22.70
C THR D 164 -13.20 19.87 -21.29
N THR D 165 -12.22 19.74 -20.41
CA THR D 165 -12.33 20.40 -19.12
C THR D 165 -12.05 21.89 -19.29
N PRO D 166 -12.68 22.74 -18.49
CA PRO D 166 -12.52 24.18 -18.65
C PRO D 166 -11.07 24.62 -18.50
N SER D 167 -10.71 25.66 -19.25
CA SER D 167 -9.37 26.23 -19.18
C SER D 167 -9.47 27.74 -19.10
N LYS D 168 -8.51 28.34 -18.41
CA LYS D 168 -8.52 29.77 -18.15
C LYS D 168 -8.06 30.53 -19.38
N GLN D 169 -8.93 31.38 -19.92
CA GLN D 169 -8.54 32.25 -21.02
C GLN D 169 -7.57 33.32 -20.51
N SER D 170 -7.13 34.19 -21.42
CA SER D 170 -6.24 35.29 -21.07
C SER D 170 -6.96 36.44 -20.37
N ASN D 171 -8.21 36.24 -19.93
CA ASN D 171 -8.97 37.29 -19.25
C ASN D 171 -9.56 36.82 -17.93
N ASN D 172 -8.99 35.75 -17.33
CA ASN D 172 -9.41 35.08 -16.10
C ASN D 172 -10.79 34.41 -16.20
N LYS D 173 -11.49 34.52 -17.32
CA LYS D 173 -12.66 33.70 -17.56
C LYS D 173 -12.24 32.38 -18.20
N TYR D 174 -13.19 31.47 -18.34
CA TYR D 174 -12.90 30.11 -18.77
C TYR D 174 -13.55 29.81 -20.11
N ALA D 175 -12.92 28.90 -20.86
CA ALA D 175 -13.43 28.40 -22.12
C ALA D 175 -13.48 26.88 -22.07
N ALA D 176 -14.40 26.30 -22.85
CA ALA D 176 -14.50 24.86 -22.99
C ALA D 176 -15.11 24.56 -24.34
N SER D 177 -15.02 23.30 -24.75
CA SER D 177 -15.52 22.84 -26.04
C SER D 177 -16.13 21.46 -25.89
N SER D 178 -17.17 21.21 -26.69
CA SER D 178 -17.81 19.89 -26.74
C SER D 178 -18.13 19.56 -28.19
N TYR D 179 -17.83 18.32 -28.58
CA TYR D 179 -18.05 17.86 -29.95
C TYR D 179 -19.00 16.67 -29.94
N LEU D 180 -19.93 16.65 -30.91
CA LEU D 180 -20.83 15.52 -31.11
C LEU D 180 -20.56 14.95 -32.49
N SER D 181 -20.08 13.70 -32.54
CA SER D 181 -19.79 13.03 -33.81
C SER D 181 -20.95 12.10 -34.13
N LEU D 182 -21.50 12.23 -35.34
CA LEU D 182 -22.56 11.33 -35.79
C LEU D 182 -22.42 11.10 -37.28
N THR D 183 -23.12 10.08 -37.75
CA THR D 183 -23.16 9.80 -39.18
C THR D 183 -23.93 10.91 -39.89
N PRO D 184 -23.64 11.16 -41.16
CA PRO D 184 -24.43 12.15 -41.90
C PRO D 184 -25.90 11.80 -41.97
N GLU D 185 -26.24 10.51 -41.97
CA GLU D 185 -27.65 10.11 -41.94
C GLU D 185 -28.32 10.56 -40.65
N GLN D 186 -27.64 10.40 -39.51
CA GLN D 186 -28.21 10.83 -38.23
C GLN D 186 -28.39 12.34 -38.20
N TRP D 187 -27.46 13.08 -38.81
CA TRP D 187 -27.58 14.53 -38.82
C TRP D 187 -28.79 14.98 -39.61
N LYS D 188 -29.12 14.27 -40.69
CA LYS D 188 -30.19 14.68 -41.58
C LYS D 188 -31.52 14.02 -41.28
N SER D 189 -31.53 12.87 -40.61
CA SER D 189 -32.78 12.18 -40.29
C SER D 189 -33.47 12.73 -39.05
N HIS D 190 -32.83 13.65 -38.33
CA HIS D 190 -33.45 14.30 -37.17
C HIS D 190 -33.77 15.75 -37.51
N ARG D 191 -34.74 16.31 -36.79
CA ARG D 191 -35.15 17.68 -37.09
C ARG D 191 -34.21 18.71 -36.46
N SER D 192 -33.53 18.37 -35.35
CA SER D 192 -32.62 19.31 -34.73
C SER D 192 -31.75 18.60 -33.71
N TYR D 193 -30.57 19.17 -33.46
CA TYR D 193 -29.69 18.77 -32.37
C TYR D 193 -29.42 19.99 -31.50
N SER D 194 -29.16 19.73 -30.22
CA SER D 194 -28.99 20.83 -29.26
C SER D 194 -27.78 20.61 -28.38
N CYS D 195 -27.07 21.70 -28.11
CA CYS D 195 -25.99 21.75 -27.13
C CYS D 195 -26.50 22.51 -25.91
N GLN D 196 -26.58 21.83 -24.77
CA GLN D 196 -27.09 22.43 -23.54
C GLN D 196 -25.96 22.62 -22.53
N VAL D 197 -25.79 23.86 -22.08
CA VAL D 197 -24.69 24.22 -21.18
C VAL D 197 -25.28 24.76 -19.87
N THR D 198 -25.03 24.05 -18.78
CA THR D 198 -25.46 24.50 -17.45
C THR D 198 -24.27 25.09 -16.71
N HIS D 199 -24.46 26.27 -16.13
CA HIS D 199 -23.38 26.97 -15.43
C HIS D 199 -23.99 27.77 -14.29
N GLU D 200 -23.76 27.30 -13.07
CA GLU D 200 -24.25 27.98 -11.86
C GLU D 200 -25.77 28.12 -11.90
N GLY D 201 -26.45 27.02 -12.17
CA GLY D 201 -27.90 26.97 -12.10
C GLY D 201 -28.65 27.58 -13.26
N SER D 202 -27.95 28.07 -14.28
CA SER D 202 -28.58 28.62 -15.46
C SER D 202 -28.14 27.82 -16.69
N THR D 203 -29.03 27.73 -17.66
CA THR D 203 -28.83 26.89 -18.83
C THR D 203 -28.90 27.75 -20.09
N VAL D 204 -27.92 27.58 -20.97
CA VAL D 204 -27.94 28.17 -22.29
C VAL D 204 -27.98 27.03 -23.30
N GLU D 205 -29.06 26.95 -24.07
CA GLU D 205 -29.24 25.87 -25.02
C GLU D 205 -29.29 26.44 -26.44
N LYS D 206 -28.31 26.06 -27.26
CA LYS D 206 -28.30 26.38 -28.67
C LYS D 206 -28.74 25.15 -29.46
N THR D 207 -29.41 25.39 -30.59
CA THR D 207 -29.96 24.32 -31.42
C THR D 207 -29.68 24.61 -32.89
N VAL D 208 -29.28 23.57 -33.63
CA VAL D 208 -29.12 23.67 -35.07
C VAL D 208 -29.93 22.57 -35.74
N ALA D 209 -30.37 22.84 -36.97
CA ALA D 209 -31.17 21.94 -37.76
C ALA D 209 -30.51 21.69 -39.12
N PRO D 210 -30.72 20.52 -39.72
CA PRO D 210 -30.13 20.27 -41.05
C PRO D 210 -30.68 21.17 -42.14
N THR D 211 -31.92 21.64 -42.01
CA THR D 211 -32.52 22.54 -43.00
C THR D 211 -32.02 23.97 -42.76
N GLU D 212 -30.72 24.17 -43.01
CA GLU D 212 -30.11 25.48 -42.88
C GLU D 212 -29.17 25.76 -44.05
N SER E 1 18.35 -0.82 4.80
CA SER E 1 18.04 0.33 3.96
C SER E 1 18.96 0.40 2.76
N GLN E 2 19.54 1.58 2.55
CA GLN E 2 20.45 1.82 1.43
C GLN E 2 21.63 2.62 1.95
N CYS E 3 22.82 2.05 1.82
CA CYS E 3 24.02 2.69 2.35
C CYS E 3 24.34 3.96 1.58
N VAL E 4 24.79 4.97 2.32
CA VAL E 4 25.33 6.18 1.71
C VAL E 4 26.77 5.93 1.30
N ASN E 5 27.11 6.28 0.07
CA ASN E 5 28.44 6.06 -0.49
C ASN E 5 29.32 7.29 -0.34
N PHE E 6 30.60 7.06 -0.07
CA PHE E 6 31.59 8.13 0.09
C PHE E 6 32.74 7.87 -0.87
N THR E 7 33.09 8.90 -1.66
CA THR E 7 34.14 8.72 -2.65
C THR E 7 35.53 8.86 -2.03
N THR E 8 35.67 9.64 -0.96
CA THR E 8 36.96 9.84 -0.28
C THR E 8 36.88 9.24 1.13
N ARG E 9 37.51 8.07 1.32
CA ARG E 9 37.47 7.29 2.55
C ARG E 9 38.88 7.30 3.15
N THR E 10 39.02 7.84 4.35
CA THR E 10 40.29 7.80 5.07
C THR E 10 39.98 7.47 6.52
N GLN E 11 41.03 7.19 7.28
CA GLN E 11 40.90 7.02 8.72
C GLN E 11 42.14 7.60 9.38
N LEU E 12 41.92 8.22 10.54
CA LEU E 12 43.01 8.84 11.26
C LEU E 12 43.99 7.77 11.76
N PRO E 13 45.27 8.11 11.87
CA PRO E 13 46.25 7.16 12.42
C PRO E 13 45.91 6.82 13.86
N PRO E 14 46.12 5.57 14.27
CA PRO E 14 45.89 5.21 15.67
C PRO E 14 46.95 5.81 16.57
N ALA E 15 46.60 5.94 17.85
CA ALA E 15 47.49 6.44 18.88
C ALA E 15 47.38 5.54 20.11
N TYR E 16 48.42 5.57 20.95
CA TYR E 16 48.50 4.68 22.10
C TYR E 16 48.55 5.49 23.40
N THR E 17 47.86 4.97 24.42
CA THR E 17 47.96 5.47 25.78
C THR E 17 48.19 4.28 26.70
N ASN E 18 47.63 4.33 27.91
CA ASN E 18 47.87 3.31 28.90
C ASN E 18 46.59 3.14 29.72
N SER E 19 46.33 1.91 30.16
CA SER E 19 45.10 1.61 30.87
C SER E 19 45.07 2.14 32.30
N PHE E 20 46.21 2.63 32.82
CA PHE E 20 46.30 3.05 34.21
C PHE E 20 45.86 1.91 35.12
N THR E 21 44.74 2.05 35.82
CA THR E 21 44.20 1.00 36.68
C THR E 21 42.70 0.82 36.48
N ARG E 22 42.21 1.09 35.28
CA ARG E 22 40.78 0.99 34.98
C ARG E 22 40.42 -0.41 34.49
N GLY E 23 39.12 -0.62 34.27
CA GLY E 23 38.64 -1.88 33.72
C GLY E 23 38.21 -2.92 34.73
N VAL E 24 38.35 -2.65 36.02
CA VAL E 24 37.93 -3.61 37.04
C VAL E 24 36.42 -3.69 37.08
N TYR E 25 35.89 -4.90 37.22
CA TYR E 25 34.45 -5.10 37.25
C TYR E 25 34.10 -6.13 38.32
N TYR E 26 32.80 -6.26 38.56
CA TYR E 26 32.29 -7.22 39.53
C TYR E 26 32.14 -8.57 38.84
N PRO E 27 32.92 -9.58 39.21
CA PRO E 27 32.86 -10.84 38.44
C PRO E 27 31.58 -11.59 38.73
N ASP E 28 31.22 -11.73 40.00
CA ASP E 28 29.96 -12.34 40.39
C ASP E 28 29.03 -11.26 40.93
N LYS E 29 27.76 -11.62 41.09
CA LYS E 29 26.74 -10.70 41.61
C LYS E 29 26.49 -10.95 43.09
N VAL E 30 27.55 -11.20 43.84
CA VAL E 30 27.44 -11.59 45.24
C VAL E 30 27.76 -10.39 46.12
N PHE E 31 26.86 -10.10 47.06
CA PHE E 31 27.10 -9.01 47.99
C PHE E 31 28.26 -9.37 48.92
N ARG E 32 29.29 -8.54 48.90
CA ARG E 32 30.50 -8.75 49.68
C ARG E 32 30.78 -7.47 50.46
N SER E 33 30.99 -7.59 51.77
CA SER E 33 31.14 -6.41 52.62
C SER E 33 32.39 -6.55 53.46
N SER E 34 33.29 -5.56 53.36
CA SER E 34 34.47 -5.43 54.19
C SER E 34 35.32 -6.71 54.17
N VAL E 35 35.82 -7.05 52.99
CA VAL E 35 36.60 -8.27 52.81
C VAL E 35 37.36 -8.17 51.49
N LEU E 36 38.48 -8.87 51.42
CA LEU E 36 39.27 -9.03 50.19
C LEU E 36 38.94 -10.36 49.53
N HIS E 37 38.57 -10.30 48.24
CA HIS E 37 38.15 -11.48 47.48
C HIS E 37 39.03 -11.62 46.26
N SER E 38 39.41 -12.87 45.96
CA SER E 38 40.27 -13.19 44.83
C SER E 38 39.53 -14.08 43.84
N THR E 39 39.55 -13.67 42.56
CA THR E 39 38.94 -14.45 41.49
C THR E 39 39.88 -14.42 40.28
N GLN E 40 39.80 -15.48 39.47
CA GLN E 40 40.54 -15.57 38.21
C GLN E 40 39.54 -15.45 37.08
N ASP E 41 39.47 -14.28 36.46
CA ASP E 41 38.59 -14.02 35.33
C ASP E 41 39.36 -13.29 34.25
N LEU E 42 38.67 -12.82 33.21
CA LEU E 42 39.29 -12.02 32.16
C LEU E 42 39.26 -10.57 32.63
N PHE E 43 40.41 -10.06 33.05
CA PHE E 43 40.54 -8.68 33.49
C PHE E 43 41.48 -7.92 32.57
N LEU E 44 41.35 -6.59 32.61
CA LEU E 44 42.28 -5.72 31.92
C LEU E 44 43.49 -5.51 32.82
N PRO E 45 44.66 -6.02 32.45
CA PRO E 45 45.82 -5.92 33.34
C PRO E 45 46.19 -4.46 33.59
N PHE E 46 46.69 -4.21 34.80
CA PHE E 46 47.08 -2.84 35.15
C PHE E 46 48.19 -2.36 34.23
N PHE E 47 48.07 -1.10 33.80
CA PHE E 47 49.09 -0.46 32.97
C PHE E 47 49.27 -1.22 31.65
N SER E 48 48.15 -1.55 31.02
CA SER E 48 48.16 -2.22 29.73
C SER E 48 48.21 -1.20 28.60
N ASN E 49 48.73 -1.66 27.45
CA ASN E 49 48.68 -0.85 26.24
C ASN E 49 47.23 -0.60 25.85
N VAL E 50 46.93 0.65 25.49
CA VAL E 50 45.59 1.05 25.09
C VAL E 50 45.72 1.87 23.81
N THR E 51 44.98 1.46 22.77
CA THR E 51 44.90 2.23 21.54
C THR E 51 43.68 3.13 21.59
N TRP E 52 43.82 4.37 21.11
CA TRP E 52 42.70 5.29 21.14
C TRP E 52 42.59 6.06 19.83
N PHE E 53 41.37 6.21 19.36
CA PHE E 53 41.01 6.87 18.12
C PHE E 53 40.06 8.02 18.39
N HIS E 54 39.62 8.67 17.32
CA HIS E 54 38.66 9.76 17.38
C HIS E 54 37.47 9.44 16.51
N ALA E 55 36.30 9.90 16.94
CA ALA E 55 35.06 9.77 16.19
C ALA E 55 34.68 11.16 15.70
N ILE E 56 34.98 11.44 14.44
CA ILE E 56 34.64 12.73 13.86
C ILE E 56 33.15 12.78 13.58
N HIS E 57 32.45 13.71 14.24
CA HIS E 57 31.00 13.83 14.20
C HIS E 57 30.52 15.03 13.40
N VAL E 58 31.42 15.73 12.69
CA VAL E 58 31.03 16.91 11.94
C VAL E 58 32.02 17.10 10.80
N SER E 59 31.54 17.66 9.69
CA SER E 59 32.32 17.82 8.47
C SER E 59 32.30 19.29 8.06
N GLY E 60 33.45 19.95 8.20
CA GLY E 60 33.57 21.36 7.86
C GLY E 60 35.00 21.77 7.58
N GLY E 63 35.40 19.91 2.84
CA GLY E 63 34.62 19.18 3.83
C GLY E 63 33.87 17.98 3.27
N THR E 64 34.46 17.29 2.29
CA THR E 64 33.84 16.13 1.68
C THR E 64 34.68 14.87 1.88
N LYS E 65 35.33 14.75 3.03
CA LYS E 65 36.15 13.59 3.38
C LYS E 65 35.44 12.81 4.47
N ARG E 66 35.24 11.53 4.22
CA ARG E 66 34.62 10.62 5.18
C ARG E 66 35.72 9.91 5.96
N PHE E 67 35.82 10.21 7.26
CA PHE E 67 36.77 9.54 8.15
C PHE E 67 36.07 8.35 8.79
N ALA E 68 36.60 7.15 8.53
CA ALA E 68 35.97 5.91 8.94
C ALA E 68 36.62 5.34 10.20
N ASN E 69 35.81 4.66 11.00
CA ASN E 69 36.32 3.96 12.17
C ASN E 69 36.94 2.62 11.75
N PRO E 70 38.04 2.22 12.38
CA PRO E 70 38.71 0.98 11.96
C PRO E 70 38.10 -0.25 12.61
N VAL E 71 38.26 -1.38 11.92
CA VAL E 71 37.85 -2.68 12.45
C VAL E 71 38.99 -3.20 13.33
N LEU E 72 38.68 -3.43 14.61
CA LEU E 72 39.71 -3.81 15.56
C LEU E 72 39.54 -5.27 15.99
N PRO E 73 40.61 -5.93 16.42
CA PRO E 73 40.45 -7.28 16.96
C PRO E 73 39.67 -7.27 18.27
N PHE E 74 39.08 -8.43 18.57
CA PHE E 74 38.38 -8.64 19.84
C PHE E 74 39.23 -9.42 20.83
N ASN E 75 40.05 -10.35 20.36
CA ASN E 75 40.93 -11.18 21.20
C ASN E 75 40.04 -11.93 22.19
N ASP E 76 40.36 -11.93 23.49
CA ASP E 76 39.54 -12.59 24.50
C ASP E 76 38.55 -11.66 25.16
N GLY E 77 38.48 -10.41 24.74
CA GLY E 77 37.61 -9.42 25.33
C GLY E 77 38.23 -8.05 25.21
N VAL E 78 37.40 -7.02 25.33
CA VAL E 78 37.88 -5.66 25.18
C VAL E 78 37.40 -4.79 26.34
N TYR E 79 38.25 -3.85 26.72
CA TYR E 79 37.84 -2.71 27.55
C TYR E 79 37.62 -1.53 26.60
N PHE E 80 36.40 -1.04 26.55
CA PHE E 80 36.05 0.09 25.68
C PHE E 80 35.65 1.27 26.55
N ALA E 81 36.27 2.42 26.30
CA ALA E 81 35.93 3.64 27.02
C ALA E 81 35.85 4.78 26.02
N SER E 82 35.01 5.76 26.32
CA SER E 82 34.86 6.93 25.48
C SER E 82 34.76 8.17 26.35
N THR E 83 35.37 9.26 25.89
CA THR E 83 35.34 10.55 26.56
C THR E 83 34.74 11.57 25.59
N GLU E 84 33.48 11.90 25.79
CA GLU E 84 32.79 12.85 24.92
C GLU E 84 31.80 13.67 25.75
N LYS E 85 31.48 14.86 25.24
CA LYS E 85 30.47 15.71 25.88
C LYS E 85 29.06 15.22 25.54
N SER E 86 28.64 15.41 24.29
CA SER E 86 27.40 14.84 23.76
C SER E 86 27.64 13.42 23.27
N ASN E 87 26.58 12.60 23.28
CA ASN E 87 26.71 11.15 23.05
C ASN E 87 27.05 10.90 21.58
N ILE E 88 28.35 10.97 21.29
CA ILE E 88 28.82 10.72 19.94
C ILE E 88 28.94 9.22 19.67
N ILE E 89 29.48 8.46 20.62
CA ILE E 89 29.62 7.02 20.43
C ILE E 89 28.25 6.37 20.61
N ARG E 90 27.80 5.66 19.57
CA ARG E 90 26.47 5.07 19.57
C ARG E 90 26.44 3.56 19.76
N GLY E 91 27.48 2.84 19.35
CA GLY E 91 27.45 1.40 19.54
C GLY E 91 28.57 0.74 18.77
N TRP E 92 28.43 -0.58 18.62
CA TRP E 92 29.44 -1.40 17.96
C TRP E 92 28.76 -2.52 17.19
N ILE E 93 29.50 -3.06 16.21
CA ILE E 93 29.14 -4.30 15.54
C ILE E 93 30.23 -5.33 15.83
N PHE E 94 29.81 -6.55 16.15
CA PHE E 94 30.72 -7.61 16.53
C PHE E 94 30.50 -8.83 15.64
N GLY E 95 31.57 -9.57 15.39
CA GLY E 95 31.47 -10.76 14.57
C GLY E 95 32.85 -11.23 14.14
N THR E 96 32.84 -12.07 13.10
CA THR E 96 34.06 -12.59 12.51
C THR E 96 34.25 -12.01 11.12
N THR E 97 33.53 -12.56 10.14
CA THR E 97 33.64 -12.05 8.78
C THR E 97 32.92 -10.73 8.58
N LEU E 98 31.97 -10.39 9.45
CA LEU E 98 31.20 -9.15 9.35
C LEU E 98 30.52 -8.99 7.98
N ASP E 99 30.11 -10.12 7.39
CA ASP E 99 29.33 -10.09 6.17
C ASP E 99 28.16 -11.07 6.31
N SER E 100 27.43 -11.31 5.21
CA SER E 100 26.26 -12.18 5.25
C SER E 100 26.60 -13.66 5.42
N LYS E 101 27.88 -14.03 5.38
CA LYS E 101 28.26 -15.43 5.50
C LYS E 101 28.18 -15.94 6.93
N THR E 102 28.24 -15.06 7.92
CA THR E 102 28.19 -15.44 9.32
C THR E 102 27.23 -14.52 10.07
N GLN E 103 26.90 -14.92 11.29
CA GLN E 103 26.10 -14.05 12.14
C GLN E 103 26.98 -12.93 12.69
N SER E 104 26.34 -11.84 13.07
CA SER E 104 27.04 -10.66 13.58
C SER E 104 26.18 -9.98 14.63
N LEU E 105 26.82 -9.51 15.69
CA LEU E 105 26.13 -8.79 16.75
C LEU E 105 26.11 -7.31 16.45
N LEU E 106 24.97 -6.67 16.68
CA LEU E 106 24.80 -5.24 16.47
C LEU E 106 24.18 -4.65 17.73
N ILE E 107 24.94 -3.80 18.41
CA ILE E 107 24.47 -3.09 19.59
C ILE E 107 24.53 -1.62 19.24
N VAL E 108 23.37 -1.01 18.99
CA VAL E 108 23.31 0.38 18.60
C VAL E 108 22.30 1.10 19.49
N ASN E 109 22.53 2.40 19.68
CA ASN E 109 21.70 3.23 20.54
C ASN E 109 21.19 4.40 19.71
N ASN E 110 20.04 4.22 19.08
CA ASN E 110 19.42 5.38 18.48
C ASN E 110 18.69 6.18 19.58
N ALA E 111 18.23 7.38 19.22
CA ALA E 111 17.77 8.31 20.25
C ALA E 111 16.61 7.74 21.07
N THR E 112 15.74 6.93 20.45
CA THR E 112 14.56 6.41 21.16
C THR E 112 14.96 5.35 22.19
N ASN E 113 15.67 4.30 21.77
CA ASN E 113 16.06 3.21 22.65
C ASN E 113 17.30 2.50 22.12
N VAL E 114 17.73 1.49 22.87
CA VAL E 114 18.88 0.65 22.53
C VAL E 114 18.39 -0.57 21.77
N VAL E 115 19.12 -0.94 20.73
CA VAL E 115 18.74 -2.05 19.85
C VAL E 115 19.88 -3.04 19.80
N ILE E 116 19.55 -4.31 20.02
CA ILE E 116 20.51 -5.41 20.01
C ILE E 116 19.96 -6.48 19.07
N LYS E 117 20.66 -6.75 17.98
CA LYS E 117 20.19 -7.71 17.00
C LYS E 117 21.37 -8.56 16.54
N VAL E 118 21.08 -9.83 16.24
CA VAL E 118 22.05 -10.78 15.72
C VAL E 118 21.45 -11.39 14.46
N CYS E 119 22.02 -11.03 13.30
CA CYS E 119 21.54 -11.50 12.00
C CYS E 119 22.74 -11.85 11.12
N GLU E 120 22.43 -12.26 9.89
CA GLU E 120 23.42 -12.32 8.83
C GLU E 120 23.42 -10.97 8.11
N PHE E 121 24.02 -9.99 8.77
CA PHE E 121 24.06 -8.63 8.24
C PHE E 121 24.98 -8.53 7.05
N GLN E 122 24.59 -7.73 6.07
CA GLN E 122 25.47 -7.23 5.03
C GLN E 122 25.71 -5.75 5.35
N PHE E 123 26.74 -5.49 6.15
CA PHE E 123 27.00 -4.15 6.65
C PHE E 123 27.41 -3.21 5.52
N CYS E 124 27.16 -1.91 5.76
CA CYS E 124 27.62 -0.89 4.84
C CYS E 124 29.12 -0.69 4.95
N ASN E 125 29.71 -0.16 3.90
CA ASN E 125 31.13 0.21 3.95
C ASN E 125 31.38 1.29 4.99
N ASP E 126 30.51 2.31 5.02
CA ASP E 126 30.59 3.38 6.02
C ASP E 126 29.28 3.42 6.79
N PRO E 127 29.15 2.67 7.87
CA PRO E 127 27.94 2.77 8.70
C PRO E 127 27.69 4.20 9.13
N PHE E 128 26.48 4.68 8.84
CA PHE E 128 26.13 6.08 9.01
C PHE E 128 24.99 6.24 10.00
N LEU E 129 25.09 7.26 10.85
CA LEU E 129 24.02 7.66 11.74
C LEU E 129 23.98 9.18 11.70
N GLY E 130 22.85 9.75 11.27
CA GLY E 130 22.75 11.19 11.03
C GLY E 130 21.74 11.87 11.93
N VAL E 131 22.04 13.13 12.28
CA VAL E 131 21.12 14.03 12.95
C VAL E 131 21.09 15.34 12.18
N TYR E 132 19.97 16.04 12.27
CA TYR E 132 19.86 17.40 11.75
C TYR E 132 19.14 18.25 12.78
N TYR E 133 19.45 19.54 12.77
CA TYR E 133 18.93 20.46 13.78
C TYR E 133 17.58 21.01 13.30
N HIS E 134 16.55 20.82 14.12
CA HIS E 134 15.22 21.34 13.83
C HIS E 134 15.13 22.74 14.42
N LYS E 135 15.33 23.75 13.56
CA LYS E 135 15.41 25.13 14.04
C LYS E 135 14.10 25.60 14.67
N ASN E 136 12.97 25.10 14.16
CA ASN E 136 11.66 25.52 14.66
C ASN E 136 11.30 24.86 15.98
N ASN E 137 11.98 23.78 16.35
CA ASN E 137 11.83 23.17 17.66
C ASN E 137 13.05 23.38 18.55
N LYS E 138 14.13 23.94 18.02
CA LYS E 138 15.36 24.16 18.78
C LYS E 138 15.83 22.85 19.41
N SER E 139 15.99 21.83 18.56
CA SER E 139 16.31 20.50 19.03
C SER E 139 16.89 19.69 17.87
N TRP E 140 17.75 18.74 18.21
CA TRP E 140 18.30 17.82 17.23
C TRP E 140 17.36 16.63 17.07
N MET E 141 17.24 16.13 15.84
CA MET E 141 16.45 14.96 15.56
C MET E 141 17.25 14.06 14.64
N GLU E 142 17.50 12.83 15.06
CA GLU E 142 18.20 11.90 14.20
C GLU E 142 17.22 11.23 13.26
N SER E 143 17.51 11.31 11.96
CA SER E 143 16.61 10.80 10.94
C SER E 143 17.32 9.93 9.91
N GLU E 144 18.61 9.64 10.10
CA GLU E 144 19.36 8.80 9.18
C GLU E 144 19.95 7.62 9.95
N PHE E 145 19.64 6.41 9.49
CA PHE E 145 20.18 5.18 10.06
C PHE E 145 20.49 4.26 8.88
N ARG E 146 21.76 4.24 8.48
CA ARG E 146 22.22 3.45 7.33
C ARG E 146 23.45 2.66 7.76
N VAL E 147 23.21 1.57 8.50
CA VAL E 147 24.27 0.75 9.03
C VAL E 147 24.45 -0.55 8.24
N TYR E 148 23.35 -1.17 7.80
CA TYR E 148 23.43 -2.43 7.07
C TYR E 148 22.46 -2.39 5.90
N SER E 149 22.86 -3.02 4.79
CA SER E 149 22.02 -3.12 3.62
C SER E 149 21.10 -4.33 3.64
N SER E 150 21.45 -5.38 4.39
CA SER E 150 20.64 -6.59 4.49
C SER E 150 20.73 -7.14 5.90
N ALA E 151 19.69 -7.86 6.32
CA ALA E 151 19.66 -8.48 7.64
C ALA E 151 18.68 -9.65 7.57
N ASN E 152 19.21 -10.85 7.40
CA ASN E 152 18.38 -12.03 7.23
C ASN E 152 18.79 -13.10 8.22
N ASN E 153 17.89 -14.08 8.40
CA ASN E 153 18.13 -15.24 9.25
C ASN E 153 18.59 -14.83 10.65
N CYS E 154 17.86 -13.89 11.24
CA CYS E 154 18.22 -13.35 12.55
C CYS E 154 17.96 -14.37 13.65
N THR E 155 18.84 -14.39 14.65
CA THR E 155 18.73 -15.30 15.79
C THR E 155 18.47 -14.58 17.10
N PHE E 156 18.58 -13.26 17.14
CA PHE E 156 18.41 -12.51 18.39
C PHE E 156 17.93 -11.10 18.06
N GLU E 157 16.98 -10.60 18.86
CA GLU E 157 16.51 -9.23 18.73
C GLU E 157 16.13 -8.71 20.11
N TYR E 158 16.56 -7.48 20.42
CA TYR E 158 16.25 -6.84 21.68
C TYR E 158 16.10 -5.35 21.44
N VAL E 159 14.94 -4.81 21.80
CA VAL E 159 14.69 -3.37 21.72
C VAL E 159 14.21 -2.92 23.08
N SER E 160 14.97 -2.01 23.71
CA SER E 160 14.63 -1.52 25.03
C SER E 160 13.44 -0.56 24.97
N GLN E 161 12.95 -0.19 26.15
CA GLN E 161 11.85 0.75 26.24
C GLN E 161 12.29 2.12 25.73
N PRO E 162 11.37 2.89 25.13
CA PRO E 162 11.76 4.16 24.53
C PRO E 162 12.22 5.17 25.57
N PHE E 163 13.11 6.07 25.14
CA PHE E 163 13.53 7.19 25.96
C PHE E 163 13.89 8.35 25.03
N LEU E 164 14.40 9.44 25.61
CA LEU E 164 14.85 10.59 24.86
C LEU E 164 16.29 10.91 25.27
N MET E 165 17.23 10.66 24.36
CA MET E 165 18.64 10.91 24.62
C MET E 165 18.98 12.36 24.31
N ASP E 166 19.68 13.01 25.24
CA ASP E 166 20.06 14.41 25.08
C ASP E 166 21.12 14.52 24.00
N LEU E 167 20.76 15.14 22.88
CA LEU E 167 21.67 15.31 21.75
C LEU E 167 22.49 16.61 21.83
N PHE E 174 33.06 19.78 31.58
CA PHE E 174 32.27 18.60 31.87
C PHE E 174 32.19 17.66 30.66
N LYS E 175 33.15 16.74 30.56
CA LYS E 175 33.06 15.63 29.63
C LYS E 175 32.46 14.42 30.35
N ASN E 176 32.01 13.44 29.57
CA ASN E 176 31.48 12.20 30.13
C ASN E 176 32.44 11.04 29.85
N LEU E 177 32.60 10.17 30.84
CA LEU E 177 33.38 8.96 30.70
C LEU E 177 32.44 7.77 30.78
N ARG E 178 32.35 7.02 29.68
CA ARG E 178 31.53 5.83 29.61
C ARG E 178 32.45 4.65 29.32
N GLU E 179 32.46 3.66 30.21
CA GLU E 179 33.36 2.52 30.10
C GLU E 179 32.57 1.24 29.93
N PHE E 180 33.12 0.32 29.13
CA PHE E 180 32.49 -0.96 28.87
C PHE E 180 33.56 -2.04 28.89
N VAL E 181 33.17 -3.23 29.35
CA VAL E 181 33.99 -4.44 29.23
C VAL E 181 33.15 -5.49 28.53
N PHE E 182 33.65 -5.99 27.40
CA PHE E 182 32.93 -6.96 26.59
C PHE E 182 33.60 -8.32 26.71
N LYS E 183 32.81 -9.33 27.05
CA LYS E 183 33.31 -10.68 27.27
C LYS E 183 32.37 -11.67 26.60
N ASN E 184 32.93 -12.52 25.75
CA ASN E 184 32.16 -13.49 24.99
C ASN E 184 32.59 -14.89 25.43
N ILE E 185 31.91 -15.44 26.44
CA ILE E 185 32.30 -16.70 27.07
C ILE E 185 31.10 -17.62 27.15
N ASP E 186 31.27 -18.85 26.65
CA ASP E 186 30.26 -19.92 26.78
C ASP E 186 28.92 -19.52 26.18
N GLY E 187 28.96 -18.93 24.98
CA GLY E 187 27.75 -18.51 24.29
C GLY E 187 27.09 -17.27 24.82
N TYR E 188 27.64 -16.67 25.88
CA TYR E 188 27.10 -15.45 26.46
C TYR E 188 28.00 -14.26 26.16
N PHE E 189 27.40 -13.18 25.70
CA PHE E 189 28.08 -11.90 25.50
C PHE E 189 27.77 -11.06 26.72
N LYS E 190 28.72 -10.98 27.64
CA LYS E 190 28.56 -10.31 28.91
C LYS E 190 29.10 -8.88 28.82
N ILE E 191 28.32 -7.92 29.30
CA ILE E 191 28.67 -6.50 29.24
C ILE E 191 28.68 -5.94 30.65
N TYR E 192 29.65 -5.07 30.92
CA TYR E 192 29.74 -4.32 32.17
C TYR E 192 29.96 -2.86 31.83
N SER E 193 29.38 -1.95 32.62
CA SER E 193 29.41 -0.55 32.26
C SER E 193 29.57 0.32 33.50
N LYS E 194 30.01 1.56 33.27
CA LYS E 194 30.14 2.55 34.33
C LYS E 194 30.21 3.93 33.67
N HIS E 195 29.49 4.89 34.26
CA HIS E 195 29.44 6.26 33.76
C HIS E 195 29.82 7.20 34.89
N THR E 196 30.91 7.94 34.70
CA THR E 196 31.31 8.98 35.65
C THR E 196 31.58 10.27 34.90
N PRO E 197 31.18 11.42 35.44
CA PRO E 197 31.48 12.71 34.82
C PRO E 197 32.92 13.16 35.05
N ILE E 198 33.72 13.11 34.01
CA ILE E 198 35.14 13.44 34.13
C ILE E 198 35.35 14.93 33.85
N ASN E 199 36.43 15.48 34.40
CA ASN E 199 36.80 16.88 34.19
C ASN E 199 37.94 17.07 33.20
N LEU E 200 38.49 15.98 32.65
CA LEU E 200 39.67 16.09 31.81
C LEU E 200 39.30 16.63 30.43
N VAL E 201 40.27 17.28 29.79
CA VAL E 201 40.06 17.88 28.48
C VAL E 201 40.67 17.05 27.35
N ARG E 202 41.66 16.20 27.64
CA ARG E 202 42.27 15.37 26.60
C ARG E 202 42.85 14.11 27.24
N GLY E 203 42.51 12.96 26.68
CA GLY E 203 43.06 11.69 27.11
C GLY E 203 42.19 10.94 28.10
N LEU E 204 42.57 9.68 28.30
CA LEU E 204 41.88 8.84 29.28
C LEU E 204 42.25 9.29 30.69
N PRO E 205 41.29 9.37 31.62
CA PRO E 205 41.62 9.79 32.97
C PRO E 205 42.19 8.65 33.80
N GLN E 206 43.21 8.97 34.59
CA GLN E 206 43.81 8.00 35.51
C GLN E 206 42.92 7.86 36.75
N GLY E 207 42.68 6.63 37.16
CA GLY E 207 41.88 6.40 38.34
C GLY E 207 41.28 5.01 38.35
N PHE E 208 40.48 4.76 39.39
CA PHE E 208 39.85 3.47 39.62
C PHE E 208 38.34 3.63 39.69
N SER E 209 37.62 2.74 39.00
CA SER E 209 36.16 2.75 39.01
C SER E 209 35.67 1.38 38.58
N ALA E 210 35.00 0.68 39.48
CA ALA E 210 34.56 -0.69 39.21
C ALA E 210 33.32 -0.69 38.32
N LEU E 211 33.38 -1.44 37.23
CA LEU E 211 32.28 -1.51 36.28
C LEU E 211 31.23 -2.50 36.77
N GLU E 212 29.96 -2.07 36.74
CA GLU E 212 28.86 -2.90 37.20
C GLU E 212 28.29 -3.73 36.04
N PRO E 213 27.73 -4.90 36.35
CA PRO E 213 27.18 -5.78 35.30
C PRO E 213 25.98 -5.13 34.63
N LEU E 214 26.04 -5.01 33.31
CA LEU E 214 24.93 -4.42 32.54
C LEU E 214 23.95 -5.50 32.07
N VAL E 215 24.41 -6.40 31.20
CA VAL E 215 23.58 -7.47 30.68
C VAL E 215 24.49 -8.53 30.08
N ASP E 216 24.02 -9.78 30.06
CA ASP E 216 24.70 -10.85 29.35
C ASP E 216 23.73 -11.54 28.41
N LEU E 217 24.04 -11.51 27.11
CA LEU E 217 23.08 -11.92 26.09
C LEU E 217 23.42 -13.31 25.57
N PRO E 218 22.49 -14.28 25.58
CA PRO E 218 22.81 -15.61 25.03
C PRO E 218 22.86 -15.62 23.52
N ILE E 219 23.84 -14.94 22.92
CA ILE E 219 23.90 -14.83 21.46
C ILE E 219 24.49 -16.10 20.84
N GLY E 220 25.47 -16.72 21.48
CA GLY E 220 26.04 -17.96 20.98
C GLY E 220 26.78 -17.85 19.67
N ILE E 221 27.49 -16.75 19.44
CA ILE E 221 28.24 -16.55 18.20
C ILE E 221 29.70 -16.37 18.53
N ASN E 222 30.52 -16.45 17.49
CA ASN E 222 31.97 -16.29 17.58
C ASN E 222 32.32 -14.86 17.18
N ILE E 223 33.15 -14.21 17.99
CA ILE E 223 33.50 -12.80 17.76
C ILE E 223 35.01 -12.68 17.77
N THR E 224 35.59 -12.20 16.66
CA THR E 224 37.00 -11.96 16.55
C THR E 224 37.36 -10.53 16.14
N ARG E 225 36.40 -9.76 15.61
CA ARG E 225 36.61 -8.37 15.23
C ARG E 225 35.41 -7.55 15.66
N PHE E 226 35.57 -6.23 15.68
CA PHE E 226 34.47 -5.32 15.96
C PHE E 226 34.79 -3.94 15.40
N GLN E 227 33.75 -3.11 15.30
CA GLN E 227 33.87 -1.77 14.77
C GLN E 227 32.94 -0.84 15.55
N THR E 228 33.36 0.41 15.71
CA THR E 228 32.61 1.38 16.48
C THR E 228 31.70 2.19 15.57
N LEU E 229 30.49 2.47 16.04
CA LEU E 229 29.51 3.27 15.31
C LEU E 229 29.36 4.62 16.00
N HIS E 230 29.43 5.69 15.21
CA HIS E 230 29.29 7.03 15.78
C HIS E 230 28.20 7.80 15.04
N ILE E 231 27.92 8.98 15.53
CA ILE E 231 26.88 9.85 15.00
C ILE E 231 27.52 10.93 14.16
N SER E 232 26.80 11.38 13.13
CA SER E 232 27.24 12.47 12.27
C SER E 232 26.24 13.60 12.42
N TYR E 233 26.75 14.79 12.67
CA TYR E 233 25.92 15.98 12.83
C TYR E 233 25.87 16.69 11.48
N LEU E 234 24.73 16.57 10.81
CA LEU E 234 24.55 17.25 9.52
C LEU E 234 24.34 18.74 9.76
N THR E 235 25.20 19.55 9.15
CA THR E 235 25.20 21.00 9.32
C THR E 235 25.08 21.69 7.97
N PRO E 236 24.45 22.87 7.91
CA PRO E 236 24.33 23.57 6.62
C PRO E 236 25.66 24.08 6.07
N GLY E 237 26.42 24.80 6.89
CA GLY E 237 27.71 25.30 6.46
C GLY E 237 27.66 26.68 5.85
N ALA E 245 34.73 21.02 16.51
CA ALA E 245 36.12 20.61 16.53
C ALA E 245 36.42 19.72 17.74
N GLY E 246 35.51 19.72 18.70
CA GLY E 246 35.66 18.90 19.90
C GLY E 246 35.10 17.51 19.73
N ALA E 247 35.79 16.68 18.95
CA ALA E 247 35.30 15.35 18.64
C ALA E 247 35.47 14.41 19.82
N ALA E 248 34.79 13.26 19.74
CA ALA E 248 34.89 12.23 20.76
C ALA E 248 36.16 11.41 20.58
N ALA E 249 36.54 10.71 21.65
CA ALA E 249 37.69 9.83 21.64
C ALA E 249 37.31 8.54 22.37
N TYR E 250 37.65 7.40 21.78
CA TYR E 250 37.40 6.13 22.42
C TYR E 250 38.71 5.35 22.59
N TYR E 251 38.72 4.47 23.59
CA TYR E 251 39.92 3.78 24.04
C TYR E 251 39.64 2.28 24.10
N VAL E 252 40.60 1.48 23.63
CA VAL E 252 40.41 0.03 23.51
C VAL E 252 41.58 -0.69 24.17
N GLY E 253 41.28 -1.53 25.16
CA GLY E 253 42.26 -2.41 25.74
C GLY E 253 41.75 -3.84 25.73
N TYR E 254 42.66 -4.79 25.93
CA TYR E 254 42.34 -6.19 25.78
C TYR E 254 42.48 -6.94 27.10
N LEU E 255 41.50 -7.81 27.37
CA LEU E 255 41.46 -8.60 28.58
C LEU E 255 42.38 -9.82 28.47
N GLN E 256 42.85 -10.28 29.62
CA GLN E 256 43.70 -11.46 29.72
C GLN E 256 43.29 -12.25 30.96
N PRO E 257 43.54 -13.57 30.96
CA PRO E 257 43.27 -14.36 32.18
C PRO E 257 44.21 -13.99 33.31
N ARG E 258 43.70 -13.29 34.32
CA ARG E 258 44.50 -12.82 35.43
C ARG E 258 43.80 -13.13 36.76
N THR E 259 44.61 -13.25 37.82
CA THR E 259 44.09 -13.36 39.18
C THR E 259 44.11 -11.98 39.83
N PHE E 260 42.95 -11.52 40.26
CA PHE E 260 42.82 -10.21 40.88
C PHE E 260 42.37 -10.36 42.32
N LEU E 261 42.84 -9.45 43.17
CA LEU E 261 42.45 -9.40 44.57
C LEU E 261 41.58 -8.15 44.74
N LEU E 262 40.29 -8.35 44.97
CA LEU E 262 39.31 -7.27 44.95
C LEU E 262 38.95 -6.85 46.38
N LYS E 263 38.81 -5.54 46.60
CA LYS E 263 38.50 -4.99 47.91
C LYS E 263 37.10 -4.41 47.92
N TYR E 264 36.23 -4.97 48.76
CA TYR E 264 34.88 -4.45 48.96
C TYR E 264 34.82 -3.64 50.26
N ASN E 265 34.10 -2.52 50.22
CA ASN E 265 33.91 -1.73 51.43
C ASN E 265 32.71 -2.29 52.19
N GLU E 266 32.26 -1.59 53.23
CA GLU E 266 31.15 -2.07 54.04
C GLU E 266 29.82 -2.08 53.27
N ASN E 267 29.72 -1.32 52.18
CA ASN E 267 28.50 -1.27 51.39
C ASN E 267 28.49 -2.20 50.18
N GLY E 268 29.64 -2.78 49.84
CA GLY E 268 29.70 -3.69 48.71
C GLY E 268 30.40 -3.14 47.49
N THR E 269 30.85 -1.89 47.54
CA THR E 269 31.54 -1.27 46.40
C THR E 269 32.97 -1.76 46.35
N ILE E 270 33.42 -2.12 45.15
CA ILE E 270 34.84 -2.44 44.96
C ILE E 270 35.62 -1.15 44.98
N THR E 271 36.39 -0.92 46.06
CA THR E 271 37.13 0.31 46.26
C THR E 271 38.54 0.27 45.69
N ASP E 272 39.16 -0.91 45.67
CA ASP E 272 40.52 -1.06 45.15
C ASP E 272 40.72 -2.51 44.73
N ALA E 273 41.77 -2.72 43.94
CA ALA E 273 42.12 -4.05 43.47
C ALA E 273 43.63 -4.16 43.37
N VAL E 274 44.10 -5.41 43.29
CA VAL E 274 45.52 -5.72 43.14
C VAL E 274 45.68 -6.70 41.98
N ASP E 275 46.47 -6.33 40.99
CA ASP E 275 46.80 -7.22 39.87
C ASP E 275 47.94 -8.13 40.32
N CYS E 276 47.58 -9.35 40.74
CA CYS E 276 48.53 -10.22 41.44
C CYS E 276 49.78 -10.49 40.62
N ALA E 277 49.64 -10.70 39.31
CA ALA E 277 50.76 -11.07 38.46
C ALA E 277 51.47 -9.87 37.84
N LEU E 278 51.18 -8.64 38.31
CA LEU E 278 51.77 -7.46 37.70
C LEU E 278 53.27 -7.38 37.99
N ASP E 279 53.64 -7.57 39.25
CA ASP E 279 55.01 -7.39 39.72
C ASP E 279 55.20 -8.22 40.97
N PRO E 280 56.45 -8.47 41.38
CA PRO E 280 56.66 -9.26 42.60
C PRO E 280 56.05 -8.64 43.86
N LEU E 281 55.89 -7.31 43.90
CA LEU E 281 55.25 -6.70 45.06
C LEU E 281 53.80 -7.15 45.18
N SER E 282 53.05 -7.14 44.07
CA SER E 282 51.66 -7.58 44.10
C SER E 282 51.55 -9.08 44.33
N GLU E 283 52.50 -9.85 43.80
CA GLU E 283 52.49 -11.29 44.03
C GLU E 283 52.56 -11.62 45.51
N THR E 284 53.38 -10.87 46.26
CA THR E 284 53.41 -11.05 47.71
C THR E 284 52.17 -10.44 48.37
N LYS E 285 51.56 -9.43 47.75
CA LYS E 285 50.34 -8.85 48.31
C LYS E 285 49.20 -9.87 48.31
N CYS E 286 49.14 -10.71 47.27
CA CYS E 286 48.08 -11.71 47.17
C CYS E 286 48.37 -12.95 47.98
N THR E 287 49.66 -13.31 48.13
CA THR E 287 50.01 -14.47 48.95
C THR E 287 49.66 -14.24 50.40
N LEU E 288 49.95 -13.05 50.93
CA LEU E 288 49.62 -12.71 52.31
C LEU E 288 48.21 -12.17 52.47
N LYS E 289 47.49 -11.94 51.36
CA LYS E 289 46.10 -11.50 51.39
C LYS E 289 45.94 -10.17 52.13
N SER E 290 46.73 -9.18 51.71
CA SER E 290 46.69 -7.85 52.32
C SER E 290 46.98 -6.81 51.25
N LEU E 291 46.58 -5.57 51.54
CA LEU E 291 46.74 -4.44 50.63
C LEU E 291 47.82 -3.47 51.12
N ASN E 292 48.75 -3.94 51.93
CA ASN E 292 49.78 -3.09 52.55
C ASN E 292 51.10 -3.31 51.84
N ASP E 293 51.63 -2.24 51.25
CA ASP E 293 52.89 -2.31 50.52
C ASP E 293 54.12 -2.10 51.39
N ILE E 294 53.93 -1.71 52.65
CA ILE E 294 55.04 -1.50 53.57
C ILE E 294 55.41 -2.77 54.31
N PHE E 295 54.68 -3.85 54.08
CA PHE E 295 54.93 -5.11 54.75
C PHE E 295 56.36 -5.57 54.55
N SER F 1 -6.34 -12.54 -15.08
CA SER F 1 -6.74 -12.79 -13.69
C SER F 1 -6.72 -14.28 -13.37
N GLN F 2 -7.81 -14.77 -12.78
CA GLN F 2 -7.91 -16.19 -12.43
C GLN F 2 -9.33 -16.67 -12.74
N CYS F 3 -9.45 -17.63 -13.65
CA CYS F 3 -10.74 -18.15 -14.05
C CYS F 3 -11.40 -18.98 -12.94
N VAL F 4 -12.71 -18.82 -12.79
CA VAL F 4 -13.48 -19.71 -11.92
C VAL F 4 -13.80 -20.98 -12.69
N ASN F 5 -13.51 -22.13 -12.08
CA ASN F 5 -13.69 -23.43 -12.71
C ASN F 5 -15.00 -24.08 -12.31
N PHE F 6 -15.62 -24.78 -13.27
CA PHE F 6 -16.88 -25.47 -13.05
C PHE F 6 -16.72 -26.94 -13.43
N THR F 7 -17.11 -27.82 -12.53
CA THR F 7 -17.02 -29.26 -12.76
C THR F 7 -18.20 -29.80 -13.56
N THR F 8 -19.34 -29.11 -13.53
CA THR F 8 -20.54 -29.52 -14.24
C THR F 8 -20.78 -28.51 -15.36
N ARG F 9 -20.46 -28.94 -16.57
CA ARG F 9 -20.54 -28.09 -17.76
C ARG F 9 -21.61 -28.61 -18.72
N THR F 10 -22.61 -27.77 -18.97
CA THR F 10 -23.68 -28.10 -19.90
C THR F 10 -24.01 -26.87 -20.76
N GLN F 11 -24.79 -27.10 -21.81
CA GLN F 11 -25.33 -26.01 -22.62
C GLN F 11 -26.70 -26.41 -23.13
N LEU F 12 -27.60 -25.43 -23.21
CA LEU F 12 -28.94 -25.70 -23.68
C LEU F 12 -28.92 -26.11 -25.15
N PRO F 13 -29.88 -26.93 -25.58
CA PRO F 13 -29.99 -27.27 -26.99
C PRO F 13 -30.26 -26.02 -27.80
N PRO F 14 -29.70 -25.93 -29.01
CA PRO F 14 -29.97 -24.77 -29.86
C PRO F 14 -31.40 -24.80 -30.38
N ALA F 15 -31.86 -23.64 -30.82
CA ALA F 15 -33.18 -23.50 -31.43
C ALA F 15 -33.03 -22.68 -32.71
N TYR F 16 -33.99 -22.86 -33.61
CA TYR F 16 -33.93 -22.24 -34.94
C TYR F 16 -35.13 -21.35 -35.17
N THR F 17 -34.89 -20.19 -35.78
CA THR F 17 -35.97 -19.36 -36.30
C THR F 17 -35.61 -18.92 -37.71
N ASN F 18 -35.97 -17.68 -38.06
CA ASN F 18 -35.81 -17.16 -39.39
C ASN F 18 -35.45 -15.68 -39.31
N SER F 19 -34.58 -15.24 -40.23
CA SER F 19 -34.10 -13.86 -40.19
C SER F 19 -35.14 -12.85 -40.67
N PHE F 20 -36.22 -13.31 -41.30
CA PHE F 20 -37.25 -12.47 -41.88
C PHE F 20 -36.63 -11.44 -42.81
N THR F 21 -36.66 -10.16 -42.45
CA THR F 21 -36.11 -9.12 -43.31
C THR F 21 -35.16 -8.21 -42.54
N ARG F 22 -34.51 -8.73 -41.50
CA ARG F 22 -33.59 -7.94 -40.70
C ARG F 22 -32.14 -8.10 -41.19
N GLY F 23 -31.25 -7.34 -40.57
CA GLY F 23 -29.83 -7.42 -40.86
C GLY F 23 -29.32 -6.43 -41.90
N VAL F 24 -30.18 -5.63 -42.52
CA VAL F 24 -29.71 -4.66 -43.50
C VAL F 24 -28.95 -3.55 -42.80
N TYR F 25 -27.84 -3.13 -43.40
CA TYR F 25 -26.97 -2.11 -42.84
C TYR F 25 -26.50 -1.17 -43.95
N TYR F 26 -25.79 -0.12 -43.56
CA TYR F 26 -25.23 0.81 -44.54
C TYR F 26 -23.86 0.29 -44.95
N PRO F 27 -23.72 -0.28 -46.15
CA PRO F 27 -22.46 -0.96 -46.51
C PRO F 27 -21.34 -0.02 -46.97
N ASP F 28 -21.68 1.03 -47.71
CA ASP F 28 -20.66 1.87 -48.32
C ASP F 28 -20.33 3.08 -47.47
N LYS F 29 -19.20 3.71 -47.77
CA LYS F 29 -18.72 4.89 -47.06
C LYS F 29 -19.01 6.16 -47.84
N VAL F 30 -20.11 6.16 -48.59
CA VAL F 30 -20.55 7.29 -49.39
C VAL F 30 -21.95 7.69 -48.94
N PHE F 31 -22.15 8.99 -48.66
CA PHE F 31 -23.49 9.49 -48.38
C PHE F 31 -24.36 9.43 -49.64
N ARG F 32 -25.49 8.76 -49.53
CA ARG F 32 -26.42 8.59 -50.65
C ARG F 32 -27.80 9.07 -50.25
N SER F 33 -28.36 9.97 -51.04
CA SER F 33 -29.64 10.62 -50.77
C SER F 33 -30.52 10.58 -52.01
N SER F 34 -31.77 10.12 -51.84
CA SER F 34 -32.78 10.13 -52.90
C SER F 34 -32.31 9.37 -54.15
N VAL F 35 -32.06 8.07 -53.97
CA VAL F 35 -31.59 7.24 -55.07
C VAL F 35 -31.82 5.79 -54.71
N LEU F 36 -32.05 4.96 -55.73
CA LEU F 36 -32.11 3.52 -55.58
C LEU F 36 -30.78 2.95 -56.04
N HIS F 37 -30.07 2.29 -55.14
CA HIS F 37 -28.72 1.85 -55.43
C HIS F 37 -28.61 0.36 -55.18
N SER F 38 -27.85 -0.32 -56.04
CA SER F 38 -27.63 -1.75 -55.91
C SER F 38 -26.15 -1.96 -55.59
N THR F 39 -25.90 -2.76 -54.55
CA THR F 39 -24.56 -3.09 -54.12
C THR F 39 -24.43 -4.59 -53.85
N GLN F 40 -23.22 -5.08 -54.08
CA GLN F 40 -22.86 -6.47 -53.84
C GLN F 40 -21.93 -6.48 -52.64
N ASP F 41 -22.47 -6.81 -51.47
CA ASP F 41 -21.69 -6.89 -50.25
C ASP F 41 -22.13 -8.14 -49.48
N LEU F 42 -21.65 -8.26 -48.25
CA LEU F 42 -22.01 -9.36 -47.36
C LEU F 42 -23.30 -8.97 -46.63
N PHE F 43 -24.43 -9.53 -47.06
CA PHE F 43 -25.70 -9.27 -46.43
C PHE F 43 -26.25 -10.55 -45.82
N LEU F 44 -27.16 -10.39 -44.87
CA LEU F 44 -27.91 -11.52 -44.33
C LEU F 44 -29.08 -11.78 -45.26
N PRO F 45 -29.10 -12.90 -45.98
CA PRO F 45 -30.17 -13.12 -46.95
C PRO F 45 -31.52 -13.17 -46.27
N PHE F 46 -32.53 -12.63 -46.96
CA PHE F 46 -33.87 -12.57 -46.40
C PHE F 46 -34.40 -13.97 -46.14
N PHE F 47 -35.03 -14.15 -44.98
CA PHE F 47 -35.65 -15.40 -44.58
C PHE F 47 -34.67 -16.56 -44.57
N SER F 48 -33.47 -16.31 -44.07
CA SER F 48 -32.48 -17.36 -43.91
C SER F 48 -32.60 -18.01 -42.54
N ASN F 49 -32.08 -19.24 -42.43
CA ASN F 49 -32.03 -19.92 -41.15
C ASN F 49 -31.21 -19.14 -40.13
N VAL F 50 -31.76 -19.04 -38.92
CA VAL F 50 -31.13 -18.33 -37.82
C VAL F 50 -31.16 -19.24 -36.59
N THR F 51 -30.00 -19.43 -35.96
CA THR F 51 -29.92 -20.17 -34.71
C THR F 51 -30.00 -19.19 -33.54
N TRP F 52 -30.74 -19.58 -32.50
CA TRP F 52 -30.85 -18.72 -31.34
C TRP F 52 -30.73 -19.53 -30.06
N PHE F 53 -29.98 -18.99 -29.11
CA PHE F 53 -29.67 -19.63 -27.85
C PHE F 53 -30.17 -18.76 -26.72
N HIS F 54 -29.90 -19.21 -25.49
CA HIS F 54 -30.30 -18.48 -24.30
C HIS F 54 -29.08 -18.22 -23.43
N ALA F 55 -29.10 -17.09 -22.73
CA ALA F 55 -28.06 -16.71 -21.79
C ALA F 55 -28.65 -16.81 -20.40
N ILE F 56 -28.38 -17.92 -19.72
CA ILE F 56 -28.89 -18.13 -18.37
C ILE F 56 -28.09 -17.27 -17.40
N HIS F 57 -28.77 -16.37 -16.69
CA HIS F 57 -28.11 -15.46 -15.77
C HIS F 57 -28.31 -15.84 -14.32
N VAL F 58 -29.09 -16.88 -14.03
CA VAL F 58 -29.24 -17.40 -12.68
C VAL F 58 -29.86 -18.79 -12.78
N SER F 59 -29.38 -19.72 -11.96
CA SER F 59 -29.89 -21.08 -11.98
C SER F 59 -30.15 -21.60 -10.56
N GLY F 63 -28.35 -26.16 -6.76
CA GLY F 63 -27.87 -26.88 -7.93
C GLY F 63 -26.69 -26.24 -8.64
N THR F 64 -25.59 -26.98 -8.74
CA THR F 64 -24.32 -26.46 -9.26
C THR F 64 -24.16 -26.80 -10.74
N LYS F 65 -25.08 -26.27 -11.55
CA LYS F 65 -25.06 -26.49 -12.99
C LYS F 65 -24.59 -25.21 -13.69
N ARG F 66 -23.50 -25.32 -14.43
CA ARG F 66 -22.97 -24.20 -15.22
C ARG F 66 -23.38 -24.38 -16.68
N PHE F 67 -24.29 -23.53 -17.15
CA PHE F 67 -24.70 -23.54 -18.55
C PHE F 67 -23.83 -22.55 -19.32
N ALA F 68 -23.06 -23.07 -20.28
CA ALA F 68 -22.08 -22.28 -21.01
C ALA F 68 -22.59 -21.87 -22.39
N ASN F 69 -22.13 -20.72 -22.84
CA ASN F 69 -22.43 -20.29 -24.20
C ASN F 69 -21.48 -21.00 -25.18
N PRO F 70 -21.96 -21.38 -26.35
CA PRO F 70 -21.11 -22.13 -27.27
C PRO F 70 -20.22 -21.23 -28.11
N VAL F 71 -19.10 -21.79 -28.53
CA VAL F 71 -18.20 -21.13 -29.48
C VAL F 71 -18.72 -21.41 -30.89
N LEU F 72 -19.07 -20.36 -31.61
CA LEU F 72 -19.70 -20.44 -32.91
C LEU F 72 -18.76 -20.02 -34.02
N PRO F 73 -18.97 -20.49 -35.25
CA PRO F 73 -18.19 -20.01 -36.38
C PRO F 73 -18.50 -18.54 -36.66
N PHE F 74 -17.54 -17.88 -37.32
CA PHE F 74 -17.71 -16.52 -37.78
C PHE F 74 -18.03 -16.43 -39.27
N ASN F 75 -17.46 -17.35 -40.07
CA ASN F 75 -17.70 -17.43 -41.51
C ASN F 75 -17.30 -16.10 -42.12
N ASP F 76 -18.12 -15.49 -42.98
CA ASP F 76 -17.80 -14.20 -43.58
C ASP F 76 -18.39 -13.03 -42.82
N GLY F 77 -19.04 -13.28 -41.70
CA GLY F 77 -19.68 -12.25 -40.92
C GLY F 77 -20.90 -12.83 -40.23
N VAL F 78 -21.32 -12.15 -39.17
CA VAL F 78 -22.45 -12.62 -38.38
C VAL F 78 -23.45 -11.48 -38.20
N TYR F 79 -24.72 -11.83 -38.19
CA TYR F 79 -25.77 -10.97 -37.68
C TYR F 79 -26.09 -11.45 -36.27
N PHE F 80 -25.88 -10.57 -35.28
CA PHE F 80 -26.13 -10.88 -33.88
C PHE F 80 -27.25 -9.99 -33.35
N ALA F 81 -28.26 -10.60 -32.72
CA ALA F 81 -29.36 -9.87 -32.12
C ALA F 81 -29.69 -10.48 -30.76
N SER F 82 -30.21 -9.65 -29.85
CA SER F 82 -30.62 -10.14 -28.54
C SER F 82 -31.92 -9.45 -28.14
N THR F 83 -32.80 -10.20 -27.50
CA THR F 83 -34.06 -9.69 -26.97
C THR F 83 -34.06 -9.94 -25.46
N GLU F 84 -33.77 -8.91 -24.68
CA GLU F 84 -33.74 -9.04 -23.24
C GLU F 84 -34.27 -7.74 -22.60
N LYS F 85 -34.76 -7.87 -21.37
CA LYS F 85 -35.20 -6.69 -20.62
C LYS F 85 -33.99 -5.96 -20.04
N SER F 86 -33.36 -6.54 -19.02
CA SER F 86 -32.11 -5.99 -18.53
C SER F 86 -30.95 -6.53 -19.34
N ASN F 87 -29.88 -5.75 -19.46
CA ASN F 87 -28.82 -6.09 -20.39
C ASN F 87 -28.01 -7.30 -19.93
N ILE F 88 -28.47 -8.49 -20.30
CA ILE F 88 -27.73 -9.68 -19.90
C ILE F 88 -26.53 -9.88 -20.80
N ILE F 89 -26.71 -9.66 -22.10
CA ILE F 89 -25.63 -9.81 -23.07
C ILE F 89 -24.65 -8.66 -22.88
N ARG F 90 -23.38 -9.00 -22.59
CA ARG F 90 -22.36 -8.00 -22.31
C ARG F 90 -21.35 -7.81 -23.43
N GLY F 91 -21.09 -8.84 -24.23
CA GLY F 91 -20.13 -8.68 -25.31
C GLY F 91 -19.77 -10.02 -25.93
N TRP F 92 -18.67 -10.02 -26.67
CA TRP F 92 -18.20 -11.20 -27.36
C TRP F 92 -16.68 -11.20 -27.35
N ILE F 93 -16.11 -12.38 -27.57
CA ILE F 93 -14.68 -12.53 -27.84
C ILE F 93 -14.54 -13.11 -29.24
N PHE F 94 -13.61 -12.58 -30.01
CA PHE F 94 -13.41 -13.00 -31.39
C PHE F 94 -11.99 -13.47 -31.61
N GLY F 95 -11.81 -14.45 -32.48
CA GLY F 95 -10.47 -14.93 -32.78
C GLY F 95 -10.51 -16.24 -33.52
N THR F 96 -9.37 -16.93 -33.53
CA THR F 96 -9.27 -18.23 -34.19
C THR F 96 -9.11 -19.34 -33.17
N THR F 97 -7.90 -19.53 -32.66
CA THR F 97 -7.66 -20.56 -31.65
C THR F 97 -8.17 -20.14 -30.27
N LEU F 98 -8.37 -18.85 -30.04
CA LEU F 98 -8.85 -18.33 -28.75
C LEU F 98 -7.93 -18.75 -27.61
N ASP F 99 -6.63 -18.82 -27.88
CA ASP F 99 -5.65 -19.08 -26.85
C ASP F 99 -4.50 -18.08 -26.95
N SER F 100 -3.45 -18.29 -26.16
CA SER F 100 -2.32 -17.36 -26.16
C SER F 100 -1.47 -17.48 -27.42
N LYS F 101 -1.70 -18.50 -28.26
CA LYS F 101 -0.90 -18.67 -29.46
C LYS F 101 -1.27 -17.70 -30.56
N THR F 102 -2.48 -17.14 -30.55
CA THR F 102 -2.92 -16.18 -31.55
C THR F 102 -3.54 -14.98 -30.86
N GLN F 103 -3.71 -13.91 -31.63
CA GLN F 103 -4.40 -12.73 -31.12
C GLN F 103 -5.92 -12.93 -31.16
N SER F 104 -6.61 -12.18 -30.31
CA SER F 104 -8.06 -12.28 -30.20
C SER F 104 -8.65 -10.92 -29.85
N LEU F 105 -9.81 -10.62 -30.43
CA LEU F 105 -10.54 -9.40 -30.14
C LEU F 105 -11.50 -9.62 -28.98
N LEU F 106 -11.58 -8.63 -28.09
CA LEU F 106 -12.48 -8.68 -26.95
C LEU F 106 -13.28 -7.39 -26.89
N ILE F 107 -14.59 -7.49 -27.05
CA ILE F 107 -15.51 -6.36 -26.93
C ILE F 107 -16.46 -6.70 -25.78
N VAL F 108 -16.27 -6.07 -24.63
CA VAL F 108 -17.11 -6.32 -23.46
C VAL F 108 -17.57 -4.99 -22.91
N ASN F 109 -18.75 -4.99 -22.30
CA ASN F 109 -19.38 -3.79 -21.78
C ASN F 109 -19.71 -4.02 -20.30
N ASN F 110 -18.75 -3.72 -19.43
CA ASN F 110 -19.04 -3.73 -18.00
C ASN F 110 -19.75 -2.43 -17.62
N ALA F 111 -20.20 -2.35 -16.37
CA ALA F 111 -21.08 -1.26 -15.95
C ALA F 111 -20.45 0.11 -16.17
N THR F 112 -19.13 0.22 -16.02
CA THR F 112 -18.48 1.53 -16.19
C THR F 112 -18.47 1.96 -17.65
N ASN F 113 -17.89 1.14 -18.53
CA ASN F 113 -17.81 1.53 -19.93
C ASN F 113 -17.60 0.27 -20.78
N VAL F 114 -17.54 0.47 -22.09
CA VAL F 114 -17.26 -0.63 -23.03
C VAL F 114 -15.76 -0.67 -23.27
N VAL F 115 -15.22 -1.89 -23.36
CA VAL F 115 -13.78 -2.09 -23.50
C VAL F 115 -13.52 -2.92 -24.75
N ILE F 116 -12.59 -2.45 -25.58
CA ILE F 116 -12.23 -3.14 -26.82
C ILE F 116 -10.71 -3.31 -26.80
N LYS F 117 -10.25 -4.56 -26.73
CA LYS F 117 -8.82 -4.87 -26.63
C LYS F 117 -8.49 -6.04 -27.53
N VAL F 118 -7.27 -6.03 -28.07
CA VAL F 118 -6.76 -7.11 -28.89
C VAL F 118 -5.42 -7.55 -28.32
N CYS F 119 -5.39 -8.74 -27.72
CA CYS F 119 -4.19 -9.28 -27.10
C CYS F 119 -4.05 -10.74 -27.49
N GLU F 120 -2.99 -11.37 -26.97
CA GLU F 120 -2.88 -12.83 -26.99
C GLU F 120 -3.54 -13.33 -25.70
N PHE F 121 -4.87 -13.31 -25.69
CA PHE F 121 -5.62 -13.72 -24.52
C PHE F 121 -5.56 -15.22 -24.32
N GLN F 122 -5.47 -15.64 -23.06
CA GLN F 122 -5.74 -17.03 -22.67
C GLN F 122 -7.12 -17.05 -22.04
N PHE F 123 -8.14 -17.23 -22.87
CA PHE F 123 -9.51 -17.15 -22.40
C PHE F 123 -9.85 -18.30 -21.46
N CYS F 124 -10.81 -18.04 -20.57
CA CYS F 124 -11.29 -19.06 -19.66
C CYS F 124 -12.17 -20.07 -20.40
N ASN F 125 -12.28 -21.26 -19.81
CA ASN F 125 -13.22 -22.25 -20.35
C ASN F 125 -14.65 -21.75 -20.25
N ASP F 126 -15.00 -21.19 -19.10
CA ASP F 126 -16.31 -20.58 -18.87
C ASP F 126 -16.09 -19.13 -18.47
N PRO F 127 -16.02 -18.21 -19.43
CA PRO F 127 -15.91 -16.79 -19.09
C PRO F 127 -17.04 -16.35 -18.18
N PHE F 128 -16.68 -15.73 -17.06
CA PHE F 128 -17.63 -15.40 -16.00
C PHE F 128 -17.71 -13.89 -15.79
N LEU F 129 -18.94 -13.41 -15.59
CA LEU F 129 -19.22 -12.04 -15.19
C LEU F 129 -20.29 -12.09 -14.11
N GLY F 130 -19.97 -11.59 -12.92
CA GLY F 130 -20.85 -11.73 -11.78
C GLY F 130 -21.36 -10.41 -11.24
N VAL F 131 -22.58 -10.45 -10.71
CA VAL F 131 -23.16 -9.38 -9.93
C VAL F 131 -23.68 -9.97 -8.63
N TYR F 132 -23.69 -9.16 -7.58
CA TYR F 132 -24.30 -9.56 -6.32
C TYR F 132 -25.14 -8.40 -5.81
N TYR F 133 -26.18 -8.74 -5.06
CA TYR F 133 -27.16 -7.77 -4.58
C TYR F 133 -26.70 -7.19 -3.24
N HIS F 134 -26.52 -5.87 -3.19
CA HIS F 134 -26.13 -5.19 -1.96
C HIS F 134 -27.41 -4.78 -1.25
N LYS F 135 -27.81 -5.56 -0.25
CA LYS F 135 -29.09 -5.34 0.42
C LYS F 135 -29.14 -3.99 1.13
N ASN F 136 -28.01 -3.52 1.63
CA ASN F 136 -28.00 -2.26 2.37
C ASN F 136 -28.09 -1.04 1.46
N ASN F 137 -27.81 -1.20 0.16
CA ASN F 137 -28.07 -0.14 -0.80
C ASN F 137 -29.25 -0.45 -1.71
N LYS F 138 -29.80 -1.65 -1.65
CA LYS F 138 -30.91 -2.07 -2.51
C LYS F 138 -30.55 -1.86 -3.98
N SER F 139 -29.44 -2.48 -4.37
CA SER F 139 -28.89 -2.30 -5.70
C SER F 139 -27.96 -3.46 -6.01
N TRP F 140 -27.86 -3.79 -7.30
CA TRP F 140 -26.90 -4.78 -7.77
C TRP F 140 -25.59 -4.09 -8.08
N MET F 141 -24.48 -4.77 -7.80
CA MET F 141 -23.16 -4.25 -8.09
C MET F 141 -22.35 -5.37 -8.72
N GLU F 142 -21.82 -5.14 -9.92
CA GLU F 142 -20.99 -6.17 -10.54
C GLU F 142 -19.57 -6.07 -9.99
N SER F 143 -19.07 -7.20 -9.48
CA SER F 143 -17.77 -7.23 -8.86
C SER F 143 -16.90 -8.38 -9.38
N GLU F 144 -17.38 -9.16 -10.34
CA GLU F 144 -16.63 -10.29 -10.86
C GLU F 144 -16.46 -10.15 -12.37
N PHE F 145 -15.21 -10.20 -12.80
CA PHE F 145 -14.86 -10.13 -14.22
C PHE F 145 -13.73 -11.14 -14.42
N ARG F 146 -14.08 -12.33 -14.92
CA ARG F 146 -13.12 -13.41 -15.12
C ARG F 146 -13.31 -13.94 -16.54
N VAL F 147 -12.78 -13.20 -17.51
CA VAL F 147 -12.89 -13.54 -18.92
C VAL F 147 -11.61 -14.18 -19.44
N TYR F 148 -10.46 -13.65 -19.03
CA TYR F 148 -9.17 -14.15 -19.47
C TYR F 148 -8.22 -14.21 -18.29
N SER F 149 -7.35 -15.22 -18.27
CA SER F 149 -6.33 -15.35 -17.25
C SER F 149 -5.04 -14.63 -17.60
N SER F 150 -4.77 -14.43 -18.89
CA SER F 150 -3.56 -13.75 -19.35
C SER F 150 -3.90 -12.91 -20.57
N ALA F 151 -3.12 -11.83 -20.76
CA ALA F 151 -3.33 -10.92 -21.88
C ALA F 151 -2.00 -10.22 -22.14
N ASN F 152 -1.29 -10.68 -23.17
CA ASN F 152 0.05 -10.19 -23.46
C ASN F 152 0.14 -9.74 -24.91
N ASN F 153 1.17 -8.96 -25.21
CA ASN F 153 1.46 -8.49 -26.57
C ASN F 153 0.24 -7.83 -27.20
N CYS F 154 -0.40 -6.94 -26.43
CA CYS F 154 -1.61 -6.31 -26.92
C CYS F 154 -1.28 -5.31 -28.03
N THR F 155 -2.14 -5.26 -29.04
CA THR F 155 -1.97 -4.38 -30.19
C THR F 155 -3.04 -3.32 -30.30
N PHE F 156 -4.13 -3.41 -29.53
CA PHE F 156 -5.22 -2.46 -29.64
C PHE F 156 -5.94 -2.37 -28.31
N GLU F 157 -6.29 -1.13 -27.92
CA GLU F 157 -7.10 -0.89 -26.73
C GLU F 157 -7.96 0.34 -26.98
N TYR F 158 -9.25 0.23 -26.66
CA TYR F 158 -10.21 1.31 -26.87
C TYR F 158 -11.21 1.24 -25.71
N VAL F 159 -11.30 2.31 -24.93
CA VAL F 159 -12.21 2.38 -23.79
C VAL F 159 -13.04 3.65 -23.90
N SER F 160 -14.37 3.51 -23.93
CA SER F 160 -15.23 4.67 -23.97
C SER F 160 -15.25 5.36 -22.61
N GLN F 161 -15.85 6.54 -22.58
CA GLN F 161 -15.93 7.29 -21.33
C GLN F 161 -16.82 6.55 -20.33
N PRO F 162 -16.53 6.67 -19.04
CA PRO F 162 -17.29 5.91 -18.03
C PRO F 162 -18.75 6.33 -17.95
N PHE F 163 -19.59 5.36 -17.58
CA PHE F 163 -21.00 5.59 -17.33
C PHE F 163 -21.48 4.61 -16.26
N LEU F 164 -22.78 4.58 -16.01
CA LEU F 164 -23.40 3.70 -15.03
C LEU F 164 -24.49 2.88 -15.70
N MET F 165 -24.26 1.57 -15.81
CA MET F 165 -25.18 0.68 -16.49
C MET F 165 -26.31 0.26 -15.55
N ASP F 166 -27.54 0.35 -16.06
CA ASP F 166 -28.72 -0.04 -15.29
C ASP F 166 -28.78 -1.55 -15.14
N LEU F 167 -28.60 -2.04 -13.92
CA LEU F 167 -28.67 -3.46 -13.65
C LEU F 167 -30.12 -3.84 -13.37
N GLU F 168 -30.38 -5.13 -13.14
CA GLU F 168 -31.75 -5.62 -12.96
C GLU F 168 -32.39 -5.10 -11.68
N ASN F 173 -44.98 -6.07 -21.18
CA ASN F 173 -43.58 -6.48 -21.16
C ASN F 173 -42.84 -6.07 -22.42
N PHE F 174 -42.18 -4.91 -22.35
CA PHE F 174 -41.45 -4.32 -23.47
C PHE F 174 -39.98 -4.73 -23.34
N LYS F 175 -39.59 -5.75 -24.11
CA LYS F 175 -38.20 -6.16 -24.15
C LYS F 175 -37.41 -5.23 -25.06
N ASN F 176 -36.08 -5.32 -24.98
CA ASN F 176 -35.19 -4.53 -25.80
C ASN F 176 -34.60 -5.39 -26.90
N LEU F 177 -34.51 -4.83 -28.10
CA LEU F 177 -33.92 -5.51 -29.25
C LEU F 177 -32.63 -4.78 -29.62
N ARG F 178 -31.51 -5.47 -29.46
CA ARG F 178 -30.20 -4.95 -29.83
C ARG F 178 -29.64 -5.86 -30.91
N GLU F 179 -29.41 -5.31 -32.10
CA GLU F 179 -28.92 -6.09 -33.23
C GLU F 179 -27.58 -5.54 -33.68
N PHE F 180 -26.71 -6.45 -34.14
CA PHE F 180 -25.37 -6.13 -34.60
C PHE F 180 -25.06 -6.87 -35.88
N VAL F 181 -24.24 -6.24 -36.72
CA VAL F 181 -23.63 -6.88 -37.88
C VAL F 181 -22.13 -6.73 -37.73
N PHE F 182 -21.43 -7.86 -37.69
CA PHE F 182 -19.97 -7.89 -37.53
C PHE F 182 -19.33 -8.35 -38.84
N LYS F 183 -18.37 -7.58 -39.34
CA LYS F 183 -17.68 -7.89 -40.58
C LYS F 183 -16.18 -7.68 -40.37
N ASN F 184 -15.40 -8.71 -40.65
CA ASN F 184 -13.95 -8.69 -40.52
C ASN F 184 -13.36 -8.86 -41.91
N ILE F 185 -13.06 -7.74 -42.57
CA ILE F 185 -12.63 -7.73 -43.96
C ILE F 185 -11.31 -6.97 -44.04
N ASP F 186 -10.27 -7.64 -44.55
CA ASP F 186 -8.97 -7.02 -44.82
C ASP F 186 -8.38 -6.37 -43.56
N GLY F 187 -8.49 -7.08 -42.44
CA GLY F 187 -7.97 -6.60 -41.18
C GLY F 187 -8.82 -5.55 -40.47
N TYR F 188 -9.97 -5.20 -41.02
CA TYR F 188 -10.85 -4.21 -40.42
C TYR F 188 -12.07 -4.93 -39.85
N PHE F 189 -12.36 -4.70 -38.57
CA PHE F 189 -13.54 -5.25 -37.92
C PHE F 189 -14.62 -4.17 -37.88
N LYS F 190 -15.56 -4.26 -38.80
CA LYS F 190 -16.60 -3.25 -38.96
C LYS F 190 -17.87 -3.70 -38.23
N ILE F 191 -18.44 -2.79 -37.43
CA ILE F 191 -19.61 -3.08 -36.61
C ILE F 191 -20.73 -2.13 -37.00
N TYR F 192 -21.95 -2.66 -37.07
CA TYR F 192 -23.15 -1.87 -37.30
C TYR F 192 -24.18 -2.32 -36.29
N SER F 193 -24.98 -1.38 -35.77
CA SER F 193 -25.88 -1.70 -34.68
C SER F 193 -27.19 -0.94 -34.83
N LYS F 194 -28.19 -1.43 -34.10
CA LYS F 194 -29.52 -0.84 -34.04
C LYS F 194 -30.16 -1.26 -32.74
N HIS F 195 -30.80 -0.30 -32.07
CA HIS F 195 -31.48 -0.53 -30.80
C HIS F 195 -32.91 -0.05 -30.95
N THR F 196 -33.86 -0.96 -30.80
CA THR F 196 -35.27 -0.60 -30.84
C THR F 196 -35.98 -1.22 -29.65
N PRO F 197 -36.94 -0.50 -29.04
CA PRO F 197 -37.75 -1.11 -27.97
C PRO F 197 -38.76 -2.07 -28.58
N ILE F 198 -38.53 -3.35 -28.41
CA ILE F 198 -39.30 -4.36 -29.13
C ILE F 198 -40.52 -4.77 -28.31
N ASN F 199 -41.48 -5.37 -29.01
CA ASN F 199 -42.71 -5.87 -28.43
C ASN F 199 -42.56 -7.36 -28.14
N LEU F 200 -43.48 -7.91 -27.36
CA LEU F 200 -43.36 -9.29 -26.88
C LEU F 200 -43.66 -10.23 -28.04
N VAL F 201 -42.62 -10.51 -28.82
CA VAL F 201 -42.72 -11.37 -29.97
C VAL F 201 -42.08 -12.72 -29.59
N ARG F 202 -42.41 -13.76 -30.36
CA ARG F 202 -41.86 -15.09 -30.13
C ARG F 202 -40.33 -15.08 -30.20
N GLY F 203 -39.78 -14.83 -31.39
CA GLY F 203 -38.35 -14.72 -31.54
C GLY F 203 -37.93 -13.39 -32.12
N LEU F 204 -37.34 -13.41 -33.31
CA LEU F 204 -36.96 -12.16 -33.97
C LEU F 204 -38.21 -11.43 -34.45
N PRO F 205 -38.26 -10.11 -34.30
CA PRO F 205 -39.45 -9.37 -34.72
C PRO F 205 -39.50 -9.14 -36.22
N GLN F 206 -40.71 -9.19 -36.76
CA GLN F 206 -40.96 -8.89 -38.16
C GLN F 206 -40.90 -7.38 -38.39
N GLY F 207 -40.15 -6.96 -39.39
CA GLY F 207 -40.06 -5.55 -39.72
C GLY F 207 -38.75 -5.26 -40.42
N PHE F 208 -38.59 -3.98 -40.76
CA PHE F 208 -37.40 -3.50 -41.45
C PHE F 208 -36.76 -2.38 -40.64
N SER F 209 -35.45 -2.47 -40.47
CA SER F 209 -34.70 -1.44 -39.74
C SER F 209 -33.23 -1.55 -40.13
N ALA F 210 -32.71 -0.51 -40.78
CA ALA F 210 -31.34 -0.53 -41.26
C ALA F 210 -30.37 -0.25 -40.11
N LEU F 211 -29.36 -1.13 -39.97
CA LEU F 211 -28.38 -1.00 -38.90
C LEU F 211 -27.34 0.04 -39.28
N GLU F 212 -27.07 1.01 -38.33
CA GLU F 212 -26.19 2.16 -38.53
C GLU F 212 -24.75 1.80 -38.19
N PRO F 213 -23.79 2.44 -38.86
CA PRO F 213 -22.37 2.17 -38.59
C PRO F 213 -22.01 2.61 -37.17
N LEU F 214 -21.51 1.66 -36.39
CA LEU F 214 -21.09 1.93 -35.02
C LEU F 214 -19.61 2.31 -34.98
N VAL F 215 -18.75 1.38 -35.40
CA VAL F 215 -17.32 1.62 -35.47
C VAL F 215 -16.72 0.54 -36.36
N ASP F 216 -15.60 0.86 -37.00
CA ASP F 216 -14.79 -0.12 -37.71
C ASP F 216 -13.37 -0.05 -37.16
N LEU F 217 -12.90 -1.16 -36.59
CA LEU F 217 -11.67 -1.15 -35.83
C LEU F 217 -10.53 -1.70 -36.68
N PRO F 218 -9.45 -0.95 -36.87
CA PRO F 218 -8.30 -1.51 -37.59
C PRO F 218 -7.52 -2.48 -36.71
N ILE F 219 -8.10 -3.64 -36.41
CA ILE F 219 -7.44 -4.60 -35.54
C ILE F 219 -6.39 -5.42 -36.31
N GLY F 220 -6.69 -5.75 -37.56
CA GLY F 220 -5.74 -6.50 -38.38
C GLY F 220 -5.47 -7.91 -37.93
N ILE F 221 -6.48 -8.62 -37.42
CA ILE F 221 -6.32 -9.98 -36.94
C ILE F 221 -7.27 -10.89 -37.70
N ASN F 222 -7.07 -12.20 -37.51
CA ASN F 222 -7.86 -13.25 -38.14
C ASN F 222 -8.94 -13.72 -37.18
N ILE F 223 -10.18 -13.80 -37.68
CA ILE F 223 -11.32 -14.20 -36.87
C ILE F 223 -12.07 -15.31 -37.58
N THR F 224 -12.17 -16.47 -36.95
CA THR F 224 -12.94 -17.60 -37.46
C THR F 224 -13.96 -18.15 -36.47
N ARG F 225 -13.85 -17.82 -35.18
CA ARG F 225 -14.80 -18.26 -34.18
C ARG F 225 -15.10 -17.10 -33.25
N PHE F 226 -16.18 -17.24 -32.47
CA PHE F 226 -16.52 -16.24 -31.48
C PHE F 226 -17.42 -16.87 -30.42
N GLN F 227 -17.55 -16.16 -29.30
CA GLN F 227 -18.34 -16.62 -28.17
C GLN F 227 -19.00 -15.41 -27.52
N THR F 228 -20.20 -15.63 -26.98
CA THR F 228 -20.97 -14.55 -26.35
C THR F 228 -20.70 -14.53 -24.84
N LEU F 229 -20.58 -13.33 -24.30
CA LEU F 229 -20.36 -13.11 -22.87
C LEU F 229 -21.61 -12.53 -22.25
N HIS F 230 -22.06 -13.12 -21.14
CA HIS F 230 -23.23 -12.63 -20.43
C HIS F 230 -22.89 -12.44 -18.95
N ILE F 231 -23.88 -11.94 -18.19
CA ILE F 231 -23.72 -11.67 -16.76
C ILE F 231 -24.40 -12.80 -16.00
N SER F 232 -23.88 -13.07 -14.79
CA SER F 232 -24.47 -14.06 -13.88
C SER F 232 -24.88 -13.38 -12.58
N TYR F 233 -26.11 -13.62 -12.15
CA TYR F 233 -26.65 -13.03 -10.92
C TYR F 233 -26.45 -14.02 -9.78
N LEU F 234 -25.46 -13.75 -8.94
CA LEU F 234 -25.18 -14.62 -7.79
C LEU F 234 -26.21 -14.38 -6.69
N THR F 235 -26.96 -15.43 -6.36
CA THR F 235 -28.00 -15.35 -5.36
C THR F 235 -27.79 -16.44 -4.32
N PRO F 236 -28.12 -16.18 -3.04
CA PRO F 236 -27.98 -17.19 -1.98
C PRO F 236 -28.98 -18.34 -2.12
N GLY F 246 -38.19 -16.20 -17.79
CA GLY F 246 -37.28 -16.19 -18.94
C GLY F 246 -35.91 -15.76 -18.56
N ALA F 247 -34.98 -15.97 -19.49
CA ALA F 247 -33.64 -15.40 -19.41
C ALA F 247 -33.44 -14.69 -20.73
N ALA F 248 -32.24 -14.19 -20.97
CA ALA F 248 -31.97 -13.52 -22.22
C ALA F 248 -31.91 -14.51 -23.39
N ALA F 249 -32.11 -13.99 -24.59
CA ALA F 249 -32.04 -14.80 -25.80
C ALA F 249 -31.28 -14.04 -26.86
N TYR F 250 -30.34 -14.70 -27.52
CA TYR F 250 -29.62 -14.06 -28.62
C TYR F 250 -29.75 -14.90 -29.88
N TYR F 251 -29.60 -14.23 -31.03
CA TYR F 251 -29.85 -14.79 -32.34
C TYR F 251 -28.63 -14.54 -33.23
N VAL F 252 -28.19 -15.56 -33.96
CA VAL F 252 -27.00 -15.46 -34.77
C VAL F 252 -27.29 -15.98 -36.19
N GLY F 253 -27.11 -15.12 -37.19
CA GLY F 253 -27.18 -15.54 -38.56
C GLY F 253 -25.91 -15.12 -39.28
N TYR F 254 -25.70 -15.71 -40.46
CA TYR F 254 -24.44 -15.55 -41.18
C TYR F 254 -24.64 -14.79 -42.49
N LEU F 255 -23.72 -13.89 -42.78
CA LEU F 255 -23.78 -13.09 -43.99
C LEU F 255 -23.29 -13.91 -45.19
N GLN F 256 -23.80 -13.57 -46.36
CA GLN F 256 -23.41 -14.23 -47.60
C GLN F 256 -23.27 -13.19 -48.70
N PRO F 257 -22.45 -13.47 -49.72
CA PRO F 257 -22.34 -12.53 -50.86
C PRO F 257 -23.63 -12.46 -51.65
N ARG F 258 -24.34 -11.34 -51.51
CA ARG F 258 -25.61 -11.14 -52.20
C ARG F 258 -25.62 -9.75 -52.81
N THR F 259 -26.41 -9.59 -53.86
CA THR F 259 -26.68 -8.28 -54.44
C THR F 259 -28.00 -7.76 -53.89
N PHE F 260 -27.96 -6.61 -53.23
CA PHE F 260 -29.13 -6.00 -52.64
C PHE F 260 -29.40 -4.66 -53.29
N LEU F 261 -30.67 -4.30 -53.39
CA LEU F 261 -31.09 -3.02 -53.94
C LEU F 261 -31.63 -2.17 -52.79
N LEU F 262 -30.87 -1.14 -52.41
CA LEU F 262 -31.16 -0.33 -51.24
C LEU F 262 -31.72 1.01 -51.68
N LYS F 263 -32.76 1.48 -50.98
CA LYS F 263 -33.42 2.74 -51.31
C LYS F 263 -33.16 3.75 -50.21
N TYR F 264 -32.50 4.86 -50.57
CA TYR F 264 -32.24 5.97 -49.66
C TYR F 264 -33.25 7.08 -49.91
N ASN F 265 -33.73 7.70 -48.83
CA ASN F 265 -34.65 8.83 -48.99
C ASN F 265 -33.84 10.12 -49.12
N GLU F 266 -34.54 11.27 -49.09
CA GLU F 266 -33.85 12.54 -49.25
C GLU F 266 -32.95 12.87 -48.07
N ASN F 267 -33.18 12.27 -46.92
CA ASN F 267 -32.40 12.54 -45.73
C ASN F 267 -31.24 11.55 -45.56
N GLY F 268 -31.20 10.49 -46.34
CA GLY F 268 -30.09 9.53 -46.31
C GLY F 268 -30.42 8.20 -45.69
N THR F 269 -31.64 8.02 -45.17
CA THR F 269 -32.04 6.79 -44.50
C THR F 269 -32.37 5.70 -45.52
N ILE F 270 -31.91 4.48 -45.24
CA ILE F 270 -32.33 3.30 -46.00
C ILE F 270 -33.74 2.94 -45.56
N THR F 271 -34.73 3.20 -46.41
CA THR F 271 -36.13 2.99 -46.08
C THR F 271 -36.63 1.61 -46.46
N ASP F 272 -36.08 1.00 -47.50
CA ASP F 272 -36.49 -0.34 -47.92
C ASP F 272 -35.35 -0.98 -48.69
N ALA F 273 -35.41 -2.30 -48.81
CA ALA F 273 -34.39 -3.04 -49.54
C ALA F 273 -35.02 -4.22 -50.26
N VAL F 274 -34.30 -4.74 -51.25
CA VAL F 274 -34.74 -5.88 -52.05
C VAL F 274 -33.60 -6.88 -52.13
N ASP F 275 -33.85 -8.11 -51.70
CA ASP F 275 -32.91 -9.22 -51.87
C ASP F 275 -33.12 -9.75 -53.27
N CYS F 276 -32.25 -9.31 -54.21
CA CYS F 276 -32.52 -9.55 -55.62
C CYS F 276 -32.69 -11.02 -55.93
N ALA F 277 -31.90 -11.88 -55.30
CA ALA F 277 -31.92 -13.31 -55.57
C ALA F 277 -32.90 -14.09 -54.69
N LEU F 278 -33.77 -13.41 -53.94
CA LEU F 278 -34.66 -14.12 -53.02
C LEU F 278 -35.73 -14.91 -53.77
N ASP F 279 -36.38 -14.28 -54.75
CA ASP F 279 -37.52 -14.86 -55.44
C ASP F 279 -37.65 -14.21 -56.80
N PRO F 280 -38.41 -14.81 -57.72
CA PRO F 280 -38.57 -14.20 -59.05
C PRO F 280 -39.16 -12.80 -59.01
N LEU F 281 -39.98 -12.47 -58.02
CA LEU F 281 -40.49 -11.11 -57.93
C LEU F 281 -39.37 -10.11 -57.70
N SER F 282 -38.46 -10.43 -56.77
CA SER F 282 -37.35 -9.52 -56.49
C SER F 282 -36.36 -9.49 -57.64
N GLU F 283 -36.14 -10.61 -58.33
CA GLU F 283 -35.25 -10.61 -59.48
C GLU F 283 -35.74 -9.64 -60.56
N THR F 284 -37.05 -9.61 -60.80
CA THR F 284 -37.59 -8.66 -61.75
C THR F 284 -37.62 -7.24 -61.19
N LYS F 285 -37.68 -7.10 -59.86
CA LYS F 285 -37.63 -5.77 -59.26
C LYS F 285 -36.28 -5.12 -59.47
N CYS F 286 -35.20 -5.90 -59.43
CA CYS F 286 -33.87 -5.34 -59.63
C CYS F 286 -33.55 -5.13 -61.10
N THR F 287 -34.11 -5.95 -61.98
CA THR F 287 -33.93 -5.76 -63.41
C THR F 287 -34.55 -4.44 -63.86
N LEU F 288 -35.75 -4.14 -63.37
CA LEU F 288 -36.45 -2.91 -63.71
C LEU F 288 -36.06 -1.73 -62.82
N LYS F 289 -35.27 -1.95 -61.76
CA LYS F 289 -34.83 -0.90 -60.86
C LYS F 289 -36.03 -0.16 -60.26
N SER F 290 -36.97 -0.93 -59.72
CA SER F 290 -38.16 -0.36 -59.08
C SER F 290 -38.56 -1.25 -57.92
N LEU F 291 -39.28 -0.66 -56.97
CA LEU F 291 -39.68 -1.37 -55.75
C LEU F 291 -41.19 -1.65 -55.70
N ASN F 292 -41.86 -1.66 -56.85
CA ASN F 292 -43.31 -1.84 -56.90
C ASN F 292 -43.61 -3.25 -57.41
N ASP F 293 -44.27 -4.04 -56.56
CA ASP F 293 -44.57 -5.44 -56.85
C ASP F 293 -45.90 -5.68 -57.55
N ILE F 294 -46.79 -4.68 -57.62
CA ILE F 294 -48.09 -4.87 -58.28
C ILE F 294 -48.02 -4.51 -59.77
N PHE F 295 -46.89 -4.04 -60.27
CA PHE F 295 -46.74 -3.66 -61.68
C PHE F 295 -46.98 -4.83 -62.63
#